data_1NKQ
#
_entry.id   1NKQ
#
_cell.length_a   57.705
_cell.length_b   85.990
_cell.length_c   316.704
_cell.angle_alpha   90.00
_cell.angle_beta   90.00
_cell.angle_gamma   90.00
#
_symmetry.space_group_name_H-M   'P 21 21 21'
#
loop_
_entity.id
_entity.type
_entity.pdbx_description
1 polymer 'Hypothetical 28.8 kDa protein in PSD1-SKO1 intergenic region'
2 non-polymer 'CALCIUM ION'
3 non-polymer 'SULFATE ION'
4 non-polymer 'ACETIC ACID'
5 water water
#
_entity_poly.entity_id   1
_entity_poly.type   'polypeptide(L)'
_entity_poly.pdbx_seq_one_letter_code
;(MSE)SYNYLKAARKIICIGRNYAAHIKELNNSTPKQPFFFLKPTSSIVTPLSSSLVKTTRPANSTFNGLNEDGTNPGPI
FIPRGVKVHHEIELALIVSKHLSNVTK(MSE)KPEEVYDSISGVALALDLTARNVQDEAKKKGLPWTISKGFDTF(MSE)
PISAIVSREKFSSYKSNLQDIFRVKCSVNGQLRQDGGTNL(MSE)LHPLHKILQHIST(MSE)ISLEPGDIILTGTPAGV
GELKPGDRVHCELLQNNDNIVD(MSE)NFECENRPGPYEFRET
;
_entity_poly.pdbx_strand_id   A,B,C,D,E,F
#
loop_
_chem_comp.id
_chem_comp.type
_chem_comp.name
_chem_comp.formula
ACY non-polymer 'ACETIC ACID' 'C2 H4 O2'
CA non-polymer 'CALCIUM ION' 'Ca 2'
SO4 non-polymer 'SULFATE ION' 'O4 S -2'
#
# COMPACT_ATOMS: atom_id res chain seq x y z
N SER A 2 18.75 -8.49 20.43
CA SER A 2 19.33 -8.04 19.14
C SER A 2 18.23 -7.43 18.30
N TYR A 3 18.52 -6.28 17.71
CA TYR A 3 17.59 -5.59 16.83
C TYR A 3 18.26 -5.47 15.48
N ASN A 4 19.41 -6.11 15.34
CA ASN A 4 20.19 -6.07 14.09
C ASN A 4 19.43 -6.54 12.87
N TYR A 5 18.47 -7.45 13.06
CA TYR A 5 17.68 -7.97 11.94
C TYR A 5 16.97 -6.85 11.19
N LEU A 6 16.55 -5.81 11.92
CA LEU A 6 15.86 -4.67 11.34
C LEU A 6 16.63 -4.02 10.17
N LYS A 7 17.95 -4.01 10.26
CA LYS A 7 18.80 -3.42 9.23
C LYS A 7 18.81 -4.23 7.93
N ALA A 8 18.42 -5.50 8.03
CA ALA A 8 18.40 -6.39 6.87
C ALA A 8 17.03 -6.53 6.17
N ALA A 9 16.00 -5.91 6.73
CA ALA A 9 14.66 -6.00 6.16
C ALA A 9 14.47 -5.13 4.93
N ARG A 10 14.35 -5.75 3.77
CA ARG A 10 14.14 -4.98 2.54
C ARG A 10 12.68 -4.56 2.41
N LYS A 11 11.77 -5.33 2.98
CA LYS A 11 10.36 -4.97 2.94
C LYS A 11 9.57 -5.57 4.10
N ILE A 12 8.38 -5.00 4.32
CA ILE A 12 7.45 -5.43 5.36
C ILE A 12 6.12 -5.66 4.64
N ILE A 13 5.62 -6.89 4.64
CA ILE A 13 4.33 -7.18 4.01
C ILE A 13 3.43 -7.63 5.13
N CYS A 14 2.14 -7.29 5.01
CA CYS A 14 1.17 -7.64 6.04
C CYS A 14 -0.11 -8.23 5.45
N ILE A 15 -0.73 -9.13 6.21
CA ILE A 15 -1.99 -9.75 5.79
C ILE A 15 -3.07 -9.16 6.70
N GLY A 16 -4.25 -8.90 6.17
CA GLY A 16 -5.31 -8.32 6.98
C GLY A 16 -6.34 -9.33 7.44
N ARG A 17 -7.32 -8.88 8.23
CA ARG A 17 -8.40 -9.73 8.75
C ARG A 17 -7.99 -11.21 8.69
N ASN A 18 -7.10 -11.61 9.60
CA ASN A 18 -6.58 -12.98 9.64
C ASN A 18 -6.84 -13.71 10.95
N TYR A 19 -7.81 -13.26 11.73
CA TYR A 19 -8.12 -13.92 13.01
C TYR A 19 -9.60 -14.18 13.22
N ALA A 20 -9.92 -15.38 13.71
CA ALA A 20 -11.31 -15.72 13.98
C ALA A 20 -11.80 -14.88 15.16
N ALA A 21 -13.03 -14.40 15.08
CA ALA A 21 -13.59 -13.60 16.18
C ALA A 21 -14.70 -14.39 16.88
N HIS A 22 -15.09 -15.49 16.27
CA HIS A 22 -16.13 -16.38 16.80
C HIS A 22 -15.79 -17.83 16.47
N ILE A 23 -15.96 -18.70 17.47
CA ILE A 23 -15.66 -20.11 17.34
C ILE A 23 -16.04 -20.70 15.99
N LYS A 24 -17.23 -20.36 15.52
CA LYS A 24 -17.79 -20.87 14.26
C LYS A 24 -16.89 -20.98 13.02
N GLU A 25 -16.04 -19.98 12.80
CA GLU A 25 -15.14 -19.97 11.65
C GLU A 25 -13.95 -20.90 11.78
N LEU A 26 -13.74 -21.40 12.99
CA LEU A 26 -12.63 -22.30 13.22
C LEU A 26 -12.76 -23.63 12.49
N ASN A 27 -13.94 -23.95 11.93
CA ASN A 27 -14.02 -25.21 11.21
C ASN A 27 -14.09 -25.04 9.69
N ASN A 28 -13.17 -24.22 9.20
CA ASN A 28 -13.03 -23.94 7.78
C ASN A 28 -11.71 -23.18 7.61
N GLN A 33 -9.54 -14.77 -0.56
CA GLN A 33 -10.12 -14.31 0.70
C GLN A 33 -9.21 -13.34 1.46
N PRO A 34 -7.88 -13.54 1.36
CA PRO A 34 -6.98 -12.63 2.09
C PRO A 34 -6.39 -11.50 1.25
N PHE A 35 -6.14 -10.35 1.89
CA PHE A 35 -5.55 -9.23 1.19
C PHE A 35 -4.25 -8.83 1.88
N PHE A 36 -3.37 -8.15 1.14
CA PHE A 36 -2.08 -7.73 1.67
C PHE A 36 -1.76 -6.27 1.41
N PHE A 37 -0.89 -5.71 2.25
CA PHE A 37 -0.44 -4.33 2.12
C PHE A 37 0.99 -4.18 2.64
N LEU A 38 1.70 -3.15 2.18
CA LEU A 38 3.08 -2.94 2.61
C LEU A 38 3.19 -1.86 3.68
N LYS A 39 4.33 -1.85 4.36
CA LYS A 39 4.64 -0.85 5.38
C LYS A 39 6.07 -0.44 5.12
N PRO A 40 6.37 0.86 5.21
CA PRO A 40 7.74 1.29 4.98
C PRO A 40 8.63 0.98 6.19
N THR A 41 9.86 0.56 5.94
CA THR A 41 10.75 0.27 7.04
C THR A 41 10.98 1.55 7.83
N SER A 42 10.64 2.69 7.23
CA SER A 42 10.81 3.97 7.88
C SER A 42 9.81 4.17 9.01
N SER A 43 8.88 3.24 9.14
CA SER A 43 7.86 3.31 10.19
C SER A 43 8.24 2.55 11.43
N ILE A 44 9.44 1.96 11.41
CA ILE A 44 9.94 1.21 12.55
C ILE A 44 10.33 2.12 13.71
N VAL A 45 10.10 1.63 14.92
CA VAL A 45 10.46 2.35 16.13
C VAL A 45 10.59 1.27 17.21
N THR A 46 11.59 1.38 18.07
CA THR A 46 11.76 0.38 19.11
C THR A 46 11.60 0.98 20.51
N PRO A 47 11.51 0.12 21.55
CA PRO A 47 11.35 0.67 22.90
C PRO A 47 12.43 1.67 23.28
N LEU A 48 12.08 2.64 24.13
CA LEU A 48 13.00 3.69 24.57
C LEU A 48 14.28 3.21 25.22
N SER A 49 14.26 1.99 25.76
CA SER A 49 15.44 1.44 26.40
C SER A 49 16.03 0.32 25.57
N SER A 50 15.77 0.35 24.26
CA SER A 50 16.28 -0.69 23.37
C SER A 50 17.76 -0.55 23.04
N SER A 51 18.25 0.68 22.97
CA SER A 51 19.66 0.90 22.64
C SER A 51 20.49 1.27 23.88
N PRO A 58 17.67 14.28 14.40
CA PRO A 58 18.13 15.66 14.59
C PRO A 58 17.06 16.59 15.15
N ALA A 59 16.57 17.52 14.32
CA ALA A 59 15.56 18.48 14.76
C ALA A 59 14.25 18.37 14.00
N ASN A 60 13.16 18.12 14.74
CA ASN A 60 11.84 18.00 14.14
C ASN A 60 11.70 16.74 13.30
N SER A 61 12.72 15.89 13.35
CA SER A 61 12.73 14.64 12.61
C SER A 61 12.00 13.54 13.38
N THR A 62 11.01 12.92 12.75
CA THR A 62 10.26 11.84 13.37
C THR A 62 10.85 10.48 12.96
N PHE A 63 11.90 10.52 12.13
CA PHE A 63 12.62 9.33 11.68
C PHE A 63 13.91 9.75 10.97
N ASN A 64 15.04 9.29 11.47
CA ASN A 64 16.32 9.65 10.89
C ASN A 64 17.19 8.45 10.53
N GLY A 65 16.55 7.29 10.37
CA GLY A 65 17.29 6.09 10.01
C GLY A 65 17.60 5.24 11.24
N LEU A 66 18.03 4.00 11.01
CA LEU A 66 18.36 3.10 12.11
C LEU A 66 19.84 3.24 12.51
N ASN A 67 20.16 2.83 13.73
CA ASN A 67 21.52 2.87 14.22
C ASN A 67 22.20 1.60 13.71
N GLU A 68 23.52 1.50 13.86
CA GLU A 68 24.25 0.31 13.42
C GLU A 68 23.66 -0.83 14.26
N ASP A 69 22.94 -0.43 15.31
CA ASP A 69 22.27 -1.30 16.26
C ASP A 69 21.06 -2.00 15.64
N GLY A 70 20.37 -1.26 14.77
CA GLY A 70 19.18 -1.78 14.15
C GLY A 70 18.03 -1.15 14.91
N THR A 71 18.39 -0.47 15.99
CA THR A 71 17.40 0.19 16.84
C THR A 71 17.01 1.60 16.38
N ASN A 72 15.90 2.06 16.91
CA ASN A 72 15.38 3.40 16.65
C ASN A 72 14.51 3.71 17.87
N PRO A 73 15.15 3.87 19.04
CA PRO A 73 14.48 4.16 20.31
C PRO A 73 13.63 5.41 20.16
N GLY A 74 12.39 5.33 20.60
CA GLY A 74 11.53 6.50 20.52
C GLY A 74 10.08 6.25 20.85
N PRO A 75 9.27 7.32 20.85
CA PRO A 75 7.84 7.23 21.13
C PRO A 75 7.06 6.93 19.86
N ILE A 76 5.76 6.73 20.04
CA ILE A 76 4.88 6.51 18.91
C ILE A 76 4.39 7.93 18.63
N PHE A 77 4.69 8.43 17.43
CA PHE A 77 4.28 9.77 17.05
C PHE A 77 2.91 9.75 16.39
N ILE A 78 1.93 10.30 17.09
CA ILE A 78 0.58 10.34 16.57
C ILE A 78 0.32 11.67 15.88
N PRO A 79 0.08 11.62 14.57
CA PRO A 79 -0.18 12.81 13.75
C PRO A 79 -1.40 13.63 14.19
N ARG A 80 -1.32 14.95 13.96
CA ARG A 80 -2.42 15.83 14.30
C ARG A 80 -3.67 15.47 13.50
N GLY A 81 -4.82 15.48 14.16
CA GLY A 81 -6.08 15.18 13.50
C GLY A 81 -6.32 13.72 13.15
N VAL A 82 -5.34 12.87 13.41
CA VAL A 82 -5.43 11.45 13.11
C VAL A 82 -5.89 10.57 14.29
N LYS A 83 -6.67 9.54 13.98
CA LYS A 83 -7.13 8.61 15.00
C LYS A 83 -6.39 7.31 14.73
N VAL A 84 -5.56 6.92 15.70
CA VAL A 84 -4.74 5.73 15.57
C VAL A 84 -5.27 4.51 16.32
N HIS A 85 -5.30 3.37 15.63
CA HIS A 85 -5.75 2.13 16.22
C HIS A 85 -4.58 1.15 16.30
N HIS A 86 -4.43 0.51 17.46
CA HIS A 86 -3.35 -0.44 17.68
C HIS A 86 -3.77 -1.83 17.26
N GLU A 87 -2.83 -2.59 16.73
CA GLU A 87 -3.07 -3.97 16.29
C GLU A 87 -1.84 -4.81 16.62
N ILE A 88 -1.93 -5.59 17.70
CA ILE A 88 -0.80 -6.42 18.09
C ILE A 88 -0.72 -7.61 17.15
N GLU A 89 0.47 -7.90 16.64
CA GLU A 89 0.65 -8.99 15.68
C GLU A 89 1.99 -9.72 15.77
N LEU A 90 1.98 -10.96 15.29
CA LEU A 90 3.18 -11.80 15.26
C LEU A 90 3.93 -11.56 13.93
N ALA A 91 5.22 -11.26 14.02
CA ALA A 91 6.01 -11.03 12.82
C ALA A 91 7.01 -12.15 12.58
N LEU A 92 7.10 -12.58 11.32
CA LEU A 92 8.03 -13.62 10.92
C LEU A 92 9.23 -12.97 10.23
N ILE A 93 10.43 -13.47 10.52
CA ILE A 93 11.63 -12.94 9.88
C ILE A 93 12.14 -14.00 8.92
N VAL A 94 11.81 -13.83 7.64
CA VAL A 94 12.21 -14.76 6.58
C VAL A 94 13.70 -14.93 6.50
N SER A 95 14.16 -16.15 6.22
CA SER A 95 15.59 -16.38 6.14
C SER A 95 16.07 -16.90 4.80
N LYS A 96 15.17 -17.04 3.84
CA LYS A 96 15.56 -17.52 2.53
C LYS A 96 14.67 -17.03 1.39
N HIS A 97 15.11 -17.28 0.16
CA HIS A 97 14.39 -16.86 -1.03
C HIS A 97 13.17 -17.74 -1.30
N LEU A 98 12.00 -17.13 -1.33
CA LEU A 98 10.77 -17.84 -1.60
C LEU A 98 10.12 -17.17 -2.80
N SER A 99 10.09 -17.88 -3.91
CA SER A 99 9.51 -17.32 -5.13
C SER A 99 8.70 -18.36 -5.88
N ASN A 100 7.43 -18.08 -6.05
CA ASN A 100 6.54 -19.00 -6.75
C ASN A 100 6.51 -20.40 -6.15
N VAL A 101 6.43 -20.47 -4.81
CA VAL A 101 6.36 -21.77 -4.11
C VAL A 101 4.98 -22.37 -4.37
N THR A 102 4.93 -23.64 -4.75
CA THR A 102 3.67 -24.30 -5.04
C THR A 102 2.94 -24.82 -3.80
N LYS A 103 3.70 -25.25 -2.80
CA LYS A 103 3.10 -25.74 -1.58
C LYS A 103 4.09 -25.76 -0.43
N MSE A 104 3.60 -25.41 0.75
CA MSE A 104 4.46 -25.41 1.93
C MSE A 104 3.72 -26.09 3.07
O MSE A 104 2.52 -25.89 3.26
CB MSE A 104 4.85 -23.98 2.31
CG MSE A 104 5.92 -23.97 3.39
SE MSE A 104 6.43 -22.23 4.05
CE MSE A 104 7.73 -21.80 2.70
N LYS A 105 4.45 -26.91 3.81
CA LYS A 105 3.89 -27.62 4.96
C LYS A 105 4.25 -26.84 6.22
N PRO A 106 3.52 -27.07 7.31
CA PRO A 106 3.79 -26.37 8.57
C PRO A 106 5.23 -26.57 9.03
N GLU A 107 5.77 -27.74 8.76
CA GLU A 107 7.14 -28.10 9.15
C GLU A 107 8.21 -27.28 8.45
N GLU A 108 7.87 -26.69 7.31
CA GLU A 108 8.82 -25.90 6.55
C GLU A 108 8.93 -24.45 7.02
N VAL A 109 7.98 -24.03 7.86
CA VAL A 109 7.99 -22.66 8.37
C VAL A 109 9.27 -22.40 9.17
N TYR A 110 9.64 -23.32 10.05
CA TYR A 110 10.83 -23.17 10.88
C TYR A 110 12.09 -22.91 10.05
N ASP A 111 12.23 -23.62 8.94
CA ASP A 111 13.40 -23.47 8.07
C ASP A 111 13.32 -22.30 7.10
N SER A 112 12.21 -21.57 7.10
CA SER A 112 12.04 -20.44 6.20
C SER A 112 12.24 -19.13 6.96
N ILE A 113 12.36 -19.24 8.28
CA ILE A 113 12.55 -18.08 9.13
C ILE A 113 13.76 -18.25 10.04
N SER A 114 14.26 -17.12 10.55
CA SER A 114 15.39 -17.11 11.43
C SER A 114 14.84 -16.88 12.83
N GLY A 115 13.58 -16.48 12.89
CA GLY A 115 12.93 -16.22 14.16
C GLY A 115 11.65 -15.43 13.98
N VAL A 116 11.11 -14.93 15.09
CA VAL A 116 9.88 -14.15 15.08
C VAL A 116 10.02 -12.90 15.94
N ALA A 117 9.11 -11.95 15.79
CA ALA A 117 9.14 -10.72 16.59
C ALA A 117 7.73 -10.25 16.91
N LEU A 118 7.62 -9.39 17.92
CA LEU A 118 6.33 -8.84 18.33
C LEU A 118 6.18 -7.43 17.78
N ALA A 119 5.18 -7.21 16.94
CA ALA A 119 5.00 -5.90 16.34
C ALA A 119 3.60 -5.32 16.44
N LEU A 120 3.53 -3.99 16.39
CA LEU A 120 2.27 -3.29 16.41
C LEU A 120 2.02 -2.72 15.02
N ASP A 121 0.87 -3.03 14.46
CA ASP A 121 0.50 -2.51 13.15
C ASP A 121 -0.43 -1.33 13.41
N LEU A 122 0.15 -0.15 13.60
CA LEU A 122 -0.62 1.05 13.87
C LEU A 122 -1.25 1.61 12.59
N THR A 123 -2.50 2.04 12.71
CA THR A 123 -3.24 2.56 11.56
C THR A 123 -3.97 3.87 11.81
N ALA A 124 -3.93 4.76 10.82
CA ALA A 124 -4.65 6.01 10.91
C ALA A 124 -6.05 5.65 10.44
N ARG A 125 -6.91 5.27 11.41
CA ARG A 125 -8.27 4.85 11.09
C ARG A 125 -9.10 5.83 10.27
N ASN A 126 -9.13 7.10 10.65
CA ASN A 126 -9.93 8.05 9.89
C ASN A 126 -9.33 8.35 8.51
N VAL A 127 -8.01 8.23 8.41
CA VAL A 127 -7.34 8.44 7.14
C VAL A 127 -7.63 7.22 6.27
N GLN A 128 -7.70 6.05 6.90
CA GLN A 128 -7.99 4.83 6.18
C GLN A 128 -9.46 4.73 5.78
N ASP A 129 -10.35 5.22 6.62
CA ASP A 129 -11.78 5.18 6.28
C ASP A 129 -11.97 5.95 4.97
N GLU A 130 -11.36 7.14 4.91
CA GLU A 130 -11.46 7.99 3.74
C GLU A 130 -10.90 7.31 2.48
N ALA A 131 -9.76 6.65 2.61
CA ALA A 131 -9.14 5.95 1.49
C ALA A 131 -10.08 4.87 0.98
N LYS A 132 -10.67 4.12 1.91
CA LYS A 132 -11.60 3.06 1.56
C LYS A 132 -12.73 3.62 0.70
N LYS A 133 -13.37 4.67 1.20
CA LYS A 133 -14.48 5.28 0.48
C LYS A 133 -14.08 5.73 -0.92
N LYS A 134 -12.94 6.41 -1.02
CA LYS A 134 -12.45 6.90 -2.30
C LYS A 134 -11.73 5.83 -3.13
N GLY A 135 -11.60 4.63 -2.58
CA GLY A 135 -10.93 3.56 -3.30
C GLY A 135 -9.48 3.89 -3.57
N LEU A 136 -8.82 4.55 -2.62
CA LEU A 136 -7.43 4.93 -2.75
C LEU A 136 -6.49 4.09 -1.87
N PRO A 137 -5.19 4.14 -2.13
CA PRO A 137 -4.20 3.39 -1.36
C PRO A 137 -4.18 3.63 0.15
N TRP A 138 -3.82 2.58 0.89
CA TRP A 138 -3.74 2.60 2.35
C TRP A 138 -2.35 3.02 2.85
N THR A 139 -1.40 3.14 1.92
CA THR A 139 -0.02 3.48 2.26
C THR A 139 0.18 4.51 3.38
N ILE A 140 -0.36 5.71 3.21
CA ILE A 140 -0.21 6.72 4.25
C ILE A 140 -0.80 6.29 5.59
N SER A 141 -2.03 5.78 5.58
CA SER A 141 -2.68 5.38 6.83
C SER A 141 -1.95 4.24 7.53
N LYS A 142 -1.06 3.57 6.83
CA LYS A 142 -0.33 2.46 7.43
C LYS A 142 1.17 2.74 7.50
N GLY A 143 1.61 3.83 6.89
CA GLY A 143 3.04 4.11 6.87
C GLY A 143 3.63 5.29 7.63
N PHE A 144 2.84 6.05 8.38
CA PHE A 144 3.39 7.18 9.13
C PHE A 144 4.59 6.73 9.96
N ASP A 145 5.59 7.60 10.12
CA ASP A 145 6.75 7.23 10.92
C ASP A 145 6.26 6.65 12.27
N THR A 146 7.03 5.72 12.82
CA THR A 146 6.73 5.03 14.09
C THR A 146 5.48 4.16 14.06
N PHE A 147 4.85 4.00 12.89
CA PHE A 147 3.66 3.18 12.81
C PHE A 147 3.87 1.67 12.81
N MSE A 148 5.11 1.27 13.09
CA MSE A 148 5.40 -0.15 13.26
C MSE A 148 6.32 -0.37 14.46
O MSE A 148 7.51 -0.66 14.32
CB MSE A 148 6.03 -0.85 12.05
CG MSE A 148 6.08 -2.34 12.41
SE MSE A 148 6.60 -3.73 11.18
CE MSE A 148 8.50 -3.36 11.17
N PRO A 149 5.77 -0.19 15.68
CA PRO A 149 6.56 -0.40 16.89
C PRO A 149 6.96 -1.89 16.84
N ILE A 150 8.19 -2.21 17.18
CA ILE A 150 8.59 -3.60 17.12
C ILE A 150 9.65 -4.00 18.13
N SER A 151 9.57 -5.26 18.57
CA SER A 151 10.49 -5.81 19.57
C SER A 151 11.81 -6.29 18.97
N ALA A 152 12.66 -6.82 19.86
CA ALA A 152 13.93 -7.37 19.46
C ALA A 152 13.55 -8.73 18.86
N ILE A 153 14.49 -9.36 18.18
CA ILE A 153 14.17 -10.64 17.57
C ILE A 153 14.22 -11.82 18.53
N VAL A 154 13.34 -12.78 18.29
CA VAL A 154 13.28 -14.01 19.07
C VAL A 154 13.81 -15.07 18.09
N SER A 155 15.05 -15.50 18.28
CA SER A 155 15.65 -16.51 17.40
C SER A 155 14.87 -17.81 17.47
N ARG A 156 14.85 -18.52 16.35
CA ARG A 156 14.11 -19.76 16.27
C ARG A 156 14.55 -20.88 17.21
N GLU A 157 15.80 -20.86 17.67
CA GLU A 157 16.24 -21.90 18.60
C GLU A 157 15.29 -21.92 19.78
N LYS A 158 14.86 -20.72 20.17
CA LYS A 158 13.93 -20.56 21.29
C LYS A 158 12.75 -21.53 21.19
N PHE A 159 12.28 -21.78 19.97
CA PHE A 159 11.15 -22.67 19.77
C PHE A 159 11.47 -23.85 18.87
N SER A 160 12.76 -24.16 18.77
CA SER A 160 13.22 -25.28 17.96
C SER A 160 12.43 -26.56 18.27
N SER A 161 12.02 -26.69 19.52
CA SER A 161 11.27 -27.85 19.99
C SER A 161 9.91 -28.09 19.32
N TYR A 162 9.39 -27.09 18.62
CA TYR A 162 8.09 -27.24 17.96
C TYR A 162 8.23 -27.08 16.45
N LYS A 163 9.44 -27.28 15.95
CA LYS A 163 9.71 -27.12 14.53
C LYS A 163 8.79 -27.88 13.56
N SER A 164 8.02 -28.84 14.06
CA SER A 164 7.14 -29.58 13.16
C SER A 164 5.84 -28.82 12.86
N ASN A 165 5.54 -27.82 13.69
CA ASN A 165 4.35 -27.00 13.50
C ASN A 165 4.28 -25.90 14.58
N LEU A 166 4.51 -24.66 14.16
CA LEU A 166 4.50 -23.53 15.07
C LEU A 166 3.17 -22.80 15.13
N GLN A 167 2.24 -23.22 14.28
CA GLN A 167 0.94 -22.56 14.19
C GLN A 167 0.18 -22.28 15.48
N ASP A 168 0.21 -23.21 16.43
CA ASP A 168 -0.53 -23.04 17.67
C ASP A 168 0.25 -22.71 18.95
N ILE A 169 1.54 -22.40 18.87
CA ILE A 169 2.27 -22.16 20.10
C ILE A 169 2.34 -20.71 20.61
N PHE A 170 2.00 -19.74 19.76
CA PHE A 170 2.07 -18.34 20.17
C PHE A 170 0.75 -17.70 20.57
N ARG A 171 0.86 -16.64 21.35
CA ARG A 171 -0.29 -15.87 21.80
C ARG A 171 0.18 -14.42 21.89
N VAL A 172 -0.67 -13.50 21.47
CA VAL A 172 -0.30 -12.10 21.53
C VAL A 172 -1.30 -11.31 22.36
N LYS A 173 -0.80 -10.29 23.04
CA LYS A 173 -1.67 -9.44 23.84
C LYS A 173 -1.18 -8.02 23.89
N CYS A 174 -2.13 -7.10 23.89
CA CYS A 174 -1.82 -5.68 23.91
C CYS A 174 -2.70 -5.04 24.97
N SER A 175 -2.11 -4.15 25.75
CA SER A 175 -2.87 -3.46 26.78
C SER A 175 -2.51 -1.97 26.74
N VAL A 176 -3.49 -1.12 26.97
CA VAL A 176 -3.26 0.31 26.96
C VAL A 176 -3.66 0.97 28.29
N ASN A 177 -2.76 1.80 28.82
CA ASN A 177 -3.02 2.49 30.08
C ASN A 177 -3.44 1.52 31.19
N GLY A 178 -2.79 0.36 31.22
CA GLY A 178 -3.07 -0.64 32.24
C GLY A 178 -4.20 -1.62 31.98
N GLN A 179 -5.03 -1.35 30.97
CA GLN A 179 -6.15 -2.25 30.68
C GLN A 179 -5.92 -3.12 29.45
N LEU A 180 -6.10 -4.43 29.61
CA LEU A 180 -5.90 -5.40 28.52
C LEU A 180 -6.95 -5.17 27.43
N ARG A 181 -6.50 -5.11 26.18
CA ARG A 181 -7.42 -4.91 25.06
C ARG A 181 -7.43 -6.06 24.06
N GLN A 182 -6.27 -6.57 23.69
CA GLN A 182 -6.20 -7.67 22.74
C GLN A 182 -5.48 -8.87 23.35
N ASP A 183 -5.99 -10.07 23.05
CA ASP A 183 -5.39 -11.28 23.58
C ASP A 183 -5.88 -12.50 22.80
N GLY A 184 -5.01 -13.08 21.98
CA GLY A 184 -5.41 -14.23 21.20
C GLY A 184 -4.25 -15.12 20.80
N GLY A 185 -4.53 -16.41 20.68
CA GLY A 185 -3.50 -17.35 20.28
C GLY A 185 -3.44 -17.46 18.78
N THR A 186 -2.27 -17.79 18.25
CA THR A 186 -2.09 -17.92 16.81
C THR A 186 -2.87 -19.12 16.29
N ASN A 187 -3.56 -19.80 17.19
CA ASN A 187 -4.37 -20.94 16.80
C ASN A 187 -5.71 -20.44 16.25
N LEU A 188 -5.95 -19.13 16.40
CA LEU A 188 -7.19 -18.53 15.90
C LEU A 188 -6.98 -17.95 14.49
N MSE A 189 -5.75 -18.03 14.00
CA MSE A 189 -5.41 -17.51 12.69
C MSE A 189 -6.17 -18.20 11.57
O MSE A 189 -6.15 -19.43 11.47
CB MSE A 189 -3.90 -17.65 12.49
CG MSE A 189 -3.32 -16.82 11.36
SE MSE A 189 -1.37 -16.91 11.34
CE MSE A 189 -1.00 -15.60 12.70
N LEU A 190 -6.85 -17.43 10.74
CA LEU A 190 -7.64 -17.95 9.61
C LEU A 190 -6.77 -18.55 8.51
N HIS A 191 -5.68 -17.84 8.17
CA HIS A 191 -4.74 -18.34 7.18
C HIS A 191 -3.45 -18.62 7.94
N PRO A 192 -3.02 -19.89 7.97
CA PRO A 192 -1.81 -20.29 8.69
C PRO A 192 -0.47 -19.79 8.11
N LEU A 193 0.52 -19.72 9.00
CA LEU A 193 1.88 -19.27 8.67
C LEU A 193 2.46 -19.84 7.38
N HIS A 194 2.34 -21.15 7.20
CA HIS A 194 2.89 -21.77 6.00
C HIS A 194 2.13 -21.37 4.73
N LYS A 195 0.84 -21.09 4.88
CA LYS A 195 0.06 -20.68 3.71
C LYS A 195 0.34 -19.22 3.38
N ILE A 196 0.53 -18.39 4.40
CA ILE A 196 0.85 -16.98 4.19
C ILE A 196 2.11 -16.89 3.34
N LEU A 197 3.18 -17.52 3.84
CA LEU A 197 4.46 -17.51 3.15
C LEU A 197 4.33 -18.02 1.73
N GLN A 198 3.68 -19.16 1.58
CA GLN A 198 3.52 -19.77 0.27
C GLN A 198 2.76 -18.87 -0.70
N HIS A 199 1.53 -18.49 -0.33
CA HIS A 199 0.72 -17.64 -1.18
C HIS A 199 1.43 -16.34 -1.58
N ILE A 200 2.02 -15.64 -0.62
CA ILE A 200 2.71 -14.39 -0.91
C ILE A 200 3.79 -14.55 -1.99
N SER A 201 4.61 -15.59 -1.85
CA SER A 201 5.70 -15.84 -2.79
C SER A 201 5.28 -15.95 -4.24
N THR A 202 4.00 -16.19 -4.50
CA THR A 202 3.53 -16.33 -5.87
C THR A 202 3.20 -15.02 -6.59
N MSE A 203 3.31 -13.91 -5.86
CA MSE A 203 3.04 -12.58 -6.39
C MSE A 203 4.20 -11.64 -6.11
O MSE A 203 4.68 -10.95 -7.00
CB MSE A 203 1.80 -12.00 -5.73
CG MSE A 203 0.61 -12.93 -5.80
SE MSE A 203 -0.83 -12.26 -4.75
CE MSE A 203 -0.37 -12.98 -3.02
N ILE A 204 4.63 -11.62 -4.85
CA ILE A 204 5.74 -10.79 -4.40
C ILE A 204 6.76 -11.73 -3.75
N SER A 205 7.84 -12.03 -4.47
CA SER A 205 8.85 -12.93 -3.95
C SER A 205 9.46 -12.40 -2.65
N LEU A 206 9.89 -13.32 -1.80
CA LEU A 206 10.48 -12.94 -0.53
C LEU A 206 11.97 -13.27 -0.53
N GLU A 207 12.74 -12.51 0.23
CA GLU A 207 14.18 -12.74 0.34
C GLU A 207 14.58 -12.64 1.81
N PRO A 208 15.69 -13.30 2.19
CA PRO A 208 16.14 -13.26 3.58
C PRO A 208 16.05 -11.85 4.15
N GLY A 209 15.49 -11.73 5.35
CA GLY A 209 15.37 -10.42 5.96
C GLY A 209 13.97 -9.82 5.90
N ASP A 210 13.13 -10.33 5.00
CA ASP A 210 11.77 -9.80 4.90
C ASP A 210 11.00 -10.07 6.19
N ILE A 211 10.18 -9.09 6.56
CA ILE A 211 9.35 -9.16 7.75
C ILE A 211 7.90 -9.33 7.32
N ILE A 212 7.24 -10.36 7.81
CA ILE A 212 5.84 -10.57 7.47
C ILE A 212 4.96 -10.45 8.72
N LEU A 213 4.03 -9.49 8.69
CA LEU A 213 3.10 -9.31 9.81
C LEU A 213 1.96 -10.28 9.51
N THR A 214 1.54 -11.06 10.50
CA THR A 214 0.53 -12.08 10.25
C THR A 214 -0.91 -11.87 10.69
N GLY A 215 -1.28 -10.64 11.03
CA GLY A 215 -2.64 -10.38 11.44
C GLY A 215 -2.80 -10.11 12.91
N THR A 216 -3.91 -9.51 13.28
CA THR A 216 -4.18 -9.17 14.67
C THR A 216 -5.50 -9.76 15.17
N PRO A 217 -5.60 -10.09 16.46
CA PRO A 217 -6.83 -10.64 17.04
C PRO A 217 -7.83 -9.53 17.26
N ALA A 218 -9.07 -9.88 17.57
CA ALA A 218 -10.10 -8.89 17.81
C ALA A 218 -9.72 -8.03 19.01
N GLY A 219 -10.44 -6.93 19.18
CA GLY A 219 -10.17 -6.05 20.31
C GLY A 219 -9.39 -4.77 20.00
N VAL A 220 -9.38 -4.36 18.73
CA VAL A 220 -8.66 -3.16 18.33
C VAL A 220 -9.17 -1.95 19.13
N GLY A 221 -8.25 -1.01 19.42
CA GLY A 221 -8.62 0.17 20.18
C GLY A 221 -7.84 1.39 19.73
N GLU A 222 -8.04 2.52 20.42
CA GLU A 222 -7.36 3.77 20.06
C GLU A 222 -6.18 4.16 20.94
N LEU A 223 -5.26 4.92 20.35
CA LEU A 223 -4.07 5.43 21.04
C LEU A 223 -4.04 6.94 20.85
N LYS A 224 -3.84 7.67 21.94
CA LYS A 224 -3.76 9.14 21.86
C LYS A 224 -2.50 9.56 22.58
N PRO A 225 -2.02 10.78 22.27
CA PRO A 225 -0.80 11.25 22.94
C PRO A 225 -0.93 11.11 24.45
N GLY A 226 0.13 10.64 25.10
CA GLY A 226 0.12 10.46 26.54
C GLY A 226 -0.24 9.04 26.95
N ASP A 227 -0.62 8.20 25.99
CA ASP A 227 -0.98 6.83 26.31
C ASP A 227 0.22 5.94 26.51
N ARG A 228 0.06 4.92 27.36
CA ARG A 228 1.11 3.97 27.63
C ARG A 228 0.67 2.62 27.08
N VAL A 229 1.49 2.08 26.18
CA VAL A 229 1.18 0.81 25.53
C VAL A 229 2.09 -0.31 26.00
N HIS A 230 1.48 -1.41 26.41
CA HIS A 230 2.21 -2.59 26.90
C HIS A 230 1.78 -3.80 26.08
N CYS A 231 2.72 -4.44 25.40
CA CYS A 231 2.38 -5.59 24.58
C CYS A 231 3.29 -6.78 24.89
N GLU A 232 2.83 -7.97 24.57
CA GLU A 232 3.66 -9.14 24.81
C GLU A 232 3.28 -10.33 23.96
N LEU A 233 4.25 -11.24 23.83
CA LEU A 233 4.10 -12.46 23.05
C LEU A 233 4.46 -13.62 23.97
N LEU A 234 3.59 -14.63 24.00
CA LEU A 234 3.84 -15.81 24.83
C LEU A 234 4.07 -17.01 23.92
N GLN A 235 4.86 -17.95 24.42
CA GLN A 235 5.16 -19.19 23.70
C GLN A 235 4.75 -20.29 24.69
N ASN A 236 3.74 -21.07 24.33
CA ASN A 236 3.26 -22.13 25.21
C ASN A 236 2.83 -21.47 26.52
N ASN A 237 2.25 -20.29 26.39
CA ASN A 237 1.76 -19.52 27.51
C ASN A 237 2.83 -18.96 28.44
N ASP A 238 4.05 -18.82 27.92
CA ASP A 238 5.16 -18.25 28.68
C ASP A 238 5.59 -16.98 27.97
N ASN A 239 5.77 -15.91 28.72
CA ASN A 239 6.19 -14.65 28.13
C ASN A 239 7.62 -14.71 27.60
N ILE A 240 7.80 -14.49 26.31
CA ILE A 240 9.13 -14.52 25.71
C ILE A 240 9.54 -13.13 25.26
N VAL A 241 8.58 -12.21 25.19
CA VAL A 241 8.86 -10.83 24.84
C VAL A 241 7.83 -9.92 25.51
N ASP A 242 8.33 -8.84 26.08
CA ASP A 242 7.50 -7.87 26.78
C ASP A 242 8.05 -6.47 26.45
N MSE A 243 7.27 -5.68 25.72
CA MSE A 243 7.70 -4.35 25.34
C MSE A 243 6.68 -3.28 25.72
O MSE A 243 5.48 -3.57 25.84
CB MSE A 243 7.95 -4.27 23.84
CG MSE A 243 6.70 -4.40 22.98
SE MSE A 243 7.17 -4.69 21.08
CE MSE A 243 5.44 -4.49 20.26
N ASN A 244 7.15 -2.05 25.90
CA ASN A 244 6.30 -0.91 26.25
C ASN A 244 6.62 0.29 25.36
N PHE A 245 5.60 1.09 25.06
CA PHE A 245 5.78 2.29 24.24
C PHE A 245 5.00 3.50 24.78
N GLU A 246 5.50 4.69 24.48
CA GLU A 246 4.86 5.94 24.91
C GLU A 246 4.34 6.67 23.68
N CYS A 247 3.16 7.28 23.80
CA CYS A 247 2.56 8.00 22.69
C CYS A 247 2.74 9.50 22.84
N GLU A 248 3.04 10.16 21.72
CA GLU A 248 3.25 11.60 21.71
C GLU A 248 2.66 12.24 20.47
N ASN A 249 2.69 13.57 20.45
CA ASN A 249 2.18 14.35 19.33
C ASN A 249 3.26 14.42 18.26
N ARG A 250 2.88 14.16 17.00
CA ARG A 250 3.84 14.23 15.91
C ARG A 250 4.26 15.70 15.77
N PRO A 251 5.58 15.96 15.74
CA PRO A 251 6.13 17.32 15.62
C PRO A 251 6.47 17.76 14.20
N GLY A 252 5.45 18.13 13.42
CA GLY A 252 5.71 18.58 12.07
C GLY A 252 4.53 19.38 11.54
N PRO A 253 4.54 19.75 10.24
CA PRO A 253 3.44 20.53 9.68
C PRO A 253 2.19 19.73 9.30
N TYR A 254 2.29 18.41 9.31
CA TYR A 254 1.15 17.57 8.96
C TYR A 254 -0.05 17.73 9.88
N GLU A 255 -1.23 17.60 9.29
CA GLU A 255 -2.49 17.68 10.02
C GLU A 255 -3.61 17.09 9.20
N PHE A 256 -4.33 16.14 9.76
CA PHE A 256 -5.44 15.56 9.03
C PHE A 256 -6.75 16.25 9.37
N ARG A 257 -7.51 16.59 8.33
CA ARG A 257 -8.82 17.16 8.50
C ARG A 257 -9.56 16.50 7.37
N GLU A 258 -10.72 15.93 7.70
CA GLU A 258 -11.55 15.23 6.72
C GLU A 258 -11.98 16.08 5.52
N SER B 2 25.56 2.41 -14.40
CA SER B 2 25.57 2.19 -12.93
C SER B 2 24.17 1.95 -12.35
N TYR B 3 24.01 0.80 -11.70
CA TYR B 3 22.75 0.40 -11.07
C TYR B 3 22.91 0.19 -9.57
N ASN B 4 24.11 0.47 -9.08
CA ASN B 4 24.44 0.30 -7.67
C ASN B 4 23.48 0.95 -6.69
N TYR B 5 22.91 2.09 -7.07
CA TYR B 5 21.99 2.81 -6.22
C TYR B 5 20.79 1.96 -5.84
N LEU B 6 20.46 1.00 -6.69
CA LEU B 6 19.31 0.12 -6.42
C LEU B 6 19.47 -0.67 -5.12
N LYS B 7 20.71 -0.94 -4.74
CA LYS B 7 21.00 -1.68 -3.53
C LYS B 7 20.74 -0.84 -2.29
N ALA B 8 20.90 0.47 -2.42
CA ALA B 8 20.69 1.37 -1.29
C ALA B 8 19.25 1.79 -1.10
N ALA B 9 18.39 1.38 -2.03
CA ALA B 9 16.97 1.73 -1.96
C ALA B 9 16.25 0.97 -0.84
N ARG B 10 15.89 1.66 0.23
CA ARG B 10 15.19 1.01 1.31
C ARG B 10 13.69 1.15 1.12
N LYS B 11 13.30 2.02 0.22
CA LYS B 11 11.89 2.28 -0.01
C LYS B 11 11.60 2.88 -1.39
N ILE B 12 10.37 2.65 -1.86
CA ILE B 12 9.92 3.20 -3.14
C ILE B 12 8.53 3.76 -2.89
N ILE B 13 8.41 5.08 -2.93
CA ILE B 13 7.12 5.70 -2.73
C ILE B 13 6.74 6.41 -4.02
N CYS B 14 5.47 6.31 -4.40
CA CYS B 14 4.99 6.89 -5.64
C CYS B 14 3.81 7.83 -5.48
N ILE B 15 3.67 8.75 -6.43
CA ILE B 15 2.57 9.70 -6.41
C ILE B 15 1.64 9.35 -7.58
N GLY B 16 0.34 9.50 -7.38
CA GLY B 16 -0.59 9.18 -8.45
C GLY B 16 -1.20 10.40 -9.11
N ARG B 17 -1.80 10.19 -10.28
CA ARG B 17 -2.47 11.24 -11.05
C ARG B 17 -1.76 12.58 -10.88
N ASN B 18 -0.56 12.69 -11.44
CA ASN B 18 0.25 13.90 -11.29
C ASN B 18 0.57 14.63 -12.58
N TYR B 19 -0.14 14.33 -13.66
CA TYR B 19 0.11 15.00 -14.93
C TYR B 19 -1.14 15.61 -15.55
N ALA B 20 -1.00 16.82 -16.09
CA ALA B 20 -2.12 17.49 -16.72
C ALA B 20 -2.43 16.85 -18.05
N ALA B 21 -3.71 16.55 -18.28
CA ALA B 21 -4.14 15.95 -19.54
C ALA B 21 -4.69 17.03 -20.47
N HIS B 22 -5.01 18.18 -19.89
CA HIS B 22 -5.55 19.30 -20.64
C HIS B 22 -5.00 20.63 -20.14
N ILE B 23 -4.90 21.59 -21.05
CA ILE B 23 -4.37 22.92 -20.75
C ILE B 23 -5.06 23.60 -19.56
N LYS B 24 -6.39 23.49 -19.49
CA LYS B 24 -7.16 24.11 -18.43
C LYS B 24 -6.68 23.79 -17.03
N GLU B 25 -6.24 22.54 -16.81
CA GLU B 25 -5.79 22.14 -15.49
C GLU B 25 -4.31 22.38 -15.26
N LEU B 26 -3.75 23.41 -15.91
CA LEU B 26 -2.34 23.72 -15.77
C LEU B 26 -2.17 25.16 -15.31
N GLN B 33 -5.24 16.41 -2.26
CA GLN B 33 -5.41 16.19 -3.69
C GLN B 33 -4.54 15.04 -4.20
N PRO B 34 -3.27 14.97 -3.75
CA PRO B 34 -2.42 13.88 -4.23
C PRO B 34 -2.40 12.69 -3.29
N PHE B 35 -2.27 11.49 -3.85
CA PHE B 35 -2.22 10.29 -3.04
C PHE B 35 -0.90 9.58 -3.35
N PHE B 36 -0.44 8.74 -2.41
CA PHE B 36 0.80 8.01 -2.58
C PHE B 36 0.66 6.54 -2.24
N PHE B 37 1.54 5.74 -2.82
CA PHE B 37 1.52 4.31 -2.57
C PHE B 37 2.95 3.79 -2.67
N LEU B 38 3.23 2.68 -1.99
CA LEU B 38 4.56 2.08 -2.01
C LEU B 38 4.66 0.99 -3.07
N LYS B 39 5.90 0.60 -3.40
CA LYS B 39 6.20 -0.48 -4.32
C LYS B 39 7.38 -1.20 -3.65
N PRO B 40 7.35 -2.54 -3.60
CA PRO B 40 8.46 -3.23 -2.96
C PRO B 40 9.70 -3.29 -3.86
N THR B 41 10.87 -3.15 -3.26
CA THR B 41 12.11 -3.20 -4.02
C THR B 41 12.28 -4.55 -4.71
N SER B 42 11.50 -5.53 -4.26
CA SER B 42 11.55 -6.85 -4.85
C SER B 42 10.94 -6.84 -6.26
N SER B 43 10.24 -5.76 -6.61
CA SER B 43 9.63 -5.63 -7.93
C SER B 43 10.59 -5.07 -8.98
N ILE B 44 11.79 -4.70 -8.54
CA ILE B 44 12.80 -4.15 -9.45
C ILE B 44 13.25 -5.14 -10.51
N VAL B 45 13.48 -4.62 -11.71
CA VAL B 45 13.97 -5.43 -12.83
C VAL B 45 14.71 -4.49 -13.78
N THR B 46 15.86 -4.94 -14.25
CA THR B 46 16.72 -4.17 -15.14
C THR B 46 16.86 -4.80 -16.53
N PRO B 47 17.17 -3.99 -17.56
CA PRO B 47 17.31 -4.54 -18.93
C PRO B 47 18.24 -5.75 -19.07
N LEU B 48 17.96 -6.58 -20.07
CA LEU B 48 18.75 -7.77 -20.34
C LEU B 48 20.23 -7.42 -20.58
N SER B 49 20.47 -6.32 -21.28
CA SER B 49 21.84 -5.91 -21.59
C SER B 49 22.53 -5.09 -20.50
N SER B 50 22.07 -5.23 -19.26
CA SER B 50 22.67 -4.50 -18.16
C SER B 50 23.57 -5.45 -17.37
N PRO B 58 17.24 -18.87 -9.16
CA PRO B 58 17.10 -20.29 -9.47
C PRO B 58 15.92 -20.64 -10.36
N ALA B 59 15.49 -21.89 -10.30
CA ALA B 59 14.39 -22.39 -11.11
C ALA B 59 13.03 -21.88 -10.70
N ASN B 60 12.22 -21.51 -11.69
CA ASN B 60 10.87 -21.02 -11.46
C ASN B 60 10.83 -19.75 -10.59
N SER B 61 11.99 -19.13 -10.38
CA SER B 61 12.09 -17.91 -9.58
C SER B 61 11.88 -16.67 -10.45
N THR B 62 11.09 -15.72 -9.96
CA THR B 62 10.84 -14.51 -10.73
C THR B 62 11.51 -13.31 -10.08
N PHE B 63 12.31 -13.60 -9.07
CA PHE B 63 13.11 -12.60 -8.36
C PHE B 63 13.92 -13.32 -7.29
N ASN B 64 15.24 -13.15 -7.39
CA ASN B 64 16.16 -13.81 -6.48
C ASN B 64 17.09 -12.79 -5.81
N GLY B 65 16.69 -11.52 -5.83
CA GLY B 65 17.52 -10.50 -5.22
C GLY B 65 18.42 -9.84 -6.25
N LEU B 66 18.87 -8.63 -5.96
CA LEU B 66 19.73 -7.87 -6.86
C LEU B 66 21.15 -8.44 -6.88
N ASN B 67 21.85 -8.24 -8.00
CA ASN B 67 23.22 -8.71 -8.13
C ASN B 67 24.15 -7.79 -7.33
N GLU B 68 25.40 -8.18 -7.20
CA GLU B 68 26.36 -7.39 -6.47
C GLU B 68 26.40 -5.93 -6.95
N ASP B 69 26.21 -5.73 -8.25
CA ASP B 69 26.24 -4.38 -8.79
C ASP B 69 24.88 -3.66 -8.83
N GLY B 70 23.87 -4.27 -8.20
CA GLY B 70 22.54 -3.66 -8.16
C GLY B 70 21.65 -4.04 -9.34
N THR B 71 22.22 -4.76 -10.29
CA THR B 71 21.48 -5.15 -11.48
C THR B 71 20.55 -6.34 -11.24
N ASN B 72 19.55 -6.49 -12.11
CA ASN B 72 18.61 -7.60 -12.06
C ASN B 72 18.01 -7.77 -13.44
N PRO B 73 18.86 -8.11 -14.43
CA PRO B 73 18.40 -8.30 -15.81
C PRO B 73 17.32 -9.35 -15.94
N GLY B 74 16.25 -9.00 -16.64
CA GLY B 74 15.17 -9.94 -16.84
C GLY B 74 14.03 -9.36 -17.65
N PRO B 75 13.01 -10.17 -17.93
CA PRO B 75 11.86 -9.71 -18.69
C PRO B 75 10.76 -9.26 -17.74
N ILE B 76 9.67 -8.74 -18.31
CA ILE B 76 8.53 -8.33 -17.51
C ILE B 76 7.70 -9.59 -17.40
N PHE B 77 7.40 -10.02 -16.18
CA PHE B 77 6.60 -11.22 -16.02
C PHE B 77 5.13 -10.88 -15.82
N ILE B 78 4.35 -11.05 -16.88
CA ILE B 78 2.92 -10.79 -16.85
C ILE B 78 2.26 -11.99 -16.18
N PRO B 79 1.69 -11.79 -14.99
CA PRO B 79 1.04 -12.92 -14.31
C PRO B 79 -0.28 -13.33 -14.97
N ARG B 80 -0.61 -14.61 -14.87
CA ARG B 80 -1.83 -15.15 -15.45
C ARG B 80 -3.09 -14.45 -14.93
N GLY B 81 -4.01 -14.20 -15.85
CA GLY B 81 -5.27 -13.57 -15.52
C GLY B 81 -5.22 -12.07 -15.34
N VAL B 82 -4.02 -11.50 -15.31
CA VAL B 82 -3.86 -10.06 -15.09
C VAL B 82 -3.65 -9.17 -16.32
N LYS B 83 -4.34 -8.03 -16.31
CA LYS B 83 -4.21 -7.06 -17.38
C LYS B 83 -3.27 -5.96 -16.90
N VAL B 84 -2.07 -5.94 -17.47
CA VAL B 84 -1.06 -4.97 -17.08
C VAL B 84 -1.02 -3.73 -17.96
N HIS B 85 -0.94 -2.58 -17.29
CA HIS B 85 -0.84 -1.29 -17.95
C HIS B 85 0.53 -0.74 -17.63
N HIS B 86 1.14 -0.05 -18.58
CA HIS B 86 2.46 0.52 -18.37
C HIS B 86 2.28 1.99 -18.05
N GLU B 87 3.23 2.54 -17.31
CA GLU B 87 3.22 3.94 -16.89
C GLU B 87 4.66 4.43 -16.78
N ILE B 88 5.15 5.12 -17.80
CA ILE B 88 6.53 5.63 -17.79
C ILE B 88 6.66 6.79 -16.80
N GLU B 89 7.74 6.83 -16.02
CA GLU B 89 7.90 7.90 -15.04
C GLU B 89 9.33 8.26 -14.71
N LEU B 90 9.52 9.50 -14.26
CA LEU B 90 10.83 10.00 -13.86
C LEU B 90 10.96 9.61 -12.40
N ALA B 91 12.12 9.11 -12.02
CA ALA B 91 12.35 8.71 -10.65
C ALA B 91 13.44 9.56 -10.04
N LEU B 92 13.22 9.99 -8.80
CA LEU B 92 14.20 10.79 -8.09
C LEU B 92 14.93 9.90 -7.11
N ILE B 93 16.25 10.04 -7.04
CA ILE B 93 17.04 9.25 -6.12
C ILE B 93 17.46 10.18 -4.98
N VAL B 94 16.68 10.15 -3.90
CA VAL B 94 16.92 11.00 -2.74
C VAL B 94 18.30 10.74 -2.14
N SER B 95 18.98 11.82 -1.74
CA SER B 95 20.32 11.70 -1.16
C SER B 95 20.43 12.24 0.25
N LYS B 96 19.36 12.83 0.77
CA LYS B 96 19.38 13.39 2.11
C LYS B 96 18.24 12.87 2.98
N HIS B 97 18.31 13.18 4.27
CA HIS B 97 17.28 12.79 5.22
C HIS B 97 16.26 13.93 5.17
N LEU B 98 15.01 13.60 4.91
CA LEU B 98 13.95 14.61 4.84
C LEU B 98 12.85 14.21 5.81
N SER B 99 12.71 14.96 6.89
CA SER B 99 11.71 14.64 7.89
C SER B 99 10.96 15.89 8.34
N ASN B 100 9.67 15.93 8.04
CA ASN B 100 8.81 17.05 8.41
C ASN B 100 9.31 18.40 7.91
N VAL B 101 9.69 18.46 6.64
CA VAL B 101 10.16 19.69 6.02
C VAL B 101 8.96 20.62 5.88
N THR B 102 9.10 21.85 6.31
CA THR B 102 8.00 22.80 6.24
C THR B 102 7.82 23.35 4.84
N LYS B 103 8.91 23.56 4.12
CA LYS B 103 8.81 24.04 2.75
C LYS B 103 10.13 23.95 2.01
N MSE B 104 10.05 23.50 0.76
CA MSE B 104 11.21 23.35 -0.10
C MSE B 104 11.01 24.18 -1.35
O MSE B 104 9.91 24.25 -1.89
CB MSE B 104 11.39 21.89 -0.47
CG MSE B 104 12.68 21.58 -1.19
SE MSE B 104 12.83 19.71 -1.59
CE MSE B 104 12.43 19.05 0.19
N LYS B 105 12.08 24.81 -1.83
CA LYS B 105 12.00 25.61 -3.05
C LYS B 105 12.58 24.79 -4.20
N PRO B 106 12.25 25.17 -5.45
CA PRO B 106 12.73 24.47 -6.65
C PRO B 106 14.23 24.17 -6.65
N GLU B 107 15.01 25.17 -6.24
CA GLU B 107 16.46 25.05 -6.21
C GLU B 107 16.96 23.96 -5.27
N GLU B 108 16.15 23.61 -4.27
CA GLU B 108 16.54 22.59 -3.28
C GLU B 108 16.40 21.13 -3.73
N VAL B 109 15.61 20.87 -4.75
CA VAL B 109 15.46 19.50 -5.22
C VAL B 109 16.81 18.93 -5.59
N TYR B 110 17.59 19.72 -6.32
CA TYR B 110 18.93 19.33 -6.77
C TYR B 110 19.82 18.88 -5.63
N ASP B 111 19.71 19.55 -4.48
CA ASP B 111 20.52 19.20 -3.32
C ASP B 111 19.94 18.05 -2.52
N SER B 112 18.73 17.61 -2.87
CA SER B 112 18.10 16.52 -2.14
C SER B 112 18.18 15.18 -2.86
N ILE B 113 18.71 15.18 -4.08
CA ILE B 113 18.84 13.96 -4.87
C ILE B 113 20.28 13.75 -5.32
N SER B 114 20.60 12.52 -5.73
CA SER B 114 21.94 12.20 -6.22
C SER B 114 21.85 12.04 -7.73
N GLY B 115 20.62 11.92 -8.22
CA GLY B 115 20.40 11.77 -9.65
C GLY B 115 18.97 11.32 -9.92
N VAL B 116 18.68 11.00 -11.17
CA VAL B 116 17.36 10.54 -11.56
C VAL B 116 17.50 9.21 -12.29
N ALA B 117 16.37 8.62 -12.66
CA ALA B 117 16.35 7.36 -13.39
C ALA B 117 15.04 7.26 -14.14
N LEU B 118 15.00 6.40 -15.15
CA LEU B 118 13.79 6.22 -15.94
C LEU B 118 13.14 4.94 -15.43
N ALA B 119 11.91 5.04 -14.98
CA ALA B 119 11.22 3.87 -14.46
C ALA B 119 9.81 3.70 -15.00
N LEU B 120 9.35 2.45 -14.99
CA LEU B 120 8.01 2.08 -15.43
C LEU B 120 7.26 1.59 -14.21
N ASP B 121 6.11 2.21 -13.93
CA ASP B 121 5.29 1.83 -12.80
C ASP B 121 4.19 0.88 -13.27
N LEU B 122 4.56 -0.37 -13.56
CA LEU B 122 3.60 -1.34 -14.03
C LEU B 122 2.47 -1.56 -13.02
N THR B 123 1.25 -1.56 -13.53
CA THR B 123 0.07 -1.72 -12.71
C THR B 123 -0.84 -2.83 -13.21
N ALA B 124 -1.26 -3.70 -12.28
CA ALA B 124 -2.18 -4.78 -12.64
C ALA B 124 -3.56 -4.13 -12.60
N ARG B 125 -3.96 -3.56 -13.73
CA ARG B 125 -5.24 -2.86 -13.86
C ARG B 125 -6.48 -3.52 -13.30
N ASN B 126 -6.84 -4.70 -13.83
CA ASN B 126 -8.04 -5.38 -13.36
C ASN B 126 -7.98 -5.75 -11.89
N VAL B 127 -6.78 -6.03 -11.38
CA VAL B 127 -6.63 -6.36 -9.96
C VAL B 127 -6.86 -5.09 -9.15
N GLN B 128 -6.36 -3.96 -9.66
CA GLN B 128 -6.52 -2.68 -8.99
C GLN B 128 -7.98 -2.21 -9.06
N ASP B 129 -8.64 -2.51 -10.17
CA ASP B 129 -10.04 -2.13 -10.34
C ASP B 129 -10.84 -2.75 -9.22
N GLU B 130 -10.59 -4.04 -8.98
CA GLU B 130 -11.28 -4.77 -7.93
C GLU B 130 -10.89 -4.25 -6.54
N ALA B 131 -9.65 -3.79 -6.39
CA ALA B 131 -9.21 -3.29 -5.09
C ALA B 131 -9.91 -1.97 -4.79
N LYS B 132 -9.96 -1.10 -5.80
CA LYS B 132 -10.62 0.19 -5.65
C LYS B 132 -12.10 -0.02 -5.32
N LYS B 133 -12.72 -1.00 -5.97
CA LYS B 133 -14.14 -1.30 -5.74
C LYS B 133 -14.41 -1.70 -4.30
N LYS B 134 -13.58 -2.58 -3.77
CA LYS B 134 -13.75 -3.06 -2.41
C LYS B 134 -13.05 -2.19 -1.36
N GLY B 135 -12.31 -1.18 -1.83
CA GLY B 135 -11.60 -0.32 -0.91
C GLY B 135 -10.50 -1.07 -0.20
N LEU B 136 -9.85 -1.98 -0.93
CA LEU B 136 -8.77 -2.78 -0.40
C LEU B 136 -7.41 -2.25 -0.86
N PRO B 137 -6.32 -2.68 -0.21
CA PRO B 137 -4.97 -2.24 -0.55
C PRO B 137 -4.58 -2.44 -2.03
N TRP B 138 -3.79 -1.50 -2.55
CA TRP B 138 -3.31 -1.51 -3.93
C TRP B 138 -2.02 -2.33 -4.07
N THR B 139 -1.38 -2.60 -2.94
CA THR B 139 -0.11 -3.32 -2.87
C THR B 139 0.15 -4.39 -3.91
N ILE B 140 -0.69 -5.42 -3.95
CA ILE B 140 -0.50 -6.49 -4.91
C ILE B 140 -0.55 -6.04 -6.37
N SER B 141 -1.53 -5.22 -6.73
CA SER B 141 -1.68 -4.77 -8.11
C SER B 141 -0.50 -3.92 -8.56
N LYS B 142 0.26 -3.40 -7.60
CA LYS B 142 1.40 -2.55 -7.89
C LYS B 142 2.74 -3.19 -7.56
N GLY B 143 2.71 -4.31 -6.85
CA GLY B 143 3.95 -4.93 -6.45
C GLY B 143 4.45 -6.24 -7.00
N PHE B 144 3.77 -6.82 -7.99
CA PHE B 144 4.24 -8.10 -8.55
C PHE B 144 5.70 -7.96 -8.97
N ASP B 145 6.43 -9.07 -8.93
CA ASP B 145 7.83 -9.04 -9.35
C ASP B 145 7.91 -8.42 -10.74
N THR B 146 9.01 -7.70 -10.98
CA THR B 146 9.30 -6.99 -12.22
C THR B 146 8.34 -5.84 -12.48
N PHE B 147 7.47 -5.51 -11.53
CA PHE B 147 6.55 -4.42 -11.80
C PHE B 147 7.14 -3.03 -11.71
N MSE B 148 8.46 -2.94 -11.51
CA MSE B 148 9.08 -1.65 -11.57
C MSE B 148 10.36 -1.72 -12.37
O MSE B 148 11.47 -1.72 -11.81
CB MSE B 148 9.39 -0.98 -10.23
CG MSE B 148 9.84 0.46 -10.53
SE MSE B 148 10.52 1.62 -9.17
CE MSE B 148 12.08 0.57 -8.69
N PRO B 149 10.24 -1.80 -13.70
CA PRO B 149 11.40 -1.87 -14.60
C PRO B 149 12.07 -0.51 -14.45
N ILE B 150 13.39 -0.51 -14.27
CA ILE B 150 14.08 0.76 -14.09
C ILE B 150 15.47 0.78 -14.75
N SER B 151 15.94 1.98 -15.07
CA SER B 151 17.23 2.18 -15.74
C SER B 151 18.37 2.46 -14.78
N ALA B 152 19.54 2.68 -15.35
CA ALA B 152 20.73 3.01 -14.58
C ALA B 152 20.51 4.44 -14.10
N ILE B 153 21.25 4.86 -13.08
CA ILE B 153 21.08 6.20 -12.55
C ILE B 153 21.72 7.25 -13.45
N VAL B 154 21.13 8.44 -13.46
CA VAL B 154 21.66 9.57 -14.21
C VAL B 154 22.13 10.55 -13.12
N SER B 155 23.43 10.63 -12.90
CA SER B 155 23.96 11.53 -11.87
C SER B 155 23.60 12.97 -12.10
N ARG B 156 23.30 13.69 -11.02
CA ARG B 156 22.91 15.09 -11.11
C ARG B 156 23.95 15.96 -11.80
N GLU B 157 25.23 15.64 -11.60
CA GLU B 157 26.28 16.40 -12.24
C GLU B 157 25.99 16.52 -13.72
N LYS B 158 25.30 15.52 -14.27
CA LYS B 158 24.96 15.53 -15.69
C LYS B 158 23.99 16.65 -16.06
N PHE B 159 23.34 17.25 -15.06
CA PHE B 159 22.42 18.36 -15.33
C PHE B 159 22.51 19.45 -14.27
N SER B 160 23.70 19.60 -13.69
CA SER B 160 23.95 20.61 -12.66
C SER B 160 23.75 22.01 -13.23
N SER B 161 23.89 22.13 -14.54
CA SER B 161 23.73 23.39 -15.24
C SER B 161 22.30 23.93 -15.14
N TYR B 162 21.37 23.09 -14.69
CA TYR B 162 19.97 23.48 -14.52
C TYR B 162 19.58 23.39 -13.04
N LYS B 163 20.62 23.46 -12.23
CA LYS B 163 20.60 23.42 -10.76
C LYS B 163 19.45 24.13 -10.04
N SER B 164 19.12 25.33 -10.49
CA SER B 164 18.07 26.14 -9.85
C SER B 164 16.64 25.61 -10.02
N ASN B 165 16.40 24.86 -11.10
CA ASN B 165 15.07 24.32 -11.34
C ASN B 165 15.16 23.19 -12.36
N LEU B 166 14.71 22.01 -11.95
CA LEU B 166 14.76 20.83 -12.80
C LEU B 166 13.38 20.43 -13.30
N GLN B 167 12.36 21.19 -12.90
CA GLN B 167 10.98 20.90 -13.27
C GLN B 167 10.63 20.80 -14.75
N ASP B 168 11.23 21.63 -15.60
CA ASP B 168 10.90 21.60 -17.03
C ASP B 168 11.87 20.94 -17.99
N ILE B 169 13.03 20.52 -17.51
CA ILE B 169 14.01 19.94 -18.41
C ILE B 169 13.78 18.51 -18.90
N PHE B 170 13.00 17.72 -18.17
CA PHE B 170 12.79 16.33 -18.57
C PHE B 170 11.56 15.98 -19.40
N ARG B 171 11.75 15.02 -20.30
CA ARG B 171 10.67 14.54 -21.17
C ARG B 171 10.71 13.03 -21.04
N VAL B 172 9.56 12.42 -20.86
CA VAL B 172 9.51 10.98 -20.70
C VAL B 172 8.63 10.38 -21.81
N LYS B 173 9.06 9.24 -22.35
CA LYS B 173 8.27 8.60 -23.39
C LYS B 173 8.37 7.09 -23.41
N CYS B 174 7.27 6.45 -23.83
CA CYS B 174 7.18 5.01 -23.86
C CYS B 174 6.52 4.49 -25.14
N SER B 175 7.13 3.46 -25.73
CA SER B 175 6.59 2.86 -26.94
C SER B 175 6.49 1.36 -26.79
N VAL B 176 5.44 0.78 -27.36
CA VAL B 176 5.21 -0.66 -27.31
C VAL B 176 5.03 -1.19 -28.73
N ASN B 177 5.83 -2.20 -29.06
CA ASN B 177 5.81 -2.81 -30.39
C ASN B 177 5.97 -1.76 -31.49
N GLY B 178 6.90 -0.84 -31.27
CA GLY B 178 7.19 0.21 -32.24
C GLY B 178 6.22 1.36 -32.33
N GLN B 179 5.28 1.43 -31.41
CA GLN B 179 4.30 2.51 -31.43
C GLN B 179 4.36 3.39 -30.19
N LEU B 180 4.60 4.68 -30.42
CA LEU B 180 4.69 5.67 -29.35
C LEU B 180 3.34 5.83 -28.68
N ARG B 181 3.30 5.57 -27.37
CA ARG B 181 2.08 5.69 -26.60
C ARG B 181 2.08 6.80 -25.56
N GLN B 182 3.22 7.07 -24.95
CA GLN B 182 3.31 8.13 -23.95
C GLN B 182 4.47 9.06 -24.26
N ASP B 183 4.23 10.36 -24.18
CA ASP B 183 5.27 11.33 -24.43
C ASP B 183 4.91 12.65 -23.76
N GLY B 184 5.36 12.81 -22.53
CA GLY B 184 5.05 14.02 -21.80
C GLY B 184 6.26 14.65 -21.14
N GLY B 185 6.20 15.96 -20.97
CA GLY B 185 7.28 16.68 -20.34
C GLY B 185 6.92 16.89 -18.89
N THR B 186 7.94 16.93 -18.03
CA THR B 186 7.72 17.13 -16.61
C THR B 186 7.15 18.52 -16.32
N ASN B 187 7.09 19.38 -17.34
CA ASN B 187 6.54 20.72 -17.15
C ASN B 187 5.02 20.62 -17.07
N LEU B 188 4.49 19.42 -17.34
CA LEU B 188 3.05 19.19 -17.28
C LEU B 188 2.68 18.64 -15.90
N MSE B 189 3.69 18.46 -15.05
CA MSE B 189 3.46 17.92 -13.72
C MSE B 189 2.53 18.83 -12.91
O MSE B 189 2.65 20.05 -12.95
CB MSE B 189 4.79 17.73 -13.00
CG MSE B 189 4.82 16.51 -12.13
SE MSE B 189 6.55 16.18 -11.30
CE MSE B 189 7.38 15.23 -12.72
N LEU B 190 1.61 18.23 -12.18
CA LEU B 190 0.67 19.00 -11.36
C LEU B 190 1.34 19.44 -10.09
N HIS B 191 1.87 18.47 -9.35
CA HIS B 191 2.59 18.76 -8.12
C HIS B 191 4.06 18.67 -8.50
N PRO B 192 4.78 19.81 -8.47
CA PRO B 192 6.20 19.84 -8.80
C PRO B 192 7.11 19.02 -7.88
N LEU B 193 8.31 18.73 -8.37
CA LEU B 193 9.29 17.95 -7.61
C LEU B 193 9.49 18.44 -6.17
N HIS B 194 9.74 19.73 -5.99
CA HIS B 194 9.97 20.24 -4.65
C HIS B 194 8.78 20.07 -3.70
N LYS B 195 7.57 20.09 -4.23
CA LYS B 195 6.40 19.90 -3.37
C LYS B 195 6.21 18.42 -3.06
N ILE B 196 6.64 17.56 -3.98
CA ILE B 196 6.54 16.13 -3.77
C ILE B 196 7.45 15.74 -2.61
N LEU B 197 8.71 16.16 -2.66
CA LEU B 197 9.66 15.83 -1.61
C LEU B 197 9.19 16.38 -0.26
N GLN B 198 8.71 17.62 -0.27
CA GLN B 198 8.28 18.26 0.96
C GLN B 198 7.00 17.64 1.56
N HIS B 199 5.98 17.49 0.74
CA HIS B 199 4.72 16.93 1.19
C HIS B 199 4.90 15.55 1.81
N ILE B 200 5.57 14.65 1.09
CA ILE B 200 5.81 13.30 1.58
C ILE B 200 6.50 13.27 2.93
N SER B 201 7.56 14.05 3.08
CA SER B 201 8.31 14.09 4.33
C SER B 201 7.49 14.41 5.58
N THR B 202 6.34 15.05 5.42
CA THR B 202 5.50 15.40 6.57
C THR B 202 4.70 14.20 7.05
N MSE B 203 4.85 13.06 6.38
CA MSE B 203 4.12 11.86 6.75
C MSE B 203 5.04 10.65 6.85
O MSE B 203 5.08 9.96 7.88
CB MSE B 203 3.04 11.59 5.72
CG MSE B 203 2.15 12.79 5.47
SE MSE B 203 0.79 12.41 4.14
CE MSE B 203 1.84 12.82 2.58
N ILE B 204 5.75 10.38 5.77
CA ILE B 204 6.67 9.26 5.71
C ILE B 204 8.04 9.82 5.39
N SER B 205 8.84 9.98 6.44
CA SER B 205 10.18 10.53 6.29
C SER B 205 11.01 9.82 5.24
N LEU B 206 11.80 10.60 4.51
CA LEU B 206 12.66 10.08 3.45
C LEU B 206 14.10 9.98 3.94
N GLU B 207 14.83 9.02 3.38
CA GLU B 207 16.24 8.84 3.74
C GLU B 207 17.06 8.56 2.49
N PRO B 208 18.39 8.77 2.58
CA PRO B 208 19.27 8.54 1.43
C PRO B 208 19.01 7.20 0.77
N GLY B 209 18.91 7.19 -0.55
CA GLY B 209 18.68 5.96 -1.27
C GLY B 209 17.23 5.74 -1.66
N ASP B 210 16.32 6.47 -1.03
CA ASP B 210 14.90 6.33 -1.37
C ASP B 210 14.63 6.69 -2.82
N ILE B 211 13.82 5.86 -3.46
CA ILE B 211 13.45 6.08 -4.85
C ILE B 211 12.01 6.62 -4.88
N ILE B 212 11.84 7.77 -5.53
CA ILE B 212 10.52 8.40 -5.61
C ILE B 212 10.03 8.51 -7.05
N LEU B 213 8.91 7.85 -7.36
CA LEU B 213 8.35 7.92 -8.72
C LEU B 213 7.38 9.09 -8.74
N THR B 214 7.59 10.01 -9.67
CA THR B 214 6.80 11.23 -9.76
C THR B 214 5.55 11.31 -10.63
N GLY B 215 5.02 10.19 -11.10
CA GLY B 215 3.82 10.23 -11.91
C GLY B 215 4.05 9.97 -13.39
N THR B 216 2.98 9.59 -14.08
CA THR B 216 3.08 9.29 -15.50
C THR B 216 2.21 10.21 -16.35
N PRO B 217 2.64 10.49 -17.59
CA PRO B 217 1.85 11.35 -18.46
C PRO B 217 0.75 10.52 -19.14
N ALA B 218 -0.24 11.19 -19.72
CA ALA B 218 -1.34 10.51 -20.39
C ALA B 218 -0.83 9.53 -21.44
N GLY B 219 -1.65 8.52 -21.76
CA GLY B 219 -1.26 7.54 -22.76
C GLY B 219 -1.03 6.12 -22.25
N VAL B 220 -1.52 5.82 -21.05
CA VAL B 220 -1.35 4.48 -20.49
C VAL B 220 -1.98 3.42 -21.39
N GLY B 221 -1.24 2.33 -21.60
CA GLY B 221 -1.72 1.24 -22.44
C GLY B 221 -1.51 -0.09 -21.75
N GLU B 222 -1.84 -1.18 -22.43
CA GLU B 222 -1.70 -2.50 -21.83
C GLU B 222 -0.47 -3.24 -22.34
N LEU B 223 -0.02 -4.23 -21.58
CA LEU B 223 1.13 -5.05 -21.94
C LEU B 223 0.78 -6.54 -21.83
N LYS B 224 1.19 -7.31 -22.84
CA LYS B 224 0.96 -8.74 -22.87
C LYS B 224 2.22 -9.50 -23.23
N PRO B 225 2.30 -10.78 -22.85
CA PRO B 225 3.48 -11.58 -23.15
C PRO B 225 3.84 -11.45 -24.63
N GLY B 226 5.13 -11.24 -24.91
CA GLY B 226 5.57 -11.10 -26.29
C GLY B 226 5.81 -9.67 -26.74
N ASP B 227 5.19 -8.70 -26.08
CA ASP B 227 5.37 -7.29 -26.42
C ASP B 227 6.78 -6.79 -26.12
N ARG B 228 7.25 -5.84 -26.91
CA ARG B 228 8.55 -5.24 -26.71
C ARG B 228 8.28 -3.80 -26.30
N VAL B 229 8.88 -3.38 -25.19
CA VAL B 229 8.69 -2.02 -24.70
C VAL B 229 9.97 -1.22 -24.78
N HIS B 230 9.88 -0.06 -25.40
CA HIS B 230 11.01 0.83 -25.56
C HIS B 230 10.67 2.12 -24.81
N CYS B 231 11.53 2.53 -23.89
CA CYS B 231 11.28 3.74 -23.12
C CYS B 231 12.45 4.70 -23.20
N GLU B 232 12.15 5.99 -23.13
CA GLU B 232 13.16 7.02 -23.21
C GLU B 232 12.99 8.13 -22.18
N LEU B 233 14.11 8.76 -21.84
CA LEU B 233 14.14 9.88 -20.91
C LEU B 233 14.98 10.94 -21.61
N LEU B 234 14.43 12.14 -21.78
CA LEU B 234 15.16 13.21 -22.43
C LEU B 234 15.48 14.35 -21.49
N GLN B 235 16.60 15.01 -21.74
CA GLN B 235 17.01 16.17 -20.95
C GLN B 235 17.16 17.26 -22.00
N ASN B 236 16.27 18.24 -21.98
CA ASN B 236 16.29 19.32 -22.96
C ASN B 236 16.22 18.74 -24.37
N ASN B 237 15.38 17.71 -24.52
CA ASN B 237 15.16 17.03 -25.78
C ASN B 237 16.37 16.25 -26.30
N ASP B 238 17.28 15.90 -25.39
CA ASP B 238 18.47 15.11 -25.74
C ASP B 238 18.32 13.77 -25.04
N ASN B 239 18.39 12.68 -25.80
CA ASN B 239 18.24 11.37 -25.18
C ASN B 239 19.39 11.10 -24.21
N ILE B 240 19.05 10.74 -22.97
CA ILE B 240 20.06 10.46 -21.95
C ILE B 240 19.81 9.09 -21.34
N VAL B 241 18.63 8.53 -21.63
CA VAL B 241 18.26 7.22 -21.14
C VAL B 241 17.42 6.54 -22.20
N ASP B 242 17.85 5.33 -22.57
CA ASP B 242 17.14 4.53 -23.55
C ASP B 242 17.21 3.10 -23.05
N MSE B 243 16.05 2.51 -22.76
CA MSE B 243 15.99 1.14 -22.28
C MSE B 243 14.93 0.31 -23.00
O MSE B 243 13.99 0.85 -23.59
CB MSE B 243 15.75 1.12 -20.76
CG MSE B 243 14.59 1.96 -20.29
SE MSE B 243 14.37 1.82 -18.37
CE MSE B 243 12.47 2.04 -18.25
N ASN B 244 15.09 -1.01 -22.92
CA ASN B 244 14.16 -1.92 -23.59
C ASN B 244 13.83 -3.11 -22.71
N PHE B 245 12.58 -3.55 -22.77
CA PHE B 245 12.12 -4.69 -22.00
C PHE B 245 11.24 -5.60 -22.84
N GLU B 246 11.29 -6.89 -22.56
CA GLU B 246 10.49 -7.90 -23.25
C GLU B 246 9.54 -8.50 -22.22
N CYS B 247 8.29 -8.70 -22.61
CA CYS B 247 7.30 -9.27 -21.71
C CYS B 247 7.11 -10.76 -21.99
N GLU B 248 6.90 -11.52 -20.91
CA GLU B 248 6.70 -12.95 -21.00
C GLU B 248 5.69 -13.37 -19.94
N ASN B 249 5.34 -14.65 -19.92
CA ASN B 249 4.39 -15.16 -18.96
C ASN B 249 5.08 -15.46 -17.63
N ARG B 250 4.48 -15.02 -16.53
CA ARG B 250 5.04 -15.32 -15.23
C ARG B 250 4.70 -16.77 -14.93
N PRO B 251 5.68 -17.56 -14.52
CA PRO B 251 5.38 -18.97 -14.21
C PRO B 251 4.63 -19.08 -12.89
N GLY B 252 5.10 -19.99 -12.03
CA GLY B 252 4.48 -20.19 -10.73
C GLY B 252 3.00 -20.53 -10.83
N PRO B 253 2.33 -20.68 -9.68
CA PRO B 253 0.90 -21.02 -9.62
C PRO B 253 -0.08 -19.84 -9.56
N TYR B 254 0.42 -18.61 -9.57
CA TYR B 254 -0.49 -17.47 -9.49
C TYR B 254 -1.39 -17.34 -10.71
N GLU B 255 -2.64 -16.95 -10.44
CA GLU B 255 -3.64 -16.74 -11.48
C GLU B 255 -4.72 -15.80 -10.95
N PHE B 256 -4.89 -14.65 -11.60
CA PHE B 256 -5.92 -13.74 -11.17
C PHE B 256 -7.22 -14.00 -11.91
N ARG B 257 -8.24 -14.24 -11.12
CA ARG B 257 -9.56 -14.42 -11.65
C ARG B 257 -10.39 -13.59 -10.72
N GLU B 258 -11.29 -12.82 -11.28
CA GLU B 258 -12.12 -12.06 -10.41
C GLU B 258 -12.96 -13.19 -9.82
N SER C 2 -0.72 32.98 1.76
CA SER C 2 -0.09 32.12 2.80
C SER C 2 -0.56 32.46 4.21
N TYR C 3 -1.16 31.48 4.88
CA TYR C 3 -1.68 31.60 6.24
C TYR C 3 -0.91 30.68 7.18
N ASN C 4 0.00 29.90 6.58
CA ASN C 4 0.82 28.95 7.31
C ASN C 4 1.45 29.54 8.59
N TYR C 5 1.94 30.77 8.52
CA TYR C 5 2.57 31.40 9.67
C TYR C 5 1.69 31.30 10.90
N LEU C 6 0.38 31.22 10.68
CA LEU C 6 -0.58 31.13 11.76
C LEU C 6 -0.38 29.88 12.64
N LYS C 7 0.08 28.79 12.03
CA LYS C 7 0.31 27.53 12.76
C LYS C 7 1.52 27.63 13.69
N ALA C 8 2.46 28.50 13.36
CA ALA C 8 3.68 28.67 14.13
C ALA C 8 3.61 29.71 15.26
N ALA C 9 2.47 30.35 15.45
CA ALA C 9 2.33 31.36 16.49
C ALA C 9 2.10 30.75 17.87
N ARG C 10 3.08 30.88 18.76
CA ARG C 10 2.95 30.32 20.10
C ARG C 10 2.11 31.23 20.99
N LYS C 11 2.13 32.54 20.70
CA LYS C 11 1.34 33.50 21.46
C LYS C 11 1.05 34.75 20.66
N ILE C 12 0.08 35.51 21.15
CA ILE C 12 -0.29 36.78 20.55
C ILE C 12 -0.32 37.79 21.71
N ILE C 13 0.54 38.81 21.63
CA ILE C 13 0.59 39.85 22.66
C ILE C 13 0.10 41.12 21.97
N CYS C 14 -0.62 41.95 22.71
CA CYS C 14 -1.17 43.18 22.19
C CYS C 14 -0.92 44.37 23.11
N ILE C 15 -0.72 45.54 22.51
CA ILE C 15 -0.50 46.77 23.26
C ILE C 15 -1.75 47.61 23.09
N GLY C 16 -2.22 48.21 24.18
CA GLY C 16 -3.41 49.04 24.10
C GLY C 16 -3.12 50.52 23.93
N ARG C 17 -4.18 51.30 23.73
CA ARG C 17 -4.06 52.75 23.57
C ARG C 17 -2.68 53.17 23.05
N ASN C 18 -2.42 52.91 21.76
CA ASN C 18 -1.13 53.21 21.13
C ASN C 18 -1.21 54.13 19.90
N TYR C 19 -2.30 54.87 19.75
CA TYR C 19 -2.47 55.78 18.62
C TYR C 19 -2.96 57.16 19.02
N ALA C 20 -2.34 58.19 18.45
CA ALA C 20 -2.73 59.56 18.71
C ALA C 20 -4.01 59.88 17.94
N ALA C 21 -4.93 60.60 18.59
CA ALA C 21 -6.19 60.99 17.96
C ALA C 21 -6.16 62.43 17.49
N HIS C 22 -5.16 63.18 17.98
CA HIS C 22 -4.99 64.58 17.63
C HIS C 22 -3.51 64.91 17.51
N ILE C 23 -3.18 65.72 16.52
CA ILE C 23 -1.80 66.11 16.23
C ILE C 23 -1.00 66.57 17.46
N LYS C 24 -1.68 67.23 18.39
CA LYS C 24 -1.01 67.72 19.60
C LYS C 24 -0.36 66.61 20.42
N GLU C 25 -1.11 65.54 20.69
CA GLU C 25 -0.56 64.45 21.48
C GLU C 25 0.56 63.70 20.79
N LEU C 26 0.73 63.94 19.49
CA LEU C 26 1.77 63.27 18.73
C LEU C 26 3.17 63.64 19.22
N GLN C 33 2.89 53.55 31.05
CA GLN C 33 1.86 54.21 30.23
C GLN C 33 1.07 53.20 29.40
N PRO C 34 1.75 52.34 28.62
CA PRO C 34 0.99 51.37 27.83
C PRO C 34 0.77 50.05 28.56
N PHE C 35 -0.28 49.34 28.17
CA PHE C 35 -0.59 48.05 28.79
C PHE C 35 -0.63 46.97 27.72
N PHE C 36 -0.41 45.72 28.14
CA PHE C 36 -0.39 44.60 27.24
C PHE C 36 -1.32 43.49 27.68
N PHE C 37 -1.79 42.70 26.73
CA PHE C 37 -2.67 41.58 27.03
C PHE C 37 -2.53 40.54 25.93
N LEU C 38 -2.80 39.28 26.27
CA LEU C 38 -2.72 38.19 25.32
C LEU C 38 -4.08 37.87 24.69
N LYS C 39 -4.04 37.21 23.53
CA LYS C 39 -5.22 36.74 22.82
C LYS C 39 -4.86 35.29 22.51
N PRO C 40 -5.83 34.38 22.59
CA PRO C 40 -5.51 32.98 22.29
C PRO C 40 -5.56 32.72 20.78
N THR C 41 -4.68 31.86 20.27
CA THR C 41 -4.70 31.55 18.85
C THR C 41 -6.01 30.85 18.50
N SER C 42 -6.69 30.31 19.50
CA SER C 42 -7.96 29.65 19.27
C SER C 42 -9.02 30.69 18.88
N SER C 43 -8.64 31.97 18.94
CA SER C 43 -9.55 33.05 18.57
C SER C 43 -9.33 33.49 17.10
N ILE C 44 -8.46 32.81 16.39
CA ILE C 44 -8.20 33.15 15.01
C ILE C 44 -9.36 32.71 14.12
N VAL C 45 -9.59 33.50 13.09
CA VAL C 45 -10.59 33.23 12.08
C VAL C 45 -10.13 33.96 10.81
N THR C 46 -10.31 33.34 9.65
CA THR C 46 -9.92 33.96 8.38
C THR C 46 -11.12 34.10 7.45
N PRO C 47 -11.03 34.97 6.43
CA PRO C 47 -12.17 35.14 5.53
C PRO C 47 -12.70 33.88 4.85
N LEU C 48 -14.00 33.83 4.62
CA LEU C 48 -14.65 32.67 3.99
C LEU C 48 -14.09 32.29 2.63
N SER C 49 -13.12 33.05 2.14
CA SER C 49 -12.51 32.76 0.84
C SER C 49 -11.07 32.29 1.00
N SER C 50 -10.58 32.29 2.23
CA SER C 50 -9.21 31.89 2.54
C SER C 50 -8.86 30.44 2.17
N SER C 51 -9.87 29.57 2.13
CA SER C 51 -9.66 28.15 1.81
C SER C 51 -10.76 27.62 0.88
N PRO C 58 -17.35 20.94 12.87
CA PRO C 58 -18.35 20.07 13.50
C PRO C 58 -19.64 20.81 13.85
N ALA C 59 -20.59 20.05 14.37
CA ALA C 59 -21.92 20.56 14.74
C ALA C 59 -21.97 21.95 15.38
N ASN C 60 -22.01 21.97 16.70
CA ASN C 60 -22.11 23.23 17.46
C ASN C 60 -20.75 23.83 17.77
N SER C 61 -19.76 23.55 16.91
CA SER C 61 -18.40 24.04 17.09
C SER C 61 -18.14 25.42 16.51
N THR C 62 -17.57 26.32 17.31
CA THR C 62 -17.26 27.66 16.85
C THR C 62 -15.76 27.79 16.59
N PHE C 63 -15.05 26.68 16.80
CA PHE C 63 -13.60 26.58 16.56
C PHE C 63 -13.16 25.13 16.71
N ASN C 64 -12.59 24.58 15.64
CA ASN C 64 -12.13 23.20 15.64
C ASN C 64 -10.65 23.17 15.23
N GLY C 65 -9.92 24.21 15.60
CA GLY C 65 -8.51 24.29 15.24
C GLY C 65 -8.31 24.83 13.84
N LEU C 66 -7.10 25.24 13.54
CA LEU C 66 -6.77 25.76 12.21
C LEU C 66 -6.60 24.61 11.24
N ASN C 67 -6.77 24.90 9.95
CA ASN C 67 -6.57 23.90 8.92
C ASN C 67 -5.06 23.70 8.79
N GLU C 68 -4.66 22.69 8.04
CA GLU C 68 -3.25 22.40 7.84
C GLU C 68 -2.51 23.61 7.25
N ASP C 69 -3.17 24.31 6.33
CA ASP C 69 -2.56 25.47 5.70
C ASP C 69 -2.66 26.71 6.60
N GLY C 70 -3.03 26.47 7.86
CA GLY C 70 -3.13 27.56 8.83
C GLY C 70 -4.36 28.43 8.72
N THR C 71 -5.32 28.02 7.90
CA THR C 71 -6.53 28.78 7.72
C THR C 71 -7.67 28.32 8.64
N ASN C 72 -8.67 29.17 8.77
CA ASN C 72 -9.87 28.88 9.55
C ASN C 72 -10.96 29.79 9.00
N PRO C 73 -11.44 29.49 7.78
CA PRO C 73 -12.48 30.27 7.12
C PRO C 73 -13.76 30.26 7.95
N GLY C 74 -14.32 31.43 8.20
CA GLY C 74 -15.54 31.47 8.97
C GLY C 74 -16.07 32.85 9.29
N PRO C 75 -17.27 32.93 9.86
CA PRO C 75 -17.86 34.23 10.20
C PRO C 75 -17.30 34.67 11.55
N ILE C 76 -17.71 35.86 11.99
CA ILE C 76 -17.32 36.38 13.29
C ILE C 76 -18.53 36.06 14.14
N PHE C 77 -18.32 35.27 15.19
CA PHE C 77 -19.41 34.89 16.07
C PHE C 77 -19.61 35.84 17.26
N ILE C 78 -20.76 36.50 17.29
CA ILE C 78 -21.07 37.42 18.37
C ILE C 78 -21.76 36.67 19.49
N PRO C 79 -21.15 36.63 20.69
CA PRO C 79 -21.78 35.92 21.81
C PRO C 79 -23.10 36.62 22.17
N ARG C 80 -24.09 35.85 22.60
CA ARG C 80 -25.39 36.40 22.96
C ARG C 80 -25.28 37.41 24.10
N GLY C 81 -25.86 38.60 23.88
CA GLY C 81 -25.84 39.64 24.89
C GLY C 81 -24.53 40.41 24.98
N VAL C 82 -23.59 40.09 24.10
CA VAL C 82 -22.30 40.76 24.10
C VAL C 82 -22.26 41.90 23.09
N LYS C 83 -21.68 43.03 23.48
CA LYS C 83 -21.55 44.15 22.56
C LYS C 83 -20.09 44.12 22.12
N VAL C 84 -19.87 43.80 20.85
CA VAL C 84 -18.54 43.68 20.28
C VAL C 84 -18.01 44.92 19.57
N HIS C 85 -16.80 45.31 19.94
CA HIS C 85 -16.13 46.46 19.34
C HIS C 85 -15.03 45.95 18.41
N HIS C 86 -14.89 46.60 17.25
CA HIS C 86 -13.87 46.22 16.28
C HIS C 86 -12.70 47.18 16.42
N GLU C 87 -11.49 46.66 16.22
CA GLU C 87 -10.27 47.46 16.29
C GLU C 87 -9.29 46.95 15.24
N ILE C 88 -9.14 47.69 14.16
CA ILE C 88 -8.23 47.30 13.09
C ILE C 88 -6.81 47.61 13.55
N GLU C 89 -5.89 46.69 13.32
CA GLU C 89 -4.50 46.86 13.75
C GLU C 89 -3.48 46.15 12.85
N LEU C 90 -2.26 46.66 12.89
CA LEU C 90 -1.14 46.10 12.13
C LEU C 90 -0.52 45.04 13.04
N ALA C 91 -0.29 43.85 12.47
CA ALA C 91 0.31 42.74 13.21
C ALA C 91 1.71 42.41 12.71
N LEU C 92 2.65 42.29 13.64
CA LEU C 92 4.02 41.94 13.30
C LEU C 92 4.21 40.44 13.51
N ILE C 93 4.98 39.81 12.63
CA ILE C 93 5.26 38.38 12.74
C ILE C 93 6.74 38.24 13.07
N VAL C 94 7.04 38.05 14.35
CA VAL C 94 8.41 37.90 14.83
C VAL C 94 9.13 36.73 14.14
N SER C 95 10.42 36.91 13.87
CA SER C 95 11.21 35.87 13.22
C SER C 95 12.46 35.49 14.01
N LYS C 96 12.56 35.95 15.25
CA LYS C 96 13.70 35.61 16.08
C LYS C 96 13.51 35.86 17.56
N HIS C 97 14.44 35.31 18.35
CA HIS C 97 14.39 35.44 19.79
C HIS C 97 14.74 36.84 20.26
N LEU C 98 13.87 37.39 21.08
CA LEU C 98 14.10 38.72 21.64
C LEU C 98 13.90 38.62 23.15
N SER C 99 15.00 38.63 23.90
CA SER C 99 14.89 38.51 25.34
C SER C 99 15.74 39.56 26.05
N ASN C 100 15.07 40.40 26.84
CA ASN C 100 15.73 41.45 27.61
C ASN C 100 16.60 42.39 26.78
N VAL C 101 16.04 42.82 25.65
CA VAL C 101 16.73 43.75 24.76
C VAL C 101 16.66 45.11 25.46
N THR C 102 17.75 45.85 25.47
CA THR C 102 17.75 47.16 26.14
C THR C 102 17.34 48.25 25.15
N LYS C 103 17.87 48.19 23.94
CA LYS C 103 17.51 49.18 22.93
C LYS C 103 17.51 48.53 21.56
N MSE C 104 16.56 48.94 20.72
CA MSE C 104 16.46 48.41 19.36
C MSE C 104 16.26 49.59 18.42
O MSE C 104 15.38 50.42 18.66
CB MSE C 104 15.26 47.45 19.23
CG MSE C 104 15.14 46.81 17.86
SE MSE C 104 13.53 45.78 17.61
CE MSE C 104 14.04 44.20 18.58
N LYS C 105 17.07 49.67 17.37
CA LYS C 105 16.92 50.77 16.43
C LYS C 105 15.77 50.43 15.50
N PRO C 106 15.12 51.45 14.91
CA PRO C 106 14.00 51.20 14.01
C PRO C 106 14.29 50.26 12.84
N GLU C 107 15.52 50.23 12.34
CA GLU C 107 15.85 49.35 11.21
C GLU C 107 15.89 47.89 11.64
N GLU C 108 16.15 47.66 12.91
CA GLU C 108 16.21 46.31 13.44
C GLU C 108 14.84 45.63 13.45
N VAL C 109 13.77 46.43 13.44
CA VAL C 109 12.43 45.88 13.42
C VAL C 109 12.25 44.99 12.20
N TYR C 110 12.74 45.47 11.06
CA TYR C 110 12.65 44.73 9.81
C TYR C 110 13.45 43.44 9.96
N ASP C 111 14.58 43.52 10.66
CA ASP C 111 15.43 42.36 10.86
C ASP C 111 14.84 41.34 11.82
N SER C 112 13.87 41.77 12.64
CA SER C 112 13.28 40.89 13.64
C SER C 112 11.94 40.27 13.29
N ILE C 113 11.45 40.58 12.08
CA ILE C 113 10.17 40.04 11.65
C ILE C 113 10.32 39.32 10.33
N SER C 114 9.29 38.57 9.93
CA SER C 114 9.36 37.86 8.66
C SER C 114 8.27 38.42 7.75
N GLY C 115 7.45 39.30 8.32
CA GLY C 115 6.39 39.91 7.57
C GLY C 115 5.41 40.60 8.48
N VAL C 116 4.35 41.14 7.89
CA VAL C 116 3.31 41.85 8.63
C VAL C 116 1.97 41.28 8.19
N ALA C 117 0.93 41.56 8.97
CA ALA C 117 -0.41 41.08 8.64
C ALA C 117 -1.46 42.07 9.15
N LEU C 118 -2.69 41.93 8.69
CA LEU C 118 -3.78 42.81 9.10
C LEU C 118 -4.71 42.03 10.01
N ALA C 119 -4.95 42.56 11.21
CA ALA C 119 -5.82 41.87 12.15
C ALA C 119 -6.87 42.74 12.81
N LEU C 120 -7.94 42.10 13.27
CA LEU C 120 -9.01 42.78 13.97
C LEU C 120 -8.96 42.33 15.43
N ASP C 121 -8.71 43.26 16.34
CA ASP C 121 -8.68 42.93 17.77
C ASP C 121 -10.08 43.17 18.29
N LEU C 122 -10.93 42.15 18.17
CA LEU C 122 -12.32 42.24 18.62
C LEU C 122 -12.39 42.13 20.12
N THR C 123 -13.27 42.93 20.70
CA THR C 123 -13.44 42.97 22.14
C THR C 123 -14.90 42.95 22.58
N ALA C 124 -15.18 42.16 23.61
CA ALA C 124 -16.51 42.08 24.18
C ALA C 124 -16.55 43.25 25.17
N ARG C 125 -16.89 44.42 24.66
CA ARG C 125 -16.94 45.66 25.43
C ARG C 125 -17.67 45.58 26.77
N ASN C 126 -18.94 45.19 26.75
CA ASN C 126 -19.68 45.12 27.99
C ASN C 126 -19.06 44.09 28.94
N VAL C 127 -18.56 42.99 28.40
CA VAL C 127 -17.93 41.98 29.25
C VAL C 127 -16.66 42.58 29.84
N GLN C 128 -16.01 43.45 29.08
CA GLN C 128 -14.79 44.10 29.53
C GLN C 128 -15.06 45.13 30.62
N ASP C 129 -16.10 45.94 30.44
CA ASP C 129 -16.45 46.97 31.42
C ASP C 129 -16.68 46.32 32.77
N GLU C 130 -17.26 45.11 32.75
CA GLU C 130 -17.53 44.39 33.96
C GLU C 130 -16.23 43.92 34.62
N ALA C 131 -15.29 43.41 33.81
CA ALA C 131 -14.02 42.94 34.34
C ALA C 131 -13.25 44.10 34.99
N LYS C 132 -13.24 45.24 34.31
CA LYS C 132 -12.57 46.44 34.79
C LYS C 132 -13.09 46.88 36.16
N LYS C 133 -14.40 46.99 36.28
CA LYS C 133 -15.04 47.44 37.52
C LYS C 133 -14.99 46.44 38.66
N LYS C 134 -14.34 45.31 38.42
CA LYS C 134 -14.19 44.28 39.44
C LYS C 134 -12.72 43.89 39.57
N GLY C 135 -11.86 44.62 38.86
CA GLY C 135 -10.43 44.32 38.90
C GLY C 135 -10.10 42.90 38.47
N LEU C 136 -10.85 42.37 37.51
CA LEU C 136 -10.60 41.01 37.03
C LEU C 136 -9.98 40.97 35.63
N PRO C 137 -9.49 39.79 35.21
CA PRO C 137 -8.86 39.66 33.90
C PRO C 137 -9.70 39.87 32.62
N TRP C 138 -9.00 40.34 31.59
CA TRP C 138 -9.59 40.63 30.28
C TRP C 138 -9.67 39.43 29.33
N THR C 139 -9.04 38.32 29.71
CA THR C 139 -9.00 37.15 28.84
C THR C 139 -10.29 36.81 28.11
N ILE C 140 -11.40 36.68 28.81
CA ILE C 140 -12.64 36.33 28.14
C ILE C 140 -13.12 37.39 27.16
N SER C 141 -13.15 38.65 27.60
CA SER C 141 -13.60 39.72 26.71
C SER C 141 -12.73 39.87 25.46
N LYS C 142 -11.49 39.42 25.55
CA LYS C 142 -10.56 39.52 24.43
C LYS C 142 -10.34 38.21 23.67
N GLY C 143 -10.75 37.09 24.26
CA GLY C 143 -10.51 35.80 23.64
C GLY C 143 -11.62 34.92 23.10
N PHE C 144 -12.85 35.43 23.00
CA PHE C 144 -13.92 34.59 22.45
C PHE C 144 -13.50 34.03 21.10
N ASP C 145 -14.03 32.88 20.72
CA ASP C 145 -13.68 32.31 19.43
C ASP C 145 -13.93 33.35 18.34
N THR C 146 -13.11 33.32 17.30
CA THR C 146 -13.19 34.25 16.16
C THR C 146 -12.90 35.70 16.56
N PHE C 147 -12.34 35.93 17.75
CA PHE C 147 -12.07 37.30 18.16
C PHE C 147 -10.80 37.96 17.61
N MSE C 148 -10.10 37.25 16.75
CA MSE C 148 -8.97 37.84 16.07
C MSE C 148 -8.99 37.51 14.58
O MSE C 148 -8.21 36.69 14.11
CB MSE C 148 -7.60 37.44 16.62
CG MSE C 148 -6.54 38.30 15.94
SE MSE C 148 -4.66 38.10 16.31
CE MSE C 148 -4.35 36.42 15.42
N PRO C 149 -9.93 38.13 13.83
CA PRO C 149 -9.98 37.84 12.39
C PRO C 149 -8.63 38.33 11.87
N ILE C 150 -8.01 37.58 10.98
CA ILE C 150 -6.72 38.02 10.50
C ILE C 150 -6.48 37.66 9.04
N SER C 151 -5.63 38.44 8.37
CA SER C 151 -5.31 38.22 6.96
C SER C 151 -4.15 37.27 6.76
N ALA C 152 -3.76 37.10 5.50
CA ALA C 152 -2.64 36.27 5.12
C ALA C 152 -1.44 37.16 5.37
N ILE C 153 -0.25 36.58 5.45
CA ILE C 153 0.94 37.37 5.71
C ILE C 153 1.45 38.12 4.47
N VAL C 154 2.11 39.25 4.74
CA VAL C 154 2.73 40.04 3.68
C VAL C 154 4.19 39.89 4.06
N SER C 155 4.93 39.11 3.29
CA SER C 155 6.35 38.87 3.56
C SER C 155 7.12 40.17 3.50
N ARG C 156 8.15 40.30 4.33
CA ARG C 156 8.94 41.51 4.38
C ARG C 156 9.60 41.86 3.04
N GLU C 157 9.75 40.87 2.18
CA GLU C 157 10.34 41.07 0.87
C GLU C 157 9.54 42.09 0.08
N LYS C 158 8.22 42.00 0.20
CA LYS C 158 7.31 42.90 -0.51
C LYS C 158 7.45 44.35 -0.08
N PHE C 159 8.15 44.59 1.01
CA PHE C 159 8.37 45.95 1.46
C PHE C 159 9.81 46.17 1.87
N SER C 160 10.71 45.35 1.32
CA SER C 160 12.13 45.45 1.66
C SER C 160 12.83 46.77 1.29
N SER C 161 12.31 47.50 0.33
CA SER C 161 12.95 48.76 -0.04
C SER C 161 12.60 49.85 0.98
N TYR C 162 11.77 49.49 1.96
CA TYR C 162 11.38 50.45 2.98
C TYR C 162 11.84 50.05 4.39
N LYS C 163 12.91 49.29 4.48
CA LYS C 163 13.40 48.87 5.78
C LYS C 163 13.79 50.06 6.66
N SER C 164 14.27 51.14 6.03
CA SER C 164 14.69 52.33 6.75
C SER C 164 13.55 53.28 7.10
N ASN C 165 12.31 52.88 6.83
CA ASN C 165 11.18 53.75 7.10
C ASN C 165 9.85 53.02 7.31
N LEU C 166 9.91 51.75 7.71
CA LEU C 166 8.66 51.00 7.86
C LEU C 166 7.68 51.49 8.92
N GLN C 167 8.14 52.29 9.86
CA GLN C 167 7.25 52.81 10.89
C GLN C 167 6.16 53.71 10.29
N ASP C 168 6.45 54.32 9.15
CA ASP C 168 5.49 55.25 8.54
C ASP C 168 4.85 54.84 7.22
N ILE C 169 5.20 53.69 6.67
CA ILE C 169 4.63 53.27 5.38
C ILE C 169 3.26 52.61 5.41
N PHE C 170 2.83 52.14 6.57
CA PHE C 170 1.54 51.46 6.65
C PHE C 170 0.38 52.33 7.08
N ARG C 171 -0.81 51.90 6.67
CA ARG C 171 -2.06 52.59 6.98
C ARG C 171 -3.16 51.53 7.03
N VAL C 172 -4.02 51.60 8.04
CA VAL C 172 -5.10 50.63 8.21
C VAL C 172 -6.49 51.25 8.18
N LYS C 173 -7.43 50.56 7.55
CA LYS C 173 -8.81 51.04 7.46
C LYS C 173 -9.83 49.95 7.76
N CYS C 174 -10.95 50.36 8.37
CA CYS C 174 -12.01 49.43 8.68
C CYS C 174 -13.34 50.07 8.35
N SER C 175 -14.23 49.30 7.75
CA SER C 175 -15.55 49.81 7.37
C SER C 175 -16.64 48.79 7.69
N VAL C 176 -17.79 49.27 8.15
CA VAL C 176 -18.91 48.39 8.48
C VAL C 176 -20.17 48.75 7.69
N ASN C 177 -20.67 47.78 6.93
CA ASN C 177 -21.86 47.96 6.10
C ASN C 177 -21.72 49.16 5.19
N GLY C 178 -20.53 49.31 4.61
CA GLY C 178 -20.25 50.39 3.70
C GLY C 178 -19.69 51.66 4.33
N GLN C 179 -19.86 51.83 5.64
CA GLN C 179 -19.37 53.03 6.32
C GLN C 179 -17.94 52.90 6.84
N LEU C 180 -17.10 53.89 6.51
CA LEU C 180 -15.71 53.90 6.97
C LEU C 180 -15.71 54.36 8.41
N ARG C 181 -14.95 53.67 9.27
CA ARG C 181 -14.91 54.05 10.68
C ARG C 181 -13.51 54.31 11.20
N GLN C 182 -12.54 53.53 10.74
CA GLN C 182 -11.16 53.71 11.16
C GLN C 182 -10.29 53.92 9.93
N ASP C 183 -9.37 54.87 10.02
CA ASP C 183 -8.50 55.16 8.90
C ASP C 183 -7.29 55.98 9.35
N GLY C 184 -6.24 55.30 9.80
CA GLY C 184 -5.05 55.98 10.25
C GLY C 184 -3.78 55.24 9.87
N GLY C 185 -2.66 55.96 9.83
CA GLY C 185 -1.41 55.32 9.48
C GLY C 185 -0.60 54.95 10.70
N THR C 186 0.42 54.11 10.50
CA THR C 186 1.25 53.70 11.62
C THR C 186 2.14 54.86 12.08
N ASN C 187 2.09 55.98 11.36
CA ASN C 187 2.89 57.16 11.72
C ASN C 187 2.22 57.94 12.84
N LEU C 188 1.05 57.49 13.25
CA LEU C 188 0.30 58.12 14.33
C LEU C 188 0.58 57.40 15.65
N MSE C 189 1.27 56.28 15.58
CA MSE C 189 1.60 55.44 16.73
C MSE C 189 2.32 56.17 17.87
O MSE C 189 3.35 56.82 17.66
CB MSE C 189 2.42 54.24 16.25
CG MSE C 189 2.32 53.00 17.12
SE MSE C 189 3.09 51.42 16.28
CE MSE C 189 1.61 51.00 15.11
N LEU C 190 1.80 56.04 19.09
CA LEU C 190 2.39 56.67 20.27
C LEU C 190 3.69 55.98 20.69
N HIS C 191 3.70 54.66 20.64
CA HIS C 191 4.89 53.90 20.96
C HIS C 191 5.30 53.14 19.69
N PRO C 192 6.37 53.60 19.03
CA PRO C 192 6.91 53.03 17.80
C PRO C 192 7.24 51.54 17.87
N LEU C 193 7.18 50.90 16.71
CA LEU C 193 7.45 49.48 16.58
C LEU C 193 8.71 49.01 17.30
N HIS C 194 9.84 49.68 17.10
CA HIS C 194 11.08 49.26 17.76
C HIS C 194 11.00 49.32 19.28
N LYS C 195 10.15 50.18 19.81
CA LYS C 195 10.00 50.31 21.25
C LYS C 195 9.06 49.24 21.81
N ILE C 196 8.06 48.86 21.01
CA ILE C 196 7.11 47.84 21.42
C ILE C 196 7.79 46.49 21.63
N LEU C 197 8.53 46.06 20.61
CA LEU C 197 9.26 44.79 20.66
C LEU C 197 10.26 44.82 21.81
N GLN C 198 11.05 45.89 21.87
CA GLN C 198 12.06 46.02 22.89
C GLN C 198 11.51 45.98 24.31
N HIS C 199 10.46 46.77 24.56
CA HIS C 199 9.90 46.82 25.89
C HIS C 199 9.28 45.51 26.36
N ILE C 200 8.49 44.88 25.51
CA ILE C 200 7.85 43.63 25.88
C ILE C 200 8.92 42.59 26.25
N SER C 201 10.00 42.57 25.49
CA SER C 201 11.08 41.59 25.71
C SER C 201 11.66 41.65 27.12
N THR C 202 11.56 42.80 27.77
CA THR C 202 12.11 42.93 29.11
C THR C 202 11.26 42.24 30.18
N MSE C 203 10.12 41.68 29.78
CA MSE C 203 9.22 40.99 30.70
C MSE C 203 8.81 39.64 30.13
O MSE C 203 8.97 38.59 30.77
CB MSE C 203 7.99 41.86 30.95
CG MSE C 203 8.34 43.29 31.35
SE MSE C 203 6.86 44.54 31.38
CE MSE C 203 6.45 44.54 29.48
N ILE C 204 8.27 39.66 28.93
CA ILE C 204 7.83 38.46 28.24
C ILE C 204 8.63 38.35 26.96
N SER C 205 9.58 37.41 26.94
CA SER C 205 10.43 37.23 25.78
C SER C 205 9.69 36.85 24.49
N LEU C 206 10.29 37.20 23.36
CA LEU C 206 9.69 36.91 22.07
C LEU C 206 10.48 35.85 21.32
N GLU C 207 9.76 35.00 20.60
CA GLU C 207 10.39 33.94 19.83
C GLU C 207 9.80 33.90 18.43
N PRO C 208 10.52 33.29 17.47
CA PRO C 208 9.99 33.21 16.09
C PRO C 208 8.55 32.71 16.06
N GLY C 209 7.70 33.39 15.30
CA GLY C 209 6.31 32.96 15.20
C GLY C 209 5.33 33.78 16.00
N ASP C 210 5.83 34.49 17.00
CA ASP C 210 4.98 35.33 17.84
C ASP C 210 4.31 36.46 17.06
N ILE C 211 3.02 36.66 17.32
CA ILE C 211 2.24 37.70 16.66
C ILE C 211 2.04 38.87 17.62
N ILE C 212 2.42 40.07 17.16
CA ILE C 212 2.30 41.28 17.96
C ILE C 212 1.28 42.27 17.37
N LEU C 213 0.22 42.56 18.09
CA LEU C 213 -0.75 43.54 17.57
C LEU C 213 -0.27 44.89 18.10
N THR C 214 -0.04 45.83 17.19
CA THR C 214 0.50 47.14 17.54
C THR C 214 -0.43 48.27 17.88
N GLY C 215 -1.71 47.98 18.07
CA GLY C 215 -2.64 49.04 18.43
C GLY C 215 -3.59 49.42 17.32
N THR C 216 -4.60 50.22 17.66
CA THR C 216 -5.60 50.64 16.69
C THR C 216 -5.80 52.16 16.67
N PRO C 217 -6.21 52.70 15.52
CA PRO C 217 -6.43 54.15 15.45
C PRO C 217 -7.81 54.50 15.97
N ALA C 218 -8.09 55.78 16.10
CA ALA C 218 -9.38 56.24 16.59
C ALA C 218 -10.52 55.75 15.69
N GLY C 219 -11.72 55.68 16.24
CA GLY C 219 -12.87 55.25 15.45
C GLY C 219 -13.48 53.91 15.81
N VAL C 220 -13.08 53.33 16.94
CA VAL C 220 -13.63 52.05 17.35
C VAL C 220 -15.17 52.14 17.34
N GLY C 221 -15.82 51.08 16.88
CA GLY C 221 -17.27 51.06 16.80
C GLY C 221 -17.85 49.69 17.13
N GLU C 222 -19.15 49.54 16.94
CA GLU C 222 -19.82 48.28 17.26
C GLU C 222 -20.13 47.35 16.09
N LEU C 223 -20.03 46.05 16.35
CA LEU C 223 -20.34 45.02 15.36
C LEU C 223 -21.57 44.28 15.88
N LYS C 224 -22.56 44.10 15.02
CA LYS C 224 -23.81 43.41 15.37
C LYS C 224 -24.03 42.27 14.38
N PRO C 225 -24.72 41.21 14.82
CA PRO C 225 -24.95 40.11 13.87
C PRO C 225 -25.61 40.58 12.58
N GLY C 226 -25.02 40.20 11.46
CA GLY C 226 -25.54 40.62 10.17
C GLY C 226 -24.66 41.65 9.50
N ASP C 227 -23.83 42.32 10.30
CA ASP C 227 -22.95 43.35 9.75
C ASP C 227 -21.88 42.74 8.84
N ARG C 228 -21.44 43.53 7.87
CA ARG C 228 -20.42 43.11 6.92
C ARG C 228 -19.22 43.99 7.21
N VAL C 229 -18.07 43.35 7.42
CA VAL C 229 -16.87 44.07 7.76
C VAL C 229 -15.81 44.05 6.68
N HIS C 230 -15.36 45.23 6.31
CA HIS C 230 -14.36 45.38 5.28
C HIS C 230 -13.16 46.11 5.89
N CYS C 231 -12.00 45.46 5.85
CA CYS C 231 -10.80 46.04 6.42
C CYS C 231 -9.71 46.01 5.36
N GLU C 232 -8.73 46.89 5.48
CA GLU C 232 -7.65 46.88 4.51
C GLU C 232 -6.35 47.47 5.03
N LEU C 233 -5.26 46.98 4.47
CA LEU C 233 -3.93 47.43 4.85
C LEU C 233 -3.29 48.09 3.62
N LEU C 234 -2.77 49.29 3.80
CA LEU C 234 -2.12 49.99 2.69
C LEU C 234 -0.65 50.24 2.98
N GLN C 235 0.17 50.16 1.94
CA GLN C 235 1.60 50.38 2.03
C GLN C 235 1.92 51.51 1.04
N ASN C 236 2.40 52.64 1.58
CA ASN C 236 2.68 53.82 0.78
C ASN C 236 1.41 54.14 0.01
N ASN C 237 0.29 53.95 0.70
CA ASN C 237 -1.04 54.20 0.19
C ASN C 237 -1.54 53.31 -0.96
N ASP C 238 -0.93 52.13 -1.10
CA ASP C 238 -1.33 51.17 -2.12
C ASP C 238 -1.89 49.96 -1.36
N ASN C 239 -3.11 49.57 -1.68
CA ASN C 239 -3.75 48.43 -1.01
C ASN C 239 -2.91 47.14 -1.13
N ILE C 240 -2.58 46.54 0.00
CA ILE C 240 -1.80 45.29 -0.02
C ILE C 240 -2.54 44.16 0.68
N VAL C 241 -3.61 44.52 1.39
CA VAL C 241 -4.44 43.54 2.07
C VAL C 241 -5.85 44.09 2.09
N ASP C 242 -6.79 43.25 1.67
CA ASP C 242 -8.19 43.60 1.60
C ASP C 242 -9.00 42.38 1.99
N MSE C 243 -9.57 42.39 3.20
CA MSE C 243 -10.36 41.26 3.68
C MSE C 243 -11.79 41.62 4.09
O MSE C 243 -12.10 42.79 4.38
CB MSE C 243 -9.66 40.59 4.87
CG MSE C 243 -9.43 41.51 6.06
SE MSE C 243 -8.21 40.65 7.33
CE MSE C 243 -8.61 41.68 8.90
N ASN C 244 -12.64 40.61 4.12
CA ASN C 244 -14.04 40.78 4.50
C ASN C 244 -14.50 39.64 5.42
N PHE C 245 -15.33 39.99 6.40
CA PHE C 245 -15.88 39.03 7.34
C PHE C 245 -17.34 39.39 7.55
N GLU C 246 -18.14 38.44 8.01
CA GLU C 246 -19.55 38.70 8.29
C GLU C 246 -19.87 38.26 9.71
N CYS C 247 -20.74 39.01 10.38
CA CYS C 247 -21.11 38.71 11.75
C CYS C 247 -22.38 37.87 11.88
N GLU C 248 -22.34 36.95 12.84
CA GLU C 248 -23.44 36.02 13.10
C GLU C 248 -23.54 35.79 14.61
N ASN C 249 -24.71 35.35 15.07
CA ASN C 249 -24.90 35.07 16.49
C ASN C 249 -24.04 33.86 16.80
N ARG C 250 -23.48 33.80 18.00
CA ARG C 250 -22.68 32.63 18.37
C ARG C 250 -23.57 31.52 18.90
N PRO C 251 -23.41 30.30 18.37
CA PRO C 251 -24.20 29.16 18.82
C PRO C 251 -23.76 28.85 20.24
N GLY C 252 -24.20 27.69 20.76
CA GLY C 252 -23.81 27.31 22.10
C GLY C 252 -24.68 27.89 23.20
N PRO C 253 -24.53 27.40 24.43
CA PRO C 253 -25.30 27.84 25.58
C PRO C 253 -24.90 29.19 26.19
N TYR C 254 -23.77 29.75 25.78
CA TYR C 254 -23.32 31.00 26.36
C TYR C 254 -24.24 32.21 26.11
N GLU C 255 -24.30 33.09 27.09
CA GLU C 255 -25.10 34.32 27.04
C GLU C 255 -24.66 35.25 28.15
N PHE C 256 -24.14 36.42 27.78
CA PHE C 256 -23.69 37.39 28.76
C PHE C 256 -24.81 37.91 29.62
N ARG C 257 -24.63 37.82 30.94
CA ARG C 257 -25.67 38.28 31.84
C ARG C 257 -25.17 39.14 33.02
N GLU C 258 -25.71 40.37 33.04
CA GLU C 258 -25.47 41.41 34.04
C GLU C 258 -25.94 40.92 35.40
N SER D 2 8.80 12.51 30.22
CA SER D 2 8.46 13.15 28.92
C SER D 2 7.86 14.53 29.11
N TYR D 3 8.44 15.52 28.43
CA TYR D 3 8.00 16.90 28.49
C TYR D 3 7.54 17.38 27.11
N ASN D 4 7.55 16.47 26.14
CA ASN D 4 7.17 16.81 24.78
C ASN D 4 5.79 17.45 24.60
N TYR D 5 4.85 17.12 25.47
CA TYR D 5 3.50 17.68 25.34
C TYR D 5 3.54 19.21 25.38
N LEU D 6 4.58 19.76 26.02
CA LEU D 6 4.76 21.20 26.12
C LEU D 6 4.85 21.88 24.76
N LYS D 7 5.32 21.14 23.77
CA LYS D 7 5.47 21.68 22.42
C LYS D 7 4.12 21.73 21.70
N ALA D 8 3.19 20.90 22.14
CA ALA D 8 1.88 20.81 21.53
C ALA D 8 0.82 21.67 22.23
N ALA D 9 1.21 22.37 23.29
CA ALA D 9 0.26 23.22 24.00
C ALA D 9 0.10 24.54 23.25
N ARG D 10 -1.03 24.74 22.59
CA ARG D 10 -1.26 25.97 21.86
C ARG D 10 -1.65 27.09 22.82
N LYS D 11 -2.13 26.71 24.00
CA LYS D 11 -2.48 27.71 25.01
C LYS D 11 -2.57 27.15 26.41
N ILE D 12 -2.56 28.07 27.37
CA ILE D 12 -2.66 27.76 28.79
C ILE D 12 -3.78 28.67 29.31
N ILE D 13 -4.87 28.07 29.79
CA ILE D 13 -5.98 28.84 30.35
C ILE D 13 -6.05 28.42 31.81
N CYS D 14 -6.35 29.36 32.69
CA CYS D 14 -6.41 29.08 34.11
C CYS D 14 -7.67 29.66 34.74
N ILE D 15 -8.14 29.00 35.79
CA ILE D 15 -9.31 29.46 36.51
C ILE D 15 -8.77 30.04 37.82
N GLY D 16 -9.44 31.06 38.35
CA GLY D 16 -8.98 31.66 39.60
C GLY D 16 -9.87 31.29 40.77
N ARG D 17 -9.41 31.61 41.98
CA ARG D 17 -10.15 31.35 43.22
C ARG D 17 -11.09 30.15 43.06
N ASN D 18 -10.49 28.96 42.97
CA ASN D 18 -11.23 27.72 42.76
C ASN D 18 -11.03 26.68 43.87
N TYR D 19 -10.63 27.12 45.06
CA TYR D 19 -10.43 26.21 46.18
C TYR D 19 -11.03 26.67 47.49
N ALA D 20 -11.82 25.81 48.11
CA ALA D 20 -12.41 26.13 49.41
C ALA D 20 -11.25 25.96 50.38
N ALA D 21 -11.30 26.67 51.50
CA ALA D 21 -10.24 26.57 52.51
C ALA D 21 -10.37 25.24 53.25
N HIS D 22 -11.60 24.81 53.44
CA HIS D 22 -11.89 23.56 54.13
C HIS D 22 -13.13 22.92 53.50
N ILE D 23 -13.28 21.62 53.72
CA ILE D 23 -14.40 20.88 53.17
C ILE D 23 -15.73 21.31 53.79
N LYS D 24 -15.70 21.67 55.07
CA LYS D 24 -16.90 22.11 55.77
C LYS D 24 -17.67 23.14 54.94
N GLU D 25 -16.92 24.07 54.36
CA GLU D 25 -17.48 25.12 53.53
C GLU D 25 -17.29 24.78 52.05
N LEU D 26 -18.41 24.55 51.37
CA LEU D 26 -18.36 24.22 49.95
C LEU D 26 -19.69 24.53 49.26
N GLN D 33 -19.94 33.03 37.23
CA GLN D 33 -19.29 33.04 38.54
C GLN D 33 -17.76 32.95 38.45
N PRO D 34 -17.22 31.93 37.76
CA PRO D 34 -15.77 31.81 37.66
C PRO D 34 -15.12 32.78 36.68
N PHE D 35 -13.86 33.14 36.94
CA PHE D 35 -13.13 34.03 36.06
C PHE D 35 -11.90 33.31 35.50
N PHE D 36 -11.44 33.71 34.32
CA PHE D 36 -10.30 33.03 33.72
C PHE D 36 -9.23 33.96 33.16
N PHE D 37 -8.06 33.39 32.93
CA PHE D 37 -6.94 34.14 32.38
C PHE D 37 -5.93 33.20 31.72
N LEU D 38 -5.16 33.75 30.78
CA LEU D 38 -4.15 32.99 30.05
C LEU D 38 -2.75 33.22 30.60
N LYS D 39 -1.84 32.33 30.23
CA LYS D 39 -0.42 32.42 30.58
C LYS D 39 0.30 32.08 29.28
N PRO D 40 1.41 32.76 28.97
CA PRO D 40 2.15 32.47 27.74
C PRO D 40 2.94 31.16 27.84
N THR D 41 2.99 30.38 26.76
CA THR D 41 3.76 29.15 26.80
C THR D 41 5.23 29.51 27.02
N SER D 42 5.58 30.76 26.71
CA SER D 42 6.96 31.21 26.88
C SER D 42 7.31 31.40 28.36
N SER D 43 6.31 31.27 29.25
CA SER D 43 6.56 31.42 30.69
C SER D 43 6.95 30.08 31.27
N ILE D 44 6.94 29.05 30.41
CA ILE D 44 7.28 27.69 30.82
C ILE D 44 8.72 27.50 31.25
N VAL D 45 8.92 26.79 32.36
CA VAL D 45 10.27 26.48 32.83
C VAL D 45 10.17 25.09 33.43
N THR D 46 11.19 24.26 33.20
CA THR D 46 11.19 22.92 33.74
C THR D 46 12.41 22.76 34.63
N PRO D 47 12.36 21.82 35.59
CA PRO D 47 13.48 21.60 36.50
C PRO D 47 14.84 21.43 35.84
N LEU D 48 15.88 21.82 36.56
CA LEU D 48 17.24 21.71 36.05
C LEU D 48 17.65 20.31 35.62
N SER D 49 17.01 19.29 36.19
CA SER D 49 17.34 17.91 35.85
C SER D 49 16.43 17.32 34.77
N SER D 50 15.53 18.14 34.23
CA SER D 50 14.58 17.68 33.21
C SER D 50 15.19 17.29 31.86
N PRO D 58 21.99 32.64 25.37
CA PRO D 58 22.63 33.87 25.84
C PRO D 58 22.49 34.12 27.35
N ALA D 59 23.55 34.67 27.92
CA ALA D 59 23.63 34.98 29.34
C ALA D 59 22.52 35.93 29.77
N ASN D 60 22.06 36.78 28.85
CA ASN D 60 21.02 37.73 29.22
C ASN D 60 19.62 37.29 28.84
N SER D 61 19.48 36.04 28.41
CA SER D 61 18.16 35.53 28.02
C SER D 61 17.45 34.86 29.20
N THR D 62 16.15 35.13 29.36
CA THR D 62 15.39 34.48 30.43
C THR D 62 14.42 33.45 29.84
N PHE D 63 14.48 33.29 28.51
CA PHE D 63 13.69 32.33 27.75
C PHE D 63 14.12 32.39 26.29
N ASN D 64 14.62 31.27 25.80
CA ASN D 64 15.12 31.19 24.44
C ASN D 64 14.41 30.08 23.66
N GLY D 65 13.20 29.75 24.08
CA GLY D 65 12.45 28.69 23.41
C GLY D 65 12.68 27.34 24.05
N LEU D 66 11.79 26.38 23.79
CA LEU D 66 11.90 25.04 24.35
C LEU D 66 12.84 24.20 23.49
N ASN D 67 13.46 23.17 24.08
CA ASN D 67 14.36 22.27 23.36
C ASN D 67 13.51 21.30 22.54
N GLU D 68 14.16 20.51 21.67
CA GLU D 68 13.46 19.52 20.86
C GLU D 68 12.65 18.69 21.82
N ASP D 69 13.14 18.67 23.05
CA ASP D 69 12.60 17.96 24.18
C ASP D 69 11.28 18.48 24.72
N GLY D 70 10.99 19.76 24.45
CA GLY D 70 9.79 20.39 24.95
C GLY D 70 10.15 20.86 26.36
N THR D 71 11.39 20.60 26.70
CA THR D 71 11.94 20.92 27.99
C THR D 71 12.57 22.32 28.01
N ASN D 72 12.70 22.90 29.20
CA ASN D 72 13.32 24.21 29.37
C ASN D 72 13.86 24.29 30.78
N PRO D 73 14.92 23.52 31.06
CA PRO D 73 15.58 23.47 32.37
C PRO D 73 16.08 24.84 32.80
N GLY D 74 15.88 25.17 34.08
CA GLY D 74 16.35 26.44 34.53
C GLY D 74 15.76 26.88 35.85
N PRO D 75 16.20 28.04 36.34
CA PRO D 75 15.68 28.54 37.60
C PRO D 75 14.48 29.42 37.31
N ILE D 76 13.85 29.91 38.37
CA ILE D 76 12.73 30.81 38.27
C ILE D 76 13.42 32.17 38.32
N PHE D 77 13.17 33.03 37.36
CA PHE D 77 13.80 34.36 37.33
C PHE D 77 12.91 35.42 37.96
N ILE D 78 13.27 35.84 39.17
CA ILE D 78 12.53 36.85 39.89
C ILE D 78 12.83 38.23 39.30
N PRO D 79 11.82 38.91 38.73
CA PRO D 79 12.05 40.24 38.16
C PRO D 79 12.43 41.18 39.30
N ARG D 80 13.24 42.20 38.99
CA ARG D 80 13.66 43.14 40.02
C ARG D 80 12.50 43.93 40.64
N GLY D 81 12.46 43.96 41.96
CA GLY D 81 11.45 44.69 42.69
C GLY D 81 10.05 44.09 42.65
N VAL D 82 9.96 42.88 42.11
CA VAL D 82 8.67 42.21 42.02
C VAL D 82 8.50 41.18 43.12
N LYS D 83 7.33 41.19 43.76
CA LYS D 83 7.01 40.24 44.81
C LYS D 83 6.35 39.07 44.10
N VAL D 84 7.08 37.97 43.97
CA VAL D 84 6.58 36.79 43.29
C VAL D 84 5.89 35.86 44.28
N HIS D 85 4.65 35.49 43.98
CA HIS D 85 3.87 34.58 44.81
C HIS D 85 3.79 33.24 44.12
N HIS D 86 3.76 32.17 44.91
CA HIS D 86 3.68 30.82 44.38
C HIS D 86 2.28 30.25 44.56
N GLU D 87 1.83 29.52 43.55
CA GLU D 87 0.52 28.89 43.55
C GLU D 87 0.65 27.53 42.89
N ILE D 88 0.76 26.49 43.70
CA ILE D 88 0.87 25.14 43.17
C ILE D 88 -0.50 24.76 42.61
N GLU D 89 -0.53 24.04 41.49
CA GLU D 89 -1.82 23.68 40.89
C GLU D 89 -1.80 22.41 40.05
N LEU D 90 -2.96 21.79 39.90
CA LEU D 90 -3.08 20.60 39.07
C LEU D 90 -3.35 21.07 37.64
N ALA D 91 -2.69 20.45 36.68
CA ALA D 91 -2.87 20.85 35.28
C ALA D 91 -3.40 19.70 34.44
N LEU D 92 -4.48 19.98 33.71
CA LEU D 92 -5.08 19.00 32.82
C LEU D 92 -4.56 19.28 31.41
N ILE D 93 -4.34 18.23 30.64
CA ILE D 93 -3.87 18.36 29.27
C ILE D 93 -4.99 17.81 28.38
N VAL D 94 -5.73 18.72 27.73
CA VAL D 94 -6.85 18.35 26.88
C VAL D 94 -6.39 17.42 25.75
N SER D 95 -7.24 16.46 25.38
CA SER D 95 -6.89 15.53 24.31
C SER D 95 -7.89 15.54 23.17
N LYS D 96 -8.94 16.34 23.28
CA LYS D 96 -9.95 16.40 22.23
C LYS D 96 -10.43 17.83 22.04
N HIS D 97 -11.31 18.02 21.05
CA HIS D 97 -11.86 19.36 20.82
C HIS D 97 -13.09 19.53 21.70
N LEU D 98 -13.12 20.62 22.43
CA LEU D 98 -14.24 20.93 23.31
C LEU D 98 -14.76 22.30 22.89
N SER D 99 -15.94 22.32 22.29
CA SER D 99 -16.53 23.57 21.84
C SER D 99 -18.02 23.62 22.11
N ASN D 100 -18.43 24.59 22.92
CA ASN D 100 -19.83 24.77 23.27
C ASN D 100 -20.50 23.51 23.82
N VAL D 101 -19.85 22.89 24.79
CA VAL D 101 -20.39 21.69 25.43
C VAL D 101 -21.45 22.13 26.43
N THR D 102 -22.65 21.57 26.32
CA THR D 102 -23.74 21.94 27.24
C THR D 102 -23.57 21.37 28.64
N LYS D 103 -23.00 20.17 28.74
CA LYS D 103 -22.74 19.57 30.03
C LYS D 103 -21.78 18.40 29.94
N MSE D 104 -20.98 18.23 30.99
CA MSE D 104 -20.03 17.14 31.04
C MSE D 104 -20.14 16.49 32.41
O MSE D 104 -20.21 17.18 33.43
CB MSE D 104 -18.60 17.65 30.85
CG MSE D 104 -17.59 16.50 30.81
SE MSE D 104 -15.76 17.02 30.71
CE MSE D 104 -15.80 17.87 28.97
N LYS D 105 -20.15 15.17 32.43
CA LYS D 105 -20.23 14.45 33.68
C LYS D 105 -18.82 14.15 34.16
N PRO D 106 -18.65 13.91 35.46
CA PRO D 106 -17.32 13.63 35.98
C PRO D 106 -16.63 12.43 35.33
N GLU D 107 -17.41 11.55 34.71
CA GLU D 107 -16.81 10.38 34.08
C GLU D 107 -16.19 10.71 32.73
N GLU D 108 -16.58 11.85 32.16
CA GLU D 108 -16.07 12.26 30.85
C GLU D 108 -14.74 13.01 30.89
N VAL D 109 -14.32 13.45 32.08
CA VAL D 109 -13.07 14.18 32.20
C VAL D 109 -11.90 13.31 31.72
N TYR D 110 -11.88 12.07 32.21
CA TYR D 110 -10.83 11.12 31.85
C TYR D 110 -10.70 10.95 30.33
N ASP D 111 -11.81 10.80 29.63
CA ASP D 111 -11.78 10.63 28.18
C ASP D 111 -11.47 11.94 27.47
N SER D 112 -11.43 13.04 28.21
CA SER D 112 -11.17 14.34 27.61
C SER D 112 -9.73 14.83 27.77
N ILE D 113 -8.92 14.08 28.52
CA ILE D 113 -7.53 14.46 28.75
C ILE D 113 -6.52 13.39 28.35
N SER D 114 -5.29 13.80 28.08
CA SER D 114 -4.24 12.86 27.71
C SER D 114 -3.41 12.54 28.96
N GLY D 115 -3.49 13.41 29.95
CA GLY D 115 -2.74 13.21 31.17
C GLY D 115 -2.90 14.40 32.08
N VAL D 116 -2.19 14.36 33.21
CA VAL D 116 -2.21 15.42 34.21
C VAL D 116 -0.77 15.82 34.52
N ALA D 117 -0.55 17.06 34.96
CA ALA D 117 0.78 17.56 35.33
C ALA D 117 0.71 18.52 36.52
N LEU D 118 1.87 18.74 37.16
CA LEU D 118 1.99 19.62 38.32
C LEU D 118 2.60 20.95 37.89
N ALA D 119 1.91 22.04 38.20
CA ALA D 119 2.38 23.37 37.79
C ALA D 119 2.28 24.44 38.86
N LEU D 120 3.14 25.44 38.75
CA LEU D 120 3.15 26.58 39.67
C LEU D 120 2.71 27.78 38.84
N ASP D 121 1.64 28.43 39.26
CA ASP D 121 1.15 29.59 38.54
C ASP D 121 1.77 30.80 39.22
N LEU D 122 3.02 31.08 38.88
CA LEU D 122 3.72 32.21 39.50
C LEU D 122 3.06 33.52 39.12
N THR D 123 2.93 34.41 40.10
CA THR D 123 2.28 35.68 39.89
C THR D 123 3.11 36.82 40.49
N ALA D 124 3.08 37.97 39.82
CA ALA D 124 3.80 39.13 40.31
C ALA D 124 2.75 39.90 41.12
N ARG D 125 2.60 39.51 42.39
CA ARG D 125 1.62 40.10 43.28
C ARG D 125 1.53 41.63 43.30
N ASN D 126 2.67 42.31 43.34
CA ASN D 126 2.65 43.77 43.37
C ASN D 126 2.27 44.37 42.03
N VAL D 127 2.77 43.77 40.95
CA VAL D 127 2.42 44.26 39.62
C VAL D 127 0.92 44.06 39.45
N GLN D 128 0.46 42.88 39.86
CA GLN D 128 -0.96 42.53 39.76
C GLN D 128 -1.85 43.44 40.61
N ASP D 129 -1.39 43.82 41.80
CA ASP D 129 -2.19 44.68 42.67
C ASP D 129 -2.48 46.02 41.98
N GLU D 130 -1.44 46.58 41.37
CA GLU D 130 -1.56 47.85 40.66
C GLU D 130 -2.53 47.72 39.49
N ALA D 131 -2.50 46.59 38.80
CA ALA D 131 -3.39 46.34 37.66
C ALA D 131 -4.85 46.20 38.08
N LYS D 132 -5.08 45.46 39.17
CA LYS D 132 -6.43 45.26 39.69
C LYS D 132 -7.05 46.61 39.97
N LYS D 133 -6.32 47.43 40.71
CA LYS D 133 -6.78 48.77 41.08
C LYS D 133 -7.29 49.57 39.89
N LYS D 134 -6.55 49.53 38.78
CA LYS D 134 -6.92 50.26 37.58
C LYS D 134 -7.82 49.46 36.63
N GLY D 135 -8.09 48.21 36.98
CA GLY D 135 -8.91 47.38 36.11
C GLY D 135 -8.21 47.05 34.80
N LEU D 136 -6.89 46.91 34.87
CA LEU D 136 -6.05 46.62 33.70
C LEU D 136 -5.75 45.12 33.55
N PRO D 137 -5.24 44.70 32.38
CA PRO D 137 -4.91 43.28 32.11
C PRO D 137 -3.94 42.66 33.12
N TRP D 138 -4.10 41.37 33.38
CA TRP D 138 -3.24 40.64 34.32
C TRP D 138 -2.06 40.01 33.60
N THR D 139 -2.16 39.94 32.28
CA THR D 139 -1.15 39.33 31.42
C THR D 139 0.30 39.39 31.90
N ILE D 140 0.79 40.59 32.13
CA ILE D 140 2.18 40.71 32.56
C ILE D 140 2.42 40.16 33.96
N SER D 141 1.54 40.48 34.91
CA SER D 141 1.74 40.00 36.27
C SER D 141 1.75 38.48 36.26
N LYS D 142 1.04 37.92 35.29
CA LYS D 142 0.91 36.48 35.17
C LYS D 142 1.78 35.80 34.11
N GLY D 143 2.39 36.60 33.24
CA GLY D 143 3.16 36.00 32.16
C GLY D 143 4.66 36.18 32.05
N PHE D 144 5.32 36.74 33.06
CA PHE D 144 6.77 36.90 33.00
C PHE D 144 7.41 35.56 32.64
N ASP D 145 8.63 35.59 32.09
CA ASP D 145 9.32 34.36 31.76
C ASP D 145 9.50 33.56 33.04
N THR D 146 9.42 32.25 32.91
CA THR D 146 9.56 31.27 33.98
C THR D 146 8.43 31.28 34.99
N PHE D 147 7.39 32.08 34.77
CA PHE D 147 6.29 32.10 35.74
C PHE D 147 5.37 30.89 35.67
N MSE D 148 5.75 29.89 34.87
CA MSE D 148 4.98 28.66 34.89
C MSE D 148 5.88 27.44 34.96
O MSE D 148 6.12 26.78 33.95
CB MSE D 148 4.02 28.46 33.70
CG MSE D 148 3.15 27.23 34.04
SE MSE D 148 1.65 26.61 32.98
CE MSE D 148 2.67 25.67 31.62
N PRO D 149 6.44 27.17 36.16
CA PRO D 149 7.29 25.99 36.32
C PRO D 149 6.34 24.82 36.15
N ILE D 150 6.74 23.79 35.42
CA ILE D 150 5.85 22.66 35.20
C ILE D 150 6.57 21.32 35.09
N SER D 151 5.91 20.28 35.58
CA SER D 151 6.46 18.93 35.56
C SER D 151 6.24 18.21 34.23
N ALA D 152 6.79 17.01 34.12
CA ALA D 152 6.61 16.21 32.93
C ALA D 152 5.16 15.72 33.04
N ILE D 153 4.60 15.18 31.95
CA ILE D 153 3.23 14.71 32.00
C ILE D 153 3.06 13.38 32.73
N VAL D 154 1.91 13.21 33.36
CA VAL D 154 1.60 11.97 34.05
C VAL D 154 0.51 11.29 33.23
N SER D 155 0.86 10.18 32.58
CA SER D 155 -0.08 9.45 31.75
C SER D 155 -1.33 8.97 32.49
N ARG D 156 -2.41 8.79 31.74
CA ARG D 156 -3.66 8.32 32.31
C ARG D 156 -3.52 6.90 32.86
N GLU D 157 -2.50 6.17 32.41
CA GLU D 157 -2.29 4.81 32.89
C GLU D 157 -2.12 4.82 34.40
N LYS D 158 -1.60 5.92 34.94
CA LYS D 158 -1.39 6.03 36.37
C LYS D 158 -2.68 6.07 37.19
N PHE D 159 -3.79 6.44 36.56
CA PHE D 159 -5.06 6.51 37.29
C PHE D 159 -6.28 6.00 36.50
N SER D 160 -6.04 5.08 35.57
CA SER D 160 -7.13 4.55 34.77
C SER D 160 -8.21 3.87 35.61
N SER D 161 -7.84 3.44 36.81
CA SER D 161 -8.78 2.77 37.71
C SER D 161 -9.82 3.70 38.30
N TYR D 162 -9.55 5.01 38.25
CA TYR D 162 -10.48 5.97 38.83
C TYR D 162 -11.18 6.82 37.78
N LYS D 163 -11.10 6.36 36.54
CA LYS D 163 -11.69 7.08 35.41
C LYS D 163 -13.13 7.55 35.61
N SER D 164 -13.91 6.87 36.44
CA SER D 164 -15.30 7.28 36.64
C SER D 164 -15.40 8.60 37.37
N ASN D 165 -14.34 8.97 38.07
CA ASN D 165 -14.32 10.22 38.81
C ASN D 165 -12.92 10.51 39.33
N LEU D 166 -12.32 11.58 38.81
CA LEU D 166 -10.97 11.98 39.18
C LEU D 166 -10.92 13.13 40.18
N GLN D 167 -12.08 13.72 40.42
CA GLN D 167 -12.17 14.88 41.30
C GLN D 167 -11.47 14.83 42.65
N ASP D 168 -11.57 13.72 43.36
CA ASP D 168 -11.02 13.61 44.70
C ASP D 168 -9.74 12.79 44.91
N ILE D 169 -9.07 12.35 43.85
CA ILE D 169 -7.87 11.55 44.07
C ILE D 169 -6.54 12.28 44.18
N PHE D 170 -6.50 13.55 43.77
CA PHE D 170 -5.24 14.29 43.78
C PHE D 170 -5.00 15.29 44.91
N ARG D 171 -3.74 15.44 45.28
CA ARG D 171 -3.35 16.39 46.32
C ARG D 171 -2.12 17.13 45.81
N VAL D 172 -2.10 18.45 46.02
CA VAL D 172 -1.00 19.27 45.56
C VAL D 172 -0.29 19.96 46.73
N LYS D 173 1.04 19.98 46.72
CA LYS D 173 1.75 20.63 47.81
C LYS D 173 3.02 21.38 47.45
N CYS D 174 3.23 22.50 48.14
CA CYS D 174 4.37 23.35 47.87
C CYS D 174 5.10 23.78 49.13
N SER D 175 6.42 23.58 49.14
CA SER D 175 7.25 23.96 50.27
C SER D 175 8.38 24.89 49.82
N VAL D 176 8.69 25.89 50.63
CA VAL D 176 9.76 26.82 50.30
C VAL D 176 10.83 26.72 51.37
N ASN D 177 12.02 26.31 50.99
CA ASN D 177 13.11 26.16 51.94
C ASN D 177 12.71 25.26 53.11
N GLY D 178 12.03 24.15 52.80
CA GLY D 178 11.61 23.21 53.83
C GLY D 178 10.32 23.52 54.56
N GLN D 179 9.77 24.70 54.36
CA GLN D 179 8.52 25.04 55.03
C GLN D 179 7.34 24.69 54.12
N LEU D 180 6.49 23.77 54.56
CA LEU D 180 5.33 23.37 53.77
C LEU D 180 4.27 24.46 53.90
N ARG D 181 3.97 25.14 52.80
CA ARG D 181 3.00 26.24 52.81
C ARG D 181 1.65 25.90 52.21
N GLN D 182 1.67 25.16 51.12
CA GLN D 182 0.44 24.76 50.47
C GLN D 182 0.31 23.25 50.52
N ASP D 183 -0.90 22.79 50.80
CA ASP D 183 -1.18 21.37 50.90
C ASP D 183 -2.69 21.23 50.82
N GLY D 184 -3.20 20.96 49.62
CA GLY D 184 -4.64 20.81 49.47
C GLY D 184 -5.04 19.72 48.51
N GLY D 185 -6.17 19.09 48.79
CA GLY D 185 -6.67 18.04 47.94
C GLY D 185 -7.64 18.62 46.92
N THR D 186 -7.70 18.01 45.74
CA THR D 186 -8.58 18.48 44.69
C THR D 186 -10.05 18.33 45.09
N ASN D 187 -10.30 17.70 46.24
CA ASN D 187 -11.67 17.57 46.70
C ASN D 187 -12.16 18.91 47.27
N LEU D 188 -11.24 19.87 47.36
CA LEU D 188 -11.57 21.19 47.87
C LEU D 188 -11.98 22.16 46.75
N MSE D 189 -11.98 21.67 45.51
CA MSE D 189 -12.32 22.49 44.35
C MSE D 189 -13.75 23.02 44.38
O MSE D 189 -14.70 22.27 44.63
CB MSE D 189 -12.09 21.69 43.07
CG MSE D 189 -11.55 22.51 41.93
SE MSE D 189 -10.88 21.44 40.46
CE MSE D 189 -9.07 21.18 41.05
N LEU D 190 -13.90 24.31 44.11
CA LEU D 190 -15.22 24.94 44.09
C LEU D 190 -15.94 24.62 42.79
N HIS D 191 -15.18 24.59 41.69
CA HIS D 191 -15.73 24.24 40.39
C HIS D 191 -14.98 23.00 39.97
N PRO D 192 -15.64 21.83 40.06
CA PRO D 192 -15.01 20.57 39.69
C PRO D 192 -14.49 20.49 38.24
N LEU D 193 -13.55 19.58 38.04
CA LEU D 193 -12.93 19.37 36.73
C LEU D 193 -13.90 19.37 35.54
N HIS D 194 -14.96 18.57 35.61
CA HIS D 194 -15.88 18.53 34.47
C HIS D 194 -16.58 19.87 34.19
N LYS D 195 -16.82 20.67 35.24
CA LYS D 195 -17.47 21.96 35.03
C LYS D 195 -16.53 23.01 34.44
N ILE D 196 -15.25 22.89 34.78
CA ILE D 196 -14.26 23.81 34.23
C ILE D 196 -14.19 23.61 32.71
N LEU D 197 -13.96 22.37 32.30
CA LEU D 197 -13.85 22.04 30.88
C LEU D 197 -15.11 22.46 30.13
N GLN D 198 -16.26 22.00 30.62
CA GLN D 198 -17.55 22.31 30.01
C GLN D 198 -17.80 23.81 29.87
N HIS D 199 -17.70 24.53 30.97
CA HIS D 199 -17.93 25.97 30.99
C HIS D 199 -16.99 26.78 30.08
N ILE D 200 -15.70 26.45 30.09
CA ILE D 200 -14.73 27.18 29.28
C ILE D 200 -15.02 27.01 27.79
N SER D 201 -15.39 25.80 27.39
CA SER D 201 -15.68 25.49 25.99
C SER D 201 -16.79 26.38 25.44
N THR D 202 -17.61 26.90 26.34
CA THR D 202 -18.74 27.75 25.99
C THR D 202 -18.32 29.15 25.53
N MSE D 203 -17.07 29.52 25.79
CA MSE D 203 -16.56 30.85 25.42
C MSE D 203 -15.27 30.77 24.60
O MSE D 203 -15.15 31.43 23.55
CB MSE D 203 -16.30 31.67 26.68
CG MSE D 203 -17.53 31.80 27.55
SE MSE D 203 -17.08 32.51 29.27
CE MSE D 203 -16.32 30.93 30.06
N ILE D 204 -14.30 30.00 25.10
CA ILE D 204 -13.03 29.81 24.42
C ILE D 204 -12.84 28.31 24.17
N SER D 205 -13.00 27.89 22.92
CA SER D 205 -12.87 26.48 22.58
C SER D 205 -11.52 25.87 22.93
N LEU D 206 -11.56 24.62 23.38
CA LEU D 206 -10.35 23.91 23.73
C LEU D 206 -9.99 22.91 22.63
N GLU D 207 -8.71 22.82 22.31
CA GLU D 207 -8.25 21.88 21.31
C GLU D 207 -7.18 20.99 21.94
N PRO D 208 -6.89 19.84 21.31
CA PRO D 208 -5.90 18.88 21.80
C PRO D 208 -4.58 19.56 22.13
N GLY D 209 -4.05 19.27 23.31
CA GLY D 209 -2.78 19.87 23.71
C GLY D 209 -2.90 21.02 24.68
N ASP D 210 -4.08 21.65 24.75
CA ASP D 210 -4.29 22.78 25.65
C ASP D 210 -4.03 22.37 27.09
N ILE D 211 -3.46 23.27 27.87
CA ILE D 211 -3.18 23.01 29.28
C ILE D 211 -4.15 23.84 30.12
N ILE D 212 -4.80 23.17 31.08
CA ILE D 212 -5.79 23.81 31.95
C ILE D 212 -5.30 23.84 33.40
N LEU D 213 -5.08 25.04 33.96
CA LEU D 213 -4.65 25.13 35.36
C LEU D 213 -5.95 25.27 36.18
N THR D 214 -6.17 24.31 37.07
CA THR D 214 -7.39 24.25 37.88
C THR D 214 -7.46 24.97 39.23
N GLY D 215 -6.55 25.90 39.49
CA GLY D 215 -6.59 26.63 40.74
C GLY D 215 -5.59 26.18 41.78
N THR D 216 -5.45 26.98 42.83
CA THR D 216 -4.51 26.67 43.89
C THR D 216 -5.17 26.75 45.27
N PRO D 217 -4.73 25.91 46.22
CA PRO D 217 -5.30 25.90 47.57
C PRO D 217 -4.76 27.06 48.40
N ALA D 218 -5.31 27.24 49.61
CA ALA D 218 -4.88 28.31 50.50
C ALA D 218 -3.41 28.12 50.83
N GLY D 219 -2.78 29.13 51.40
CA GLY D 219 -1.37 29.02 51.76
C GLY D 219 -0.41 29.62 50.76
N VAL D 220 -0.87 30.52 49.91
CA VAL D 220 0.01 31.14 48.94
C VAL D 220 1.00 32.06 49.66
N GLY D 221 2.28 31.90 49.33
CA GLY D 221 3.31 32.72 49.95
C GLY D 221 4.18 33.44 48.93
N GLU D 222 5.32 33.95 49.37
CA GLU D 222 6.23 34.66 48.48
C GLU D 222 7.48 33.85 48.16
N LEU D 223 8.13 34.20 47.07
CA LEU D 223 9.34 33.52 46.61
C LEU D 223 10.41 34.57 46.35
N LYS D 224 11.53 34.46 47.05
CA LYS D 224 12.64 35.41 46.92
C LYS D 224 13.87 34.78 46.29
N PRO D 225 14.69 35.59 45.60
CA PRO D 225 15.91 35.05 44.97
C PRO D 225 16.70 34.24 46.01
N GLY D 226 17.15 33.05 45.62
CA GLY D 226 17.89 32.21 46.53
C GLY D 226 17.01 31.13 47.13
N ASP D 227 15.70 31.37 47.13
CA ASP D 227 14.75 30.40 47.68
C ASP D 227 14.72 29.09 46.91
N ARG D 228 14.57 27.99 47.64
CA ARG D 228 14.48 26.67 47.03
C ARG D 228 13.02 26.27 47.12
N VAL D 229 12.50 25.69 46.04
CA VAL D 229 11.10 25.29 45.98
C VAL D 229 10.91 23.81 45.70
N HIS D 230 10.14 23.17 46.57
CA HIS D 230 9.85 21.74 46.44
C HIS D 230 8.34 21.61 46.28
N CYS D 231 7.92 21.02 45.17
CA CYS D 231 6.49 20.86 44.89
C CYS D 231 6.18 19.39 44.69
N GLU D 232 4.99 18.97 45.13
CA GLU D 232 4.62 17.58 44.97
C GLU D 232 3.17 17.40 44.52
N LEU D 233 2.94 16.32 43.80
CA LEU D 233 1.61 15.95 43.35
C LEU D 233 1.40 14.53 43.88
N LEU D 234 0.28 14.30 44.55
CA LEU D 234 -0.02 12.97 45.07
C LEU D 234 -1.36 12.45 44.57
N GLN D 235 -1.40 11.15 44.36
CA GLN D 235 -2.60 10.47 43.92
C GLN D 235 -2.91 9.45 45.01
N ASN D 236 -4.06 9.62 45.66
CA ASN D 236 -4.45 8.74 46.74
C ASN D 236 -3.31 8.64 47.75
N ASN D 237 -2.76 9.81 48.07
CA ASN D 237 -1.66 9.94 49.02
C ASN D 237 -0.31 9.42 48.57
N ASP D 238 -0.23 8.85 47.37
CA ASP D 238 1.04 8.35 46.85
C ASP D 238 1.65 9.46 45.98
N ASN D 239 2.95 9.67 46.11
CA ASN D 239 3.62 10.70 45.33
C ASN D 239 3.78 10.23 43.87
N ILE D 240 3.26 11.00 42.92
CA ILE D 240 3.38 10.64 41.50
C ILE D 240 4.20 11.70 40.76
N VAL D 241 4.46 12.82 41.42
CA VAL D 241 5.24 13.92 40.84
C VAL D 241 6.00 14.67 41.95
N ASP D 242 7.31 14.80 41.76
CA ASP D 242 8.15 15.50 42.73
C ASP D 242 9.19 16.32 41.95
N MSE D 243 9.12 17.65 42.09
CA MSE D 243 10.05 18.52 41.37
C MSE D 243 10.61 19.64 42.23
O MSE D 243 10.03 20.01 43.25
CB MSE D 243 9.34 19.13 40.15
CG MSE D 243 8.10 19.94 40.49
SE MSE D 243 7.15 20.52 38.90
CE MSE D 243 6.14 21.97 39.66
N ASN D 244 11.76 20.17 41.84
CA ASN D 244 12.43 21.23 42.58
C ASN D 244 12.92 22.33 41.65
N PHE D 245 12.82 23.57 42.11
CA PHE D 245 13.29 24.70 41.34
C PHE D 245 14.09 25.65 42.23
N GLU D 246 14.91 26.48 41.63
CA GLU D 246 15.71 27.46 42.36
C GLU D 246 15.32 28.84 41.84
N CYS D 247 15.44 29.86 42.68
CA CYS D 247 15.09 31.19 42.23
C CYS D 247 16.34 32.05 42.06
N GLU D 248 16.37 32.79 40.96
CA GLU D 248 17.47 33.68 40.64
C GLU D 248 16.98 35.07 40.28
N ASN D 249 17.90 36.00 40.05
CA ASN D 249 17.57 37.36 39.70
C ASN D 249 17.41 37.44 38.19
N ARG D 250 16.32 38.05 37.73
CA ARG D 250 16.14 38.19 36.30
C ARG D 250 17.02 39.32 35.80
N PRO D 251 17.77 39.08 34.73
CA PRO D 251 18.62 40.15 34.19
C PRO D 251 17.72 41.12 33.44
N GLY D 252 18.26 41.80 32.45
CA GLY D 252 17.45 42.73 31.68
C GLY D 252 17.26 44.02 32.43
N PRO D 253 16.74 45.04 31.75
CA PRO D 253 16.51 46.36 32.36
C PRO D 253 15.21 46.52 33.14
N TYR D 254 14.32 45.53 33.11
CA TYR D 254 13.05 45.67 33.84
C TYR D 254 13.27 45.78 35.34
N GLU D 255 12.48 46.65 35.97
CA GLU D 255 12.51 46.89 37.40
C GLU D 255 11.13 47.35 37.83
N PHE D 256 10.45 46.57 38.67
CA PHE D 256 9.11 46.97 39.09
C PHE D 256 9.25 48.23 39.90
N ARG D 257 8.49 49.23 39.50
CA ARG D 257 8.57 50.49 40.22
C ARG D 257 7.24 51.15 40.18
N GLU D 258 6.72 51.48 41.34
CA GLU D 258 5.47 52.19 41.27
C GLU D 258 5.93 53.52 40.61
N SER E 2 -8.53 -31.39 -3.26
CA SER E 2 -7.40 -30.72 -3.97
C SER E 2 -7.43 -31.00 -5.46
N TYR E 3 -7.62 -29.92 -6.24
CA TYR E 3 -7.69 -30.00 -7.69
C TYR E 3 -6.46 -29.36 -8.35
N ASN E 4 -5.55 -28.86 -7.52
CA ASN E 4 -4.34 -28.18 -7.97
C ASN E 4 -3.53 -28.92 -9.02
N TYR E 5 -3.53 -30.25 -8.98
CA TYR E 5 -2.77 -31.03 -9.95
C TYR E 5 -3.18 -30.72 -11.39
N LEU E 6 -4.45 -30.37 -11.61
CA LEU E 6 -4.93 -30.05 -12.96
C LEU E 6 -4.12 -28.97 -13.66
N LYS E 7 -3.56 -28.06 -12.89
CA LYS E 7 -2.79 -26.98 -13.48
C LYS E 7 -1.40 -27.38 -13.93
N ALA E 8 -0.93 -28.54 -13.46
CA ALA E 8 0.40 -29.02 -13.81
C ALA E 8 0.41 -29.99 -14.99
N ALA E 9 -0.78 -30.36 -15.47
CA ALA E 9 -0.90 -31.31 -16.57
C ALA E 9 -0.57 -30.74 -17.94
N ARG E 10 0.56 -31.18 -18.52
CA ARG E 10 0.95 -30.69 -19.83
C ARG E 10 0.14 -31.40 -20.91
N LYS E 11 -0.29 -32.62 -20.63
CA LYS E 11 -1.10 -33.35 -21.59
C LYS E 11 -1.93 -34.44 -20.92
N ILE E 12 -2.96 -34.86 -21.64
CA ILE E 12 -3.85 -35.91 -21.19
C ILE E 12 -3.78 -36.91 -22.33
N ILE E 13 -3.35 -38.12 -22.03
CA ILE E 13 -3.27 -39.14 -23.06
C ILE E 13 -4.06 -40.35 -22.58
N CYS E 14 -4.79 -40.97 -23.50
CA CYS E 14 -5.64 -42.10 -23.16
C CYS E 14 -5.44 -43.35 -24.01
N ILE E 15 -5.78 -44.49 -23.45
CA ILE E 15 -5.69 -45.76 -24.14
C ILE E 15 -7.13 -46.19 -24.43
N GLY E 16 -7.33 -46.88 -25.54
CA GLY E 16 -8.66 -47.34 -25.88
C GLY E 16 -8.83 -48.84 -25.74
N ARG E 17 -10.07 -49.29 -25.73
CA ARG E 17 -10.41 -50.71 -25.61
C ARG E 17 -9.36 -51.42 -24.75
N ASN E 18 -9.45 -51.23 -23.44
CA ASN E 18 -8.49 -51.84 -22.51
C ASN E 18 -9.13 -52.65 -21.38
N TYR E 19 -10.42 -52.93 -21.50
CA TYR E 19 -11.12 -53.70 -20.48
C TYR E 19 -11.78 -54.92 -21.08
N ALA E 20 -11.65 -56.05 -20.41
CA ALA E 20 -12.26 -57.28 -20.87
C ALA E 20 -13.76 -57.25 -20.61
N ALA E 21 -14.53 -57.71 -21.59
CA ALA E 21 -15.97 -57.76 -21.48
C ALA E 21 -16.40 -59.19 -21.12
N HIS E 22 -15.53 -60.15 -21.43
CA HIS E 22 -15.81 -61.55 -21.17
C HIS E 22 -14.60 -62.23 -20.54
N ILE E 23 -14.88 -63.19 -19.67
CA ILE E 23 -13.86 -63.95 -18.96
C ILE E 23 -12.80 -64.55 -19.86
N LYS E 24 -13.17 -64.90 -21.09
CA LYS E 24 -12.19 -65.50 -22.01
C LYS E 24 -11.07 -64.56 -22.43
N GLU E 25 -11.33 -63.25 -22.41
CA GLU E 25 -10.32 -62.27 -22.81
C GLU E 25 -9.24 -62.12 -21.74
N LEU E 26 -9.46 -62.70 -20.57
CA LEU E 26 -8.47 -62.59 -19.50
C LEU E 26 -7.32 -63.56 -19.64
N ASN E 27 -7.52 -64.63 -20.41
CA ASN E 27 -6.46 -65.61 -20.62
C ASN E 27 -5.50 -65.04 -21.67
N ASN E 28 -5.10 -63.79 -21.47
CA ASN E 28 -4.18 -63.09 -22.37
C ASN E 28 -3.13 -62.33 -21.59
N GLN E 33 -2.03 -53.75 -30.54
CA GLN E 33 -3.46 -53.88 -30.29
C GLN E 33 -4.04 -52.62 -29.63
N PRO E 34 -3.31 -52.02 -28.67
CA PRO E 34 -3.81 -50.83 -27.99
C PRO E 34 -3.57 -49.53 -28.78
N PHE E 35 -4.58 -48.68 -28.84
CA PHE E 35 -4.44 -47.42 -29.54
C PHE E 35 -4.57 -46.26 -28.57
N PHE E 36 -3.96 -45.12 -28.91
CA PHE E 36 -4.00 -43.96 -28.04
C PHE E 36 -4.48 -42.70 -28.72
N PHE E 37 -4.97 -41.77 -27.91
CA PHE E 37 -5.48 -40.49 -28.38
C PHE E 37 -5.36 -39.48 -27.26
N LEU E 38 -5.22 -38.20 -27.62
CA LEU E 38 -5.09 -37.14 -26.65
C LEU E 38 -6.42 -36.45 -26.36
N LYS E 39 -6.44 -35.68 -25.29
CA LYS E 39 -7.60 -34.88 -24.91
C LYS E 39 -6.98 -33.59 -24.45
N PRO E 40 -7.52 -32.44 -24.88
CA PRO E 40 -6.95 -31.17 -24.46
C PRO E 40 -7.30 -30.87 -23.01
N THR E 41 -6.45 -30.13 -22.30
CA THR E 41 -6.75 -29.80 -20.92
C THR E 41 -7.89 -28.79 -20.85
N SER E 42 -8.26 -28.24 -22.01
CA SER E 42 -9.34 -27.26 -22.08
C SER E 42 -10.71 -27.94 -21.99
N SER E 43 -10.70 -29.28 -21.97
CA SER E 43 -11.93 -30.05 -21.88
C SER E 43 -12.23 -30.47 -20.44
N ILE E 44 -11.35 -30.04 -19.52
CA ILE E 44 -11.54 -30.36 -18.11
C ILE E 44 -12.74 -29.61 -17.51
N VAL E 45 -13.48 -30.29 -16.64
CA VAL E 45 -14.61 -29.70 -15.95
C VAL E 45 -14.68 -30.41 -14.59
N THR E 46 -15.03 -29.69 -13.55
CA THR E 46 -15.12 -30.30 -12.22
C THR E 46 -16.49 -30.04 -11.58
N PRO E 47 -16.91 -30.89 -10.63
CA PRO E 47 -18.21 -30.77 -9.94
C PRO E 47 -18.61 -29.35 -9.57
N LEU E 48 -19.90 -29.03 -9.67
CA LEU E 48 -20.38 -27.70 -9.34
C LEU E 48 -19.99 -27.25 -7.93
N SER E 49 -19.71 -28.20 -7.05
CA SER E 49 -19.32 -27.90 -5.67
C SER E 49 -17.81 -27.94 -5.52
N SER E 50 -17.09 -27.71 -6.61
CA SER E 50 -15.64 -27.74 -6.63
C SER E 50 -14.85 -26.69 -5.86
N SER E 51 -15.25 -25.42 -5.96
CA SER E 51 -14.51 -24.36 -5.25
C SER E 51 -15.40 -23.44 -4.41
N PRO E 58 -17.48 -15.77 -18.30
CA PRO E 58 -17.81 -14.63 -19.16
C PRO E 58 -19.25 -14.70 -19.67
N ALA E 59 -19.42 -14.62 -20.99
CA ALA E 59 -20.76 -14.68 -21.60
C ALA E 59 -20.70 -15.56 -22.83
N ASN E 60 -21.52 -16.61 -22.81
CA ASN E 60 -21.59 -17.57 -23.91
C ASN E 60 -20.30 -18.37 -23.99
N SER E 61 -19.45 -18.18 -22.98
CA SER E 61 -18.20 -18.92 -22.90
C SER E 61 -18.47 -20.27 -22.24
N THR E 62 -17.89 -21.32 -22.80
CA THR E 62 -18.08 -22.66 -22.25
C THR E 62 -16.77 -23.15 -21.63
N PHE E 63 -15.80 -22.26 -21.57
CA PHE E 63 -14.51 -22.55 -20.96
C PHE E 63 -13.65 -21.30 -20.96
N ASN E 64 -13.35 -20.82 -19.76
CA ASN E 64 -12.56 -19.61 -19.57
C ASN E 64 -11.29 -19.95 -18.79
N GLY E 65 -10.86 -21.20 -18.90
CA GLY E 65 -9.65 -21.61 -18.21
C GLY E 65 -9.91 -22.07 -16.78
N LEU E 66 -8.98 -22.85 -16.26
CA LEU E 66 -9.09 -23.34 -14.90
C LEU E 66 -8.88 -22.21 -13.92
N ASN E 67 -9.47 -22.33 -12.74
CA ASN E 67 -9.29 -21.33 -11.70
C ASN E 67 -7.89 -21.60 -11.13
N GLU E 68 -7.36 -20.68 -10.35
CA GLU E 68 -6.04 -20.86 -9.74
C GLU E 68 -6.07 -22.16 -8.94
N ASP E 69 -7.26 -22.45 -8.43
CA ASP E 69 -7.60 -23.63 -7.65
C ASP E 69 -7.35 -24.93 -8.43
N GLY E 70 -7.36 -24.83 -9.76
CA GLY E 70 -7.18 -25.99 -10.60
C GLY E 70 -8.59 -26.48 -10.94
N THR E 71 -9.57 -25.84 -10.30
CA THR E 71 -10.96 -26.20 -10.49
C THR E 71 -11.62 -25.48 -11.66
N ASN E 72 -12.69 -26.06 -12.17
CA ASN E 72 -13.49 -25.48 -13.25
C ASN E 72 -14.91 -26.01 -13.06
N PRO E 73 -15.56 -25.63 -11.94
CA PRO E 73 -16.91 -26.09 -11.68
C PRO E 73 -17.90 -25.68 -12.75
N GLY E 74 -18.68 -26.64 -13.22
CA GLY E 74 -19.66 -26.34 -14.24
C GLY E 74 -20.38 -27.58 -14.75
N PRO E 75 -21.34 -27.43 -15.67
CA PRO E 75 -22.05 -28.58 -16.20
C PRO E 75 -21.31 -29.16 -17.41
N ILE E 76 -21.85 -30.25 -17.93
CA ILE E 76 -21.30 -30.88 -19.12
C ILE E 76 -22.07 -30.25 -20.27
N PHE E 77 -21.36 -29.64 -21.21
CA PHE E 77 -22.00 -29.01 -22.35
C PHE E 77 -22.07 -29.95 -23.56
N ILE E 78 -23.27 -30.40 -23.85
CA ILE E 78 -23.52 -31.29 -24.98
C ILE E 78 -23.80 -30.46 -26.22
N PRO E 79 -22.88 -30.49 -27.21
CA PRO E 79 -23.07 -29.72 -28.45
C PRO E 79 -24.37 -30.11 -29.16
N ARG E 80 -24.97 -29.16 -29.87
CA ARG E 80 -26.21 -29.45 -30.58
C ARG E 80 -26.01 -30.44 -31.71
N GLY E 81 -26.91 -31.41 -31.79
CA GLY E 81 -26.84 -32.43 -32.81
C GLY E 81 -25.84 -33.52 -32.47
N VAL E 82 -25.18 -33.38 -31.33
CA VAL E 82 -24.18 -34.36 -30.92
C VAL E 82 -24.72 -35.41 -29.95
N LYS E 83 -24.37 -36.66 -30.20
CA LYS E 83 -24.77 -37.78 -29.36
C LYS E 83 -23.54 -38.08 -28.49
N VAL E 84 -23.63 -37.78 -27.21
CA VAL E 84 -22.52 -37.97 -26.29
C VAL E 84 -22.50 -39.30 -25.54
N HIS E 85 -21.33 -39.93 -25.51
CA HIS E 85 -21.18 -41.18 -24.79
C HIS E 85 -20.37 -40.97 -23.53
N HIS E 86 -20.69 -41.70 -22.48
CA HIS E 86 -19.96 -41.57 -21.23
C HIS E 86 -19.10 -42.80 -21.03
N GLU E 87 -17.87 -42.60 -20.56
CA GLU E 87 -16.94 -43.69 -20.29
C GLU E 87 -16.20 -43.36 -19.00
N ILE E 88 -16.54 -44.06 -17.92
CA ILE E 88 -15.88 -43.80 -16.64
C ILE E 88 -14.53 -44.48 -16.65
N GLU E 89 -13.51 -43.79 -16.13
CA GLU E 89 -12.15 -44.32 -16.14
C GLU E 89 -11.29 -43.85 -14.98
N LEU E 90 -10.27 -44.65 -14.68
CA LEU E 90 -9.30 -44.34 -13.63
C LEU E 90 -8.17 -43.55 -14.29
N ALA E 91 -7.76 -42.44 -13.68
CA ALA E 91 -6.70 -41.61 -14.24
C ALA E 91 -5.43 -41.66 -13.42
N LEU E 92 -4.31 -41.86 -14.10
CA LEU E 92 -3.00 -41.89 -13.43
C LEU E 92 -2.38 -40.50 -13.55
N ILE E 93 -1.76 -40.04 -12.48
CA ILE E 93 -1.13 -38.73 -12.48
C ILE E 93 0.37 -38.93 -12.31
N VAL E 94 1.07 -38.94 -13.43
CA VAL E 94 2.51 -39.14 -13.47
C VAL E 94 3.30 -38.15 -12.61
N SER E 95 4.31 -38.67 -11.92
CA SER E 95 5.14 -37.86 -11.05
C SER E 95 6.60 -37.84 -11.48
N LYS E 96 6.91 -38.48 -12.60
CA LYS E 96 8.30 -38.49 -13.09
C LYS E 96 8.46 -38.62 -14.60
N HIS E 97 9.70 -38.47 -15.06
CA HIS E 97 10.03 -38.57 -16.48
C HIS E 97 10.17 -40.01 -16.92
N LEU E 98 9.35 -40.42 -17.88
CA LEU E 98 9.41 -41.76 -18.42
C LEU E 98 9.60 -41.63 -19.93
N SER E 99 10.78 -42.00 -20.41
CA SER E 99 11.09 -41.92 -21.84
C SER E 99 11.83 -43.14 -22.34
N ASN E 100 11.22 -43.84 -23.29
CA ASN E 100 11.82 -45.02 -23.87
C ASN E 100 12.13 -46.09 -22.84
N VAL E 101 11.27 -46.20 -21.84
CA VAL E 101 11.45 -47.21 -20.81
C VAL E 101 11.29 -48.58 -21.47
N THR E 102 12.26 -49.47 -21.25
CA THR E 102 12.18 -50.79 -21.86
C THR E 102 11.30 -51.75 -21.06
N LYS E 103 11.35 -51.64 -19.73
CA LYS E 103 10.54 -52.50 -18.89
C LYS E 103 10.16 -51.82 -17.58
N MSE E 104 8.94 -52.09 -17.12
CA MSE E 104 8.46 -51.53 -15.87
C MSE E 104 7.71 -52.59 -15.10
O MSE E 104 6.82 -53.26 -15.65
CB MSE E 104 7.55 -50.33 -16.11
CG MSE E 104 7.15 -49.65 -14.81
SE MSE E 104 5.95 -48.17 -14.99
CE MSE E 104 7.15 -47.00 -15.91
N LYS E 105 8.04 -52.76 -13.83
CA LYS E 105 7.38 -53.73 -12.98
C LYS E 105 6.16 -53.10 -12.32
N PRO E 106 5.16 -53.91 -11.96
CA PRO E 106 3.96 -53.35 -11.31
C PRO E 106 4.36 -52.38 -10.21
N GLU E 107 5.21 -52.87 -9.32
CA GLU E 107 5.70 -52.10 -8.18
C GLU E 107 6.18 -50.70 -8.57
N GLU E 108 6.71 -50.57 -9.79
CA GLU E 108 7.21 -49.28 -10.25
C GLU E 108 6.11 -48.24 -10.53
N VAL E 109 4.89 -48.71 -10.77
CA VAL E 109 3.79 -47.78 -11.06
C VAL E 109 3.57 -46.79 -9.91
N TYR E 110 3.50 -47.30 -8.68
CA TYR E 110 3.31 -46.47 -7.51
C TYR E 110 4.38 -45.39 -7.45
N ASP E 111 5.62 -45.77 -7.71
CA ASP E 111 6.76 -44.86 -7.68
C ASP E 111 6.75 -43.82 -8.79
N SER E 112 6.01 -44.10 -9.85
CA SER E 112 5.94 -43.19 -10.99
C SER E 112 4.80 -42.18 -10.95
N ILE E 113 3.86 -42.36 -10.03
CA ILE E 113 2.72 -41.45 -9.92
C ILE E 113 2.67 -40.70 -8.61
N SER E 114 1.96 -39.58 -8.60
CA SER E 114 1.79 -38.79 -7.39
C SER E 114 0.43 -39.14 -6.82
N GLY E 115 -0.42 -39.74 -7.66
CA GLY E 115 -1.74 -40.10 -7.19
C GLY E 115 -2.66 -40.62 -8.29
N VAL E 116 -3.95 -40.63 -8.02
CA VAL E 116 -4.92 -41.14 -8.96
C VAL E 116 -6.22 -40.33 -8.95
N ALA E 117 -7.00 -40.42 -10.02
CA ALA E 117 -8.24 -39.65 -10.08
C ALA E 117 -9.32 -40.34 -10.91
N LEU E 118 -10.57 -39.90 -10.72
CA LEU E 118 -11.71 -40.45 -11.44
C LEU E 118 -12.08 -39.48 -12.57
N ALA E 119 -12.14 -40.01 -13.79
CA ALA E 119 -12.45 -39.15 -14.93
C ALA E 119 -13.38 -39.76 -15.97
N LEU E 120 -14.26 -38.92 -16.49
CA LEU E 120 -15.18 -39.35 -17.54
C LEU E 120 -14.61 -38.93 -18.88
N ASP E 121 -14.44 -39.89 -19.79
CA ASP E 121 -13.93 -39.60 -21.12
C ASP E 121 -15.14 -39.45 -22.04
N LEU E 122 -15.69 -38.23 -22.08
CA LEU E 122 -16.85 -37.98 -22.93
C LEU E 122 -16.45 -38.01 -24.40
N THR E 123 -17.29 -38.61 -25.22
CA THR E 123 -17.02 -38.71 -26.64
C THR E 123 -18.24 -38.34 -27.47
N ALA E 124 -18.03 -37.54 -28.51
CA ALA E 124 -19.12 -37.15 -29.40
C ALA E 124 -19.18 -38.33 -30.38
N ARG E 125 -19.99 -39.32 -30.05
CA ARG E 125 -20.11 -40.54 -30.85
C ARG E 125 -20.40 -40.37 -32.34
N ASN E 126 -21.48 -39.69 -32.69
CA ASN E 126 -21.79 -39.50 -34.12
C ASN E 126 -20.72 -38.70 -34.83
N VAL E 127 -20.08 -37.78 -34.12
CA VAL E 127 -18.99 -37.00 -34.74
C VAL E 127 -17.81 -37.93 -35.00
N GLN E 128 -17.58 -38.84 -34.06
CA GLN E 128 -16.47 -39.81 -34.17
C GLN E 128 -16.71 -40.86 -35.24
N ASP E 129 -17.97 -41.29 -35.42
CA ASP E 129 -18.28 -42.27 -36.45
C ASP E 129 -17.89 -41.67 -37.81
N GLU E 130 -18.25 -40.41 -38.03
CA GLU E 130 -17.93 -39.75 -39.28
C GLU E 130 -16.42 -39.73 -39.45
N ALA E 131 -15.71 -39.31 -38.40
CA ALA E 131 -14.26 -39.25 -38.44
C ALA E 131 -13.69 -40.60 -38.87
N LYS E 132 -14.16 -41.67 -38.23
CA LYS E 132 -13.67 -43.00 -38.55
C LYS E 132 -13.83 -43.34 -40.04
N LYS E 133 -15.02 -43.16 -40.59
CA LYS E 133 -15.24 -43.46 -42.01
C LYS E 133 -14.34 -42.65 -42.94
N LYS E 134 -14.27 -41.34 -42.71
CA LYS E 134 -13.43 -40.51 -43.57
C LYS E 134 -11.97 -40.62 -43.16
N GLY E 135 -11.68 -41.50 -42.20
CA GLY E 135 -10.32 -41.66 -41.74
C GLY E 135 -9.71 -40.32 -41.36
N LEU E 136 -10.41 -39.57 -40.50
CA LEU E 136 -9.94 -38.27 -40.06
C LEU E 136 -9.65 -38.27 -38.56
N PRO E 137 -9.09 -37.16 -38.02
CA PRO E 137 -8.77 -37.07 -36.59
C PRO E 137 -9.96 -37.17 -35.64
N TRP E 138 -9.71 -37.75 -34.47
CA TRP E 138 -10.71 -37.93 -33.41
C TRP E 138 -10.77 -36.71 -32.49
N THR E 139 -9.73 -35.87 -32.55
CA THR E 139 -9.62 -34.70 -31.68
C THR E 139 -10.91 -33.97 -31.32
N ILE E 140 -11.71 -33.60 -32.32
CA ILE E 140 -12.94 -32.89 -32.02
C ILE E 140 -13.94 -33.69 -31.21
N SER E 141 -14.19 -34.94 -31.61
CA SER E 141 -15.14 -35.78 -30.92
C SER E 141 -14.70 -36.08 -29.49
N LYS E 142 -13.41 -35.88 -29.21
CA LYS E 142 -12.89 -36.15 -27.88
C LYS E 142 -12.50 -34.88 -27.12
N GLY E 143 -12.37 -33.77 -27.85
CA GLY E 143 -11.93 -32.53 -27.23
C GLY E 143 -12.88 -31.38 -26.94
N PHE E 144 -14.18 -31.52 -27.24
CA PHE E 144 -15.15 -30.45 -26.96
C PHE E 144 -15.00 -30.01 -25.51
N ASP E 145 -15.27 -28.74 -25.22
CA ASP E 145 -15.16 -28.29 -23.84
C ASP E 145 -16.04 -29.19 -22.98
N THR E 146 -15.56 -29.42 -21.76
CA THR E 146 -16.21 -30.22 -20.73
C THR E 146 -16.24 -31.71 -21.00
N PHE E 147 -15.55 -32.16 -22.04
CA PHE E 147 -15.56 -33.59 -22.34
C PHE E 147 -14.68 -34.46 -21.46
N MSE E 148 -14.17 -33.88 -20.39
CA MSE E 148 -13.44 -34.70 -19.46
C MSE E 148 -13.76 -34.33 -18.03
O MSE E 148 -12.97 -33.68 -17.35
CB MSE E 148 -11.93 -34.65 -19.65
CG MSE E 148 -11.30 -35.76 -18.82
SE MSE E 148 -9.41 -35.77 -18.57
CE MSE E 148 -9.18 -37.48 -17.91
N PRO E 149 -14.97 -34.71 -17.56
CA PRO E 149 -15.34 -34.41 -16.18
C PRO E 149 -14.29 -35.15 -15.36
N ILE E 150 -13.79 -34.56 -14.28
CA ILE E 150 -12.78 -35.25 -13.50
C ILE E 150 -12.86 -34.87 -12.02
N SER E 151 -12.35 -35.76 -11.16
CA SER E 151 -12.39 -35.53 -9.72
C SER E 151 -11.14 -34.88 -9.17
N ALA E 152 -11.12 -34.74 -7.85
CA ALA E 152 -10.00 -34.20 -7.12
C ALA E 152 -9.00 -35.34 -7.09
N ILE E 153 -7.77 -35.07 -6.70
CA ILE E 153 -6.76 -36.12 -6.69
C ILE E 153 -6.77 -36.94 -5.41
N VAL E 154 -6.46 -38.23 -5.55
CA VAL E 154 -6.37 -39.12 -4.42
C VAL E 154 -4.86 -39.39 -4.31
N SER E 155 -4.17 -38.64 -3.45
CA SER E 155 -2.72 -38.82 -3.29
C SER E 155 -2.38 -40.27 -2.97
N ARG E 156 -1.26 -40.74 -3.53
CA ARG E 156 -0.86 -42.14 -3.35
C ARG E 156 -0.67 -42.58 -1.91
N GLU E 157 -0.25 -41.68 -1.03
CA GLU E 157 -0.04 -42.02 0.38
C GLU E 157 -1.31 -42.66 0.94
N LYS E 158 -2.45 -42.30 0.37
CA LYS E 158 -3.74 -42.84 0.79
C LYS E 158 -3.82 -44.35 0.56
N PHE E 159 -3.05 -44.86 -0.40
CA PHE E 159 -3.06 -46.29 -0.69
C PHE E 159 -1.66 -46.88 -0.75
N SER E 160 -0.76 -46.30 0.04
CA SER E 160 0.63 -46.74 0.09
C SER E 160 0.84 -48.18 0.54
N SER E 161 -0.10 -48.74 1.29
CA SER E 161 0.06 -50.12 1.73
C SER E 161 -0.35 -51.13 0.66
N TYR E 162 -0.69 -50.63 -0.53
CA TYR E 162 -1.08 -51.51 -1.64
C TYR E 162 -0.20 -51.34 -2.86
N LYS E 163 1.03 -50.86 -2.66
CA LYS E 163 1.95 -50.67 -3.78
C LYS E 163 1.98 -51.93 -4.65
N SER E 164 2.31 -53.05 -4.02
CA SER E 164 2.40 -54.32 -4.73
C SER E 164 1.25 -54.58 -5.70
N ASN E 165 0.07 -54.90 -5.18
CA ASN E 165 -1.09 -55.18 -6.03
C ASN E 165 -1.90 -53.94 -6.43
N LEU E 166 -1.20 -52.89 -6.84
CA LEU E 166 -1.81 -51.62 -7.24
C LEU E 166 -2.86 -51.81 -8.34
N GLN E 167 -2.60 -52.75 -9.23
CA GLN E 167 -3.47 -53.06 -10.37
C GLN E 167 -4.89 -53.52 -10.04
N ASP E 168 -5.06 -54.23 -8.93
CA ASP E 168 -6.36 -54.79 -8.58
C ASP E 168 -7.20 -54.16 -7.46
N ILE E 169 -6.77 -53.05 -6.88
CA ILE E 169 -7.55 -52.46 -5.79
C ILE E 169 -8.67 -51.50 -6.22
N PHE E 170 -8.71 -51.11 -7.48
CA PHE E 170 -9.73 -50.17 -7.91
C PHE E 170 -10.92 -50.73 -8.67
N ARG E 171 -12.05 -50.04 -8.52
CA ARG E 171 -13.31 -50.37 -9.19
C ARG E 171 -13.97 -49.03 -9.52
N VAL E 172 -14.45 -48.88 -10.75
CA VAL E 172 -15.10 -47.64 -11.17
C VAL E 172 -16.57 -47.84 -11.50
N LYS E 173 -17.40 -46.87 -11.14
CA LYS E 173 -18.83 -46.94 -11.41
C LYS E 173 -19.36 -45.64 -11.99
N CYS E 174 -20.32 -45.76 -12.90
CA CYS E 174 -20.96 -44.61 -13.53
C CYS E 174 -22.47 -44.87 -13.61
N SER E 175 -23.25 -43.91 -13.12
CA SER E 175 -24.70 -44.04 -13.14
C SER E 175 -25.34 -42.79 -13.71
N VAL E 176 -26.38 -42.98 -14.50
CA VAL E 176 -27.10 -41.87 -15.10
C VAL E 176 -28.55 -41.93 -14.65
N ASN E 177 -28.99 -40.85 -13.99
CA ASN E 177 -30.35 -40.74 -13.47
C ASN E 177 -30.75 -41.97 -12.66
N GLY E 178 -29.91 -42.34 -11.70
CA GLY E 178 -30.21 -43.49 -10.85
C GLY E 178 -30.02 -44.86 -11.47
N GLN E 179 -29.65 -44.91 -12.75
CA GLN E 179 -29.44 -46.19 -13.43
C GLN E 179 -27.95 -46.52 -13.58
N LEU E 180 -27.51 -47.55 -12.85
CA LEU E 180 -26.12 -47.99 -12.91
C LEU E 180 -25.81 -48.51 -14.29
N ARG E 181 -24.81 -47.93 -14.96
CA ARG E 181 -24.44 -48.34 -16.30
C ARG E 181 -23.10 -49.03 -16.42
N GLN E 182 -22.13 -48.61 -15.63
CA GLN E 182 -20.81 -49.23 -15.67
C GLN E 182 -20.36 -49.55 -14.26
N ASP E 183 -19.81 -50.74 -14.09
CA ASP E 183 -19.35 -51.21 -12.80
C ASP E 183 -18.23 -52.20 -13.07
N GLY E 184 -16.99 -51.73 -13.06
CA GLY E 184 -15.88 -52.63 -13.32
C GLY E 184 -14.64 -52.37 -12.50
N GLY E 185 -13.91 -53.44 -12.19
CA GLY E 185 -12.69 -53.32 -11.43
C GLY E 185 -11.49 -53.25 -12.34
N THR E 186 -10.41 -52.65 -11.86
CA THR E 186 -9.20 -52.51 -12.65
C THR E 186 -8.48 -53.83 -12.86
N ASN E 187 -9.02 -54.91 -12.29
CA ASN E 187 -8.43 -56.23 -12.46
C ASN E 187 -8.88 -56.81 -13.79
N LEU E 188 -9.85 -56.13 -14.43
CA LEU E 188 -10.39 -56.56 -15.71
C LEU E 188 -9.65 -55.91 -16.90
N MSE E 189 -8.66 -55.09 -16.59
CA MSE E 189 -7.86 -54.39 -17.58
C MSE E 189 -7.05 -55.37 -18.45
O MSE E 189 -6.48 -56.34 -17.94
CB MSE E 189 -6.93 -53.41 -16.87
CG MSE E 189 -6.63 -52.15 -17.63
SE MSE E 189 -5.61 -50.87 -16.56
CE MSE E 189 -7.05 -49.81 -15.87
N LEU E 190 -7.00 -55.11 -19.76
CA LEU E 190 -6.28 -55.96 -20.70
C LEU E 190 -4.77 -55.64 -20.65
N HIS E 191 -4.42 -54.36 -20.79
CA HIS E 191 -3.04 -53.97 -20.72
C HIS E 191 -2.83 -53.34 -19.35
N PRO E 192 -2.10 -54.03 -18.48
CA PRO E 192 -1.87 -53.51 -17.13
C PRO E 192 -1.22 -52.12 -17.05
N LEU E 193 -1.46 -51.45 -15.92
CA LEU E 193 -0.94 -50.11 -15.66
C LEU E 193 0.53 -49.91 -16.02
N HIS E 194 1.40 -50.79 -15.54
CA HIS E 194 2.83 -50.67 -15.82
C HIS E 194 3.12 -50.78 -17.30
N LYS E 195 2.43 -51.70 -17.96
CA LYS E 195 2.63 -51.93 -19.38
C LYS E 195 2.20 -50.68 -20.16
N ILE E 196 1.23 -49.94 -19.62
CA ILE E 196 0.77 -48.73 -20.28
C ILE E 196 1.80 -47.60 -20.23
N LEU E 197 2.28 -47.27 -19.02
CA LEU E 197 3.28 -46.20 -18.88
C LEU E 197 4.51 -46.50 -19.74
N GLN E 198 5.01 -47.73 -19.61
CA GLN E 198 6.18 -48.15 -20.36
C GLN E 198 5.98 -48.07 -21.87
N HIS E 199 4.98 -48.77 -22.37
CA HIS E 199 4.72 -48.77 -23.80
C HIS E 199 4.57 -47.38 -24.39
N ILE E 200 3.79 -46.52 -23.73
CA ILE E 200 3.60 -45.18 -24.24
C ILE E 200 4.91 -44.41 -24.28
N SER E 201 5.72 -44.54 -23.23
CA SER E 201 6.99 -43.83 -23.14
C SER E 201 7.94 -44.09 -24.33
N THR E 202 7.69 -45.17 -25.07
CA THR E 202 8.54 -45.50 -26.22
C THR E 202 8.16 -44.74 -27.48
N MSE E 203 7.12 -43.91 -27.38
CA MSE E 203 6.66 -43.11 -28.51
C MSE E 203 6.43 -41.65 -28.13
O MSE E 203 6.85 -40.73 -28.84
CB MSE E 203 5.35 -43.69 -29.04
CG MSE E 203 5.43 -45.15 -29.34
SE MSE E 203 3.75 -45.88 -29.91
CE MSE E 203 2.75 -45.68 -28.26
N ILE E 204 5.78 -41.45 -26.99
CA ILE E 204 5.50 -40.12 -26.49
C ILE E 204 5.94 -40.07 -25.03
N SER E 205 7.09 -39.45 -24.79
CA SER E 205 7.61 -39.36 -23.43
C SER E 205 6.60 -38.74 -22.47
N LEU E 206 6.65 -39.19 -21.23
CA LEU E 206 5.77 -38.70 -20.21
C LEU E 206 6.59 -37.85 -19.24
N GLU E 207 6.00 -36.78 -18.75
CA GLU E 207 6.69 -35.93 -17.80
C GLU E 207 5.82 -35.70 -16.57
N PRO E 208 6.43 -35.24 -15.47
CA PRO E 208 5.68 -34.98 -14.23
C PRO E 208 4.41 -34.17 -14.49
N GLY E 209 3.28 -34.67 -14.00
CA GLY E 209 2.02 -33.96 -14.19
C GLY E 209 1.09 -34.48 -15.30
N ASP E 210 1.61 -35.33 -16.18
CA ASP E 210 0.81 -35.88 -17.26
C ASP E 210 -0.33 -36.74 -16.71
N ILE E 211 -1.47 -36.68 -17.38
CA ILE E 211 -2.63 -37.44 -16.96
C ILE E 211 -2.89 -38.59 -17.93
N ILE E 212 -2.89 -39.81 -17.42
CA ILE E 212 -3.11 -41.00 -18.26
C ILE E 212 -4.45 -41.68 -18.01
N LEU E 213 -5.33 -41.70 -19.02
CA LEU E 213 -6.62 -42.38 -18.86
C LEU E 213 -6.39 -43.84 -19.25
N THR E 214 -6.71 -44.73 -18.31
CA THR E 214 -6.47 -46.16 -18.51
C THR E 214 -7.53 -47.05 -19.14
N GLY E 215 -8.65 -46.48 -19.56
CA GLY E 215 -9.68 -47.30 -20.18
C GLY E 215 -11.00 -47.31 -19.44
N THR E 216 -12.03 -47.85 -20.09
CA THR E 216 -13.36 -47.90 -19.49
C THR E 216 -13.98 -49.29 -19.55
N PRO E 217 -14.70 -49.69 -18.49
CA PRO E 217 -15.36 -50.99 -18.39
C PRO E 217 -16.48 -51.10 -19.43
N ALA E 218 -17.18 -52.22 -19.43
CA ALA E 218 -18.28 -52.42 -20.36
C ALA E 218 -19.49 -51.60 -19.93
N GLY E 219 -20.31 -51.19 -20.90
CA GLY E 219 -21.50 -50.43 -20.56
C GLY E 219 -21.53 -48.98 -20.96
N VAL E 220 -20.65 -48.56 -21.87
CA VAL E 220 -20.67 -47.17 -22.30
C VAL E 220 -22.11 -46.86 -22.67
N GLY E 221 -22.58 -45.68 -22.30
CA GLY E 221 -23.96 -45.31 -22.60
C GLY E 221 -24.04 -43.94 -23.23
N GLU E 222 -25.24 -43.36 -23.22
CA GLU E 222 -25.42 -42.05 -23.83
C GLU E 222 -25.83 -40.98 -22.83
N LEU E 223 -25.40 -39.75 -23.09
CA LEU E 223 -25.75 -38.63 -22.23
C LEU E 223 -26.57 -37.64 -23.06
N LYS E 224 -27.68 -37.20 -22.49
CA LYS E 224 -28.59 -36.26 -23.14
C LYS E 224 -28.77 -35.09 -22.18
N PRO E 225 -29.05 -33.89 -22.72
CA PRO E 225 -29.23 -32.76 -21.80
C PRO E 225 -30.29 -33.05 -20.74
N GLY E 226 -29.97 -32.66 -19.51
CA GLY E 226 -30.88 -32.88 -18.40
C GLY E 226 -30.42 -34.05 -17.56
N ASP E 227 -29.65 -34.96 -18.16
CA ASP E 227 -29.13 -36.12 -17.45
C ASP E 227 -28.28 -35.75 -16.25
N ARG E 228 -28.44 -36.52 -15.19
CA ARG E 228 -27.69 -36.34 -13.95
C ARG E 228 -26.73 -37.52 -13.92
N VAL E 229 -25.44 -37.25 -13.90
CA VAL E 229 -24.44 -38.32 -13.89
C VAL E 229 -23.77 -38.48 -12.53
N HIS E 230 -23.69 -39.72 -12.06
CA HIS E 230 -23.09 -40.05 -10.77
C HIS E 230 -21.94 -41.03 -11.03
N CYS E 231 -20.75 -40.65 -10.59
CA CYS E 231 -19.57 -41.46 -10.79
C CYS E 231 -18.88 -41.77 -9.46
N GLU E 232 -18.46 -43.02 -9.31
CA GLU E 232 -17.78 -43.44 -8.09
C GLU E 232 -16.49 -44.18 -8.37
N LEU E 233 -15.51 -43.96 -7.51
CA LEU E 233 -14.22 -44.63 -7.60
C LEU E 233 -14.08 -45.34 -6.25
N LEU E 234 -13.88 -46.65 -6.29
CA LEU E 234 -13.74 -47.39 -5.05
C LEU E 234 -12.38 -48.05 -4.94
N GLN E 235 -11.89 -48.09 -3.71
CA GLN E 235 -10.62 -48.72 -3.39
C GLN E 235 -10.99 -49.85 -2.42
N ASN E 236 -10.80 -51.08 -2.87
CA ASN E 236 -11.13 -52.24 -2.05
C ASN E 236 -12.58 -52.16 -1.60
N ASN E 237 -13.44 -51.86 -2.56
CA ASN E 237 -14.88 -51.76 -2.36
C ASN E 237 -15.36 -50.61 -1.50
N ASP E 238 -14.45 -49.69 -1.14
CA ASP E 238 -14.84 -48.55 -0.34
C ASP E 238 -14.76 -47.27 -1.17
N ASN E 239 -15.82 -46.48 -1.15
CA ASN E 239 -15.84 -45.25 -1.92
C ASN E 239 -14.77 -44.26 -1.49
N ILE E 240 -13.84 -43.93 -2.39
CA ILE E 240 -12.81 -42.95 -2.10
C ILE E 240 -13.06 -41.70 -2.94
N VAL E 241 -13.99 -41.82 -3.90
CA VAL E 241 -14.33 -40.69 -4.76
C VAL E 241 -15.80 -40.76 -5.12
N ASP E 242 -16.47 -39.62 -5.08
CA ASP E 242 -17.89 -39.55 -5.40
C ASP E 242 -18.19 -38.18 -5.99
N MSE E 243 -18.54 -38.14 -7.28
CA MSE E 243 -18.82 -36.88 -7.96
C MSE E 243 -20.07 -36.91 -8.83
O MSE E 243 -20.44 -37.96 -9.36
CB MSE E 243 -17.62 -36.48 -8.82
CG MSE E 243 -17.34 -37.46 -9.94
SE MSE E 243 -15.65 -37.07 -10.80
CE MSE E 243 -15.80 -38.32 -12.26
N ASN E 244 -20.70 -35.76 -8.97
CA ASN E 244 -21.90 -35.62 -9.77
C ASN E 244 -21.73 -34.54 -10.80
N PHE E 245 -22.36 -34.72 -11.96
CA PHE E 245 -22.33 -33.75 -13.04
C PHE E 245 -23.73 -33.70 -13.65
N GLU E 246 -24.08 -32.56 -14.24
CA GLU E 246 -25.36 -32.40 -14.89
C GLU E 246 -25.13 -31.92 -16.32
N CYS E 247 -25.90 -32.47 -17.25
CA CYS E 247 -25.75 -32.14 -18.65
C CYS E 247 -26.65 -31.00 -19.13
N GLU E 248 -26.12 -30.16 -20.01
CA GLU E 248 -26.85 -29.05 -20.58
C GLU E 248 -26.44 -28.89 -22.04
N ASN E 249 -27.19 -28.09 -22.80
CA ASN E 249 -26.88 -27.85 -24.20
C ASN E 249 -25.81 -26.77 -24.27
N ARG E 250 -24.78 -27.02 -25.09
CA ARG E 250 -23.72 -26.05 -25.26
C ARG E 250 -24.22 -24.89 -26.11
N PRO E 251 -23.99 -23.64 -25.66
CA PRO E 251 -24.45 -22.52 -26.47
C PRO E 251 -23.49 -22.36 -27.65
N GLY E 252 -23.53 -21.21 -28.31
CA GLY E 252 -22.65 -20.98 -29.44
C GLY E 252 -23.25 -21.45 -30.75
N PRO E 253 -22.68 -21.03 -31.89
CA PRO E 253 -23.13 -21.37 -33.23
C PRO E 253 -22.94 -22.81 -33.67
N TYR E 254 -22.13 -23.57 -32.95
CA TYR E 254 -21.90 -24.95 -33.35
C TYR E 254 -23.15 -25.81 -33.33
N GLU E 255 -23.24 -26.68 -34.32
CA GLU E 255 -24.35 -27.61 -34.46
C GLU E 255 -23.86 -28.74 -35.35
N PHE E 256 -24.01 -29.97 -34.91
CA PHE E 256 -23.56 -31.08 -35.73
C PHE E 256 -24.69 -31.57 -36.64
N ARG E 257 -24.45 -31.48 -37.95
CA ARG E 257 -25.40 -31.93 -38.95
C ARG E 257 -24.59 -32.81 -39.88
N SER F 2 13.77 -15.77 -27.86
CA SER F 2 12.90 -16.08 -26.69
C SER F 2 11.97 -17.26 -26.99
N TYR F 3 12.10 -18.30 -26.16
CA TYR F 3 11.29 -19.51 -26.29
C TYR F 3 10.46 -19.75 -25.02
N ASN F 4 10.44 -18.78 -24.13
CA ASN F 4 9.70 -18.95 -22.89
C ASN F 4 8.21 -19.23 -23.14
N TYR F 5 7.70 -18.79 -24.28
CA TYR F 5 6.30 -18.99 -24.59
C TYR F 5 5.91 -20.47 -24.64
N LEU F 6 6.82 -21.35 -25.05
CA LEU F 6 6.51 -22.78 -25.13
C LEU F 6 6.05 -23.32 -23.77
N LYS F 7 6.52 -22.70 -22.69
CA LYS F 7 6.16 -23.11 -21.35
C LYS F 7 4.72 -22.75 -20.98
N ALA F 8 4.20 -21.69 -21.59
CA ALA F 8 2.83 -21.25 -21.30
C ALA F 8 1.74 -21.80 -22.22
N ALA F 9 2.12 -22.67 -23.16
CA ALA F 9 1.14 -23.24 -24.08
C ALA F 9 0.47 -24.49 -23.50
N ARG F 10 -0.82 -24.39 -23.20
CA ARG F 10 -1.53 -25.53 -22.65
C ARG F 10 -1.93 -26.55 -23.71
N LYS F 11 -1.95 -26.12 -24.97
CA LYS F 11 -2.27 -27.04 -26.07
C LYS F 11 -1.77 -26.56 -27.42
N ILE F 12 -1.62 -27.52 -28.33
CA ILE F 12 -1.20 -27.26 -29.70
C ILE F 12 -2.29 -27.89 -30.55
N ILE F 13 -3.07 -27.06 -31.23
CA ILE F 13 -4.15 -27.56 -32.07
C ILE F 13 -3.86 -27.14 -33.51
N CYS F 14 -4.07 -28.05 -34.45
CA CYS F 14 -3.78 -27.80 -35.87
C CYS F 14 -4.92 -28.05 -36.83
N ILE F 15 -4.94 -27.26 -37.91
CA ILE F 15 -5.95 -27.38 -38.97
C ILE F 15 -5.26 -28.14 -40.09
N GLY F 16 -6.01 -28.93 -40.85
CA GLY F 16 -5.40 -29.68 -41.93
C GLY F 16 -5.88 -29.26 -43.31
N ARG F 17 -5.17 -29.67 -44.36
CA ARG F 17 -5.54 -29.35 -45.74
C ARG F 17 -6.09 -27.92 -45.85
N ASN F 18 -5.22 -26.94 -45.65
CA ASN F 18 -5.63 -25.53 -45.66
C ASN F 18 -4.87 -24.66 -46.64
N TYR F 19 -4.35 -25.25 -47.71
CA TYR F 19 -3.60 -24.48 -48.69
C TYR F 19 -3.97 -24.78 -50.14
N ALA F 20 -4.17 -23.71 -50.89
CA ALA F 20 -4.51 -23.82 -52.31
C ALA F 20 -3.19 -23.86 -53.06
N ALA F 21 -3.19 -24.52 -54.21
CA ALA F 21 -1.99 -24.61 -55.04
C ALA F 21 -1.63 -23.25 -55.60
N HIS F 22 -2.66 -22.48 -55.96
CA HIS F 22 -2.47 -21.14 -56.50
C HIS F 22 -3.66 -20.24 -56.17
N GLN F 33 -14.74 -27.84 -45.62
CA GLN F 33 -14.89 -28.34 -44.25
C GLN F 33 -13.56 -28.89 -43.75
N PRO F 34 -12.75 -28.06 -43.08
CA PRO F 34 -11.45 -28.47 -42.56
C PRO F 34 -11.57 -29.41 -41.37
N PHE F 35 -10.49 -30.12 -41.08
CA PHE F 35 -10.45 -31.02 -39.94
C PHE F 35 -9.32 -30.53 -39.03
N PHE F 36 -9.43 -30.81 -37.73
CA PHE F 36 -8.43 -30.36 -36.77
C PHE F 36 -7.88 -31.49 -35.92
N PHE F 37 -6.66 -31.32 -35.43
CA PHE F 37 -6.02 -32.34 -34.58
C PHE F 37 -5.05 -31.72 -33.60
N LEU F 38 -4.78 -32.43 -32.51
CA LEU F 38 -3.85 -31.98 -31.47
C LEU F 38 -2.46 -32.60 -31.62
N LYS F 39 -1.47 -31.92 -31.06
CA LYS F 39 -0.08 -32.38 -31.01
C LYS F 39 0.32 -32.13 -29.56
N PRO F 40 1.02 -33.09 -28.93
CA PRO F 40 1.41 -32.90 -27.54
C PRO F 40 2.57 -31.91 -27.41
N THR F 41 2.57 -31.10 -26.36
CA THR F 41 3.66 -30.15 -26.16
C THR F 41 4.97 -30.89 -25.89
N SER F 42 4.87 -32.18 -25.61
CA SER F 42 6.06 -32.99 -25.35
C SER F 42 6.75 -33.29 -26.68
N SER F 43 6.09 -33.00 -27.79
CA SER F 43 6.69 -33.27 -29.10
C SER F 43 7.56 -32.09 -29.57
N ILE F 44 7.64 -31.05 -28.74
CA ILE F 44 8.44 -29.86 -29.03
C ILE F 44 9.95 -30.13 -29.05
N VAL F 45 10.64 -29.48 -30.00
CA VAL F 45 12.08 -29.61 -30.12
C VAL F 45 12.56 -28.31 -30.76
N THR F 46 13.62 -27.73 -30.24
CA THR F 46 14.15 -26.47 -30.77
C THR F 46 15.54 -26.66 -31.39
N PRO F 47 15.96 -25.72 -32.25
CA PRO F 47 17.28 -25.82 -32.89
C PRO F 47 18.42 -25.98 -31.87
N LEU F 48 19.44 -26.76 -32.24
CA LEU F 48 20.58 -26.97 -31.37
C LEU F 48 21.14 -25.63 -30.89
N SER F 49 21.00 -24.61 -31.73
CA SER F 49 21.47 -23.28 -31.37
C SER F 49 20.69 -22.75 -30.17
N SER F 50 21.26 -22.87 -28.97
CA SER F 50 20.60 -22.37 -27.76
C SER F 50 21.41 -22.63 -26.49
N PRO F 58 18.66 -37.20 -20.31
CA PRO F 58 19.28 -38.37 -19.68
C PRO F 58 19.61 -39.45 -20.70
N ALA F 59 20.02 -40.61 -20.20
CA ALA F 59 20.38 -41.73 -21.06
C ALA F 59 19.18 -42.37 -21.72
N ASN F 60 19.15 -42.31 -23.06
CA ASN F 60 18.07 -42.89 -23.86
C ASN F 60 16.79 -42.07 -23.88
N SER F 61 16.80 -40.92 -23.21
CA SER F 61 15.62 -40.06 -23.21
C SER F 61 15.53 -39.34 -24.54
N THR F 62 14.32 -39.25 -25.08
CA THR F 62 14.11 -38.55 -26.34
C THR F 62 13.32 -37.27 -26.05
N PHE F 63 13.02 -37.05 -24.77
CA PHE F 63 12.34 -35.86 -24.29
C PHE F 63 12.32 -35.86 -22.76
N ASN F 64 12.97 -34.85 -22.18
CA ASN F 64 13.07 -34.77 -20.73
C ASN F 64 12.50 -33.47 -20.19
N GLY F 65 11.49 -32.94 -20.89
CA GLY F 65 10.88 -31.68 -20.47
C GLY F 65 11.64 -30.50 -21.02
N LEU F 66 11.02 -29.33 -21.03
CA LEU F 66 11.66 -28.12 -21.53
C LEU F 66 12.57 -27.49 -20.45
N ASN F 67 13.58 -26.73 -20.89
CA ASN F 67 14.50 -26.06 -19.95
C ASN F 67 13.75 -24.89 -19.30
N GLU F 68 14.34 -24.28 -18.27
CA GLU F 68 13.70 -23.13 -17.61
C GLU F 68 13.49 -22.11 -18.71
N ASP F 69 14.22 -22.34 -19.79
CA ASP F 69 14.23 -21.53 -21.00
C ASP F 69 13.03 -21.75 -21.92
N GLY F 70 12.32 -22.86 -21.72
CA GLY F 70 11.20 -23.19 -22.58
C GLY F 70 11.83 -23.81 -23.82
N THR F 71 13.17 -23.72 -23.84
CA THR F 71 14.01 -24.23 -24.92
C THR F 71 14.21 -25.74 -24.79
N ASN F 72 14.37 -26.44 -25.90
CA ASN F 72 14.61 -27.88 -25.88
C ASN F 72 15.47 -28.26 -27.10
N PRO F 73 16.76 -27.90 -27.05
CA PRO F 73 17.75 -28.15 -28.10
C PRO F 73 17.81 -29.64 -28.44
N GLY F 74 17.77 -29.97 -29.72
CA GLY F 74 17.86 -31.37 -30.10
C GLY F 74 17.64 -31.61 -31.59
N PRO F 75 17.82 -32.86 -32.04
CA PRO F 75 17.64 -33.21 -33.45
C PRO F 75 16.24 -33.80 -33.60
N ILE F 76 15.90 -34.18 -34.82
CA ILE F 76 14.61 -34.78 -35.05
C ILE F 76 14.90 -36.26 -34.84
N PHE F 77 14.07 -36.90 -34.04
CA PHE F 77 14.23 -38.33 -33.76
C PHE F 77 13.21 -39.11 -34.57
N ILE F 78 13.70 -39.75 -35.62
CA ILE F 78 12.86 -40.55 -36.49
C ILE F 78 12.66 -41.94 -35.91
N PRO F 79 11.43 -42.27 -35.51
CA PRO F 79 11.18 -43.60 -34.94
C PRO F 79 11.54 -44.66 -35.98
N ARG F 80 12.06 -45.79 -35.51
CA ARG F 80 12.44 -46.86 -36.41
C ARG F 80 11.29 -47.47 -37.18
N GLY F 81 11.47 -47.59 -38.50
CA GLY F 81 10.46 -48.16 -39.37
C GLY F 81 9.40 -47.18 -39.79
N VAL F 82 9.60 -45.92 -39.41
CA VAL F 82 8.62 -44.89 -39.71
C VAL F 82 9.07 -43.92 -40.80
N LYS F 83 8.18 -43.67 -41.75
CA LYS F 83 8.45 -42.73 -42.81
C LYS F 83 7.89 -41.38 -42.37
N VAL F 84 8.76 -40.38 -42.28
CA VAL F 84 8.38 -39.05 -41.82
C VAL F 84 8.25 -37.97 -42.89
N HIS F 85 7.10 -37.30 -42.90
CA HIS F 85 6.86 -36.21 -43.84
C HIS F 85 7.00 -34.87 -43.13
N HIS F 86 7.55 -33.89 -43.82
CA HIS F 86 7.71 -32.56 -43.25
C HIS F 86 6.58 -31.66 -43.74
N GLU F 87 6.18 -30.71 -42.89
CA GLU F 87 5.12 -29.75 -43.23
C GLU F 87 5.45 -28.41 -42.58
N ILE F 88 6.02 -27.51 -43.37
CA ILE F 88 6.38 -26.19 -42.85
C ILE F 88 5.09 -25.41 -42.63
N GLU F 89 4.95 -24.82 -41.44
CA GLU F 89 3.73 -24.09 -41.11
C GLU F 89 3.89 -22.85 -40.26
N LEU F 90 2.94 -21.93 -40.41
CA LEU F 90 2.95 -20.71 -39.61
C LEU F 90 2.16 -21.00 -38.33
N ALA F 91 2.76 -20.69 -37.19
CA ALA F 91 2.10 -20.91 -35.91
C ALA F 91 1.67 -19.61 -35.26
N LEU F 92 0.46 -19.60 -34.73
CA LEU F 92 -0.08 -18.44 -34.03
C LEU F 92 -0.05 -18.71 -32.54
N ILE F 93 0.34 -17.73 -31.74
CA ILE F 93 0.32 -17.91 -30.29
C ILE F 93 -0.79 -17.02 -29.75
N VAL F 94 -1.88 -17.64 -29.30
CA VAL F 94 -3.04 -16.91 -28.79
C VAL F 94 -2.77 -16.12 -27.51
N SER F 95 -3.30 -14.91 -27.47
CA SER F 95 -3.08 -14.05 -26.32
C SER F 95 -4.33 -13.76 -25.51
N LYS F 96 -5.45 -14.41 -25.83
CA LYS F 96 -6.67 -14.18 -25.06
C LYS F 96 -7.67 -15.33 -25.18
N HIS F 97 -8.78 -15.21 -24.43
CA HIS F 97 -9.79 -16.24 -24.42
C HIS F 97 -10.74 -16.16 -25.62
N LEU F 98 -10.88 -17.26 -26.34
CA LEU F 98 -11.76 -17.33 -27.50
C LEU F 98 -12.70 -18.50 -27.23
N SER F 99 -13.98 -18.19 -27.02
CA SER F 99 -14.96 -19.23 -26.72
C SER F 99 -16.29 -18.92 -27.39
N ASN F 100 -16.65 -19.74 -28.36
CA ASN F 100 -17.91 -19.59 -29.08
C ASN F 100 -18.04 -18.21 -29.72
N VAL F 101 -16.99 -17.81 -30.44
CA VAL F 101 -17.00 -16.52 -31.14
C VAL F 101 -17.83 -16.69 -32.40
N THR F 102 -18.82 -15.81 -32.61
CA THR F 102 -19.68 -15.88 -33.77
C THR F 102 -18.99 -15.48 -35.07
N LYS F 103 -18.17 -14.43 -35.02
CA LYS F 103 -17.42 -14.03 -36.20
C LYS F 103 -16.20 -13.21 -35.80
N MSE F 104 -15.16 -13.31 -36.62
CA MSE F 104 -13.95 -12.56 -36.36
C MSE F 104 -13.50 -11.98 -37.69
O MSE F 104 -13.62 -12.63 -38.74
CB MSE F 104 -12.84 -13.44 -35.80
CG MSE F 104 -11.67 -12.64 -35.25
SE MSE F 104 -10.19 -13.68 -34.62
CE MSE F 104 -10.93 -14.21 -32.90
N LYS F 105 -13.00 -10.76 -37.66
CA LYS F 105 -12.56 -10.08 -38.86
C LYS F 105 -11.04 -10.06 -38.93
N PRO F 106 -10.49 -9.89 -40.14
CA PRO F 106 -9.04 -9.85 -40.39
C PRO F 106 -8.24 -9.03 -39.38
N GLU F 107 -8.70 -7.81 -39.09
CA GLU F 107 -8.00 -6.93 -38.18
C GLU F 107 -8.00 -7.35 -36.71
N GLU F 108 -8.91 -8.24 -36.33
CA GLU F 108 -8.97 -8.70 -34.94
C GLU F 108 -7.93 -9.76 -34.60
N VAL F 109 -7.30 -10.32 -35.63
CA VAL F 109 -6.29 -11.36 -35.44
C VAL F 109 -5.08 -10.83 -34.66
N TYR F 110 -4.59 -9.67 -35.06
CA TYR F 110 -3.45 -9.03 -34.42
C TYR F 110 -3.72 -8.91 -32.93
N ASP F 111 -4.95 -8.51 -32.60
CA ASP F 111 -5.34 -8.31 -31.22
C ASP F 111 -5.60 -9.60 -30.45
N SER F 112 -5.63 -10.72 -31.16
CA SER F 112 -5.89 -12.00 -30.53
C SER F 112 -4.65 -12.84 -30.31
N ILE F 113 -3.50 -12.37 -30.79
CA ILE F 113 -2.26 -13.13 -30.65
C ILE F 113 -1.13 -12.39 -29.96
N SER F 114 -0.12 -13.13 -29.51
CA SER F 114 1.05 -12.53 -28.87
C SER F 114 2.14 -12.41 -29.93
N GLY F 115 1.98 -13.17 -31.01
CA GLY F 115 2.94 -13.14 -32.09
C GLY F 115 2.83 -14.43 -32.89
N VAL F 116 3.84 -14.73 -33.68
CA VAL F 116 3.82 -15.95 -34.49
C VAL F 116 5.14 -16.69 -34.34
N ALA F 117 5.22 -17.85 -34.95
CA ALA F 117 6.42 -18.67 -34.90
C ALA F 117 6.44 -19.59 -36.10
N LEU F 118 7.60 -20.15 -36.41
CA LEU F 118 7.72 -21.07 -37.53
C LEU F 118 7.82 -22.48 -36.95
N ALA F 119 6.99 -23.39 -37.46
CA ALA F 119 6.98 -24.75 -36.96
C ALA F 119 6.94 -25.80 -38.06
N LEU F 120 7.40 -27.00 -37.74
CA LEU F 120 7.37 -28.11 -38.67
C LEU F 120 6.38 -29.11 -38.10
N ASP F 121 5.30 -29.37 -38.83
CA ASP F 121 4.31 -30.34 -38.37
C ASP F 121 4.69 -31.73 -38.86
N LEU F 122 5.64 -32.36 -38.18
CA LEU F 122 6.09 -33.68 -38.57
C LEU F 122 4.99 -34.72 -38.44
N THR F 123 4.93 -35.63 -39.41
CA THR F 123 3.92 -36.67 -39.43
C THR F 123 4.51 -38.02 -39.79
N ALA F 124 4.15 -39.06 -39.03
CA ALA F 124 4.60 -40.42 -39.33
C ALA F 124 3.63 -40.90 -40.41
N ARG F 125 3.95 -40.57 -41.67
CA ARG F 125 3.11 -40.92 -42.80
C ARG F 125 2.57 -42.34 -42.84
N ASN F 126 3.47 -43.33 -42.85
CA ASN F 126 3.03 -44.72 -42.90
C ASN F 126 2.21 -45.12 -41.67
N VAL F 127 2.48 -44.50 -40.53
CA VAL F 127 1.72 -44.81 -39.33
C VAL F 127 0.33 -44.17 -39.47
N GLN F 128 0.30 -42.98 -40.05
CA GLN F 128 -0.95 -42.27 -40.27
C GLN F 128 -1.82 -43.02 -41.27
N ASP F 129 -1.20 -43.57 -42.31
CA ASP F 129 -1.96 -44.32 -43.33
C ASP F 129 -2.73 -45.45 -42.66
N GLU F 130 -2.07 -46.19 -41.78
CA GLU F 130 -2.72 -47.29 -41.10
C GLU F 130 -3.87 -46.81 -40.22
N ALA F 131 -3.67 -45.65 -39.59
CA ALA F 131 -4.71 -45.10 -38.72
C ALA F 131 -5.95 -44.82 -39.56
N LYS F 132 -5.75 -44.16 -40.70
CA LYS F 132 -6.86 -43.82 -41.58
C LYS F 132 -7.61 -45.05 -42.06
N LYS F 133 -6.89 -46.05 -42.56
CA LYS F 133 -7.56 -47.25 -43.06
C LYS F 133 -8.31 -47.96 -41.95
N LYS F 134 -7.74 -48.00 -40.76
CA LYS F 134 -8.40 -48.63 -39.62
C LYS F 134 -9.39 -47.69 -38.93
N GLY F 135 -9.40 -46.43 -39.36
CA GLY F 135 -10.29 -45.46 -38.76
C GLY F 135 -9.92 -45.22 -37.30
N LEU F 136 -8.62 -45.19 -37.02
CA LEU F 136 -8.10 -45.00 -35.68
C LEU F 136 -7.53 -43.59 -35.42
N PRO F 137 -7.18 -43.28 -34.16
CA PRO F 137 -6.63 -41.98 -33.78
C PRO F 137 -5.28 -41.63 -34.42
N TRP F 138 -5.10 -40.36 -34.75
CA TRP F 138 -3.88 -39.88 -35.39
C TRP F 138 -2.80 -39.46 -34.39
N THR F 139 -3.16 -39.39 -33.12
CA THR F 139 -2.23 -38.95 -32.08
C THR F 139 -0.79 -39.41 -32.23
N ILE F 140 -0.56 -40.72 -32.21
CA ILE F 140 0.82 -41.24 -32.32
C ILE F 140 1.52 -40.77 -33.60
N SER F 141 0.87 -40.89 -34.73
CA SER F 141 1.48 -40.48 -36.00
C SER F 141 1.81 -38.99 -36.02
N LYS F 142 1.14 -38.23 -35.17
CA LYS F 142 1.36 -36.79 -35.09
C LYS F 142 2.06 -36.35 -33.82
N GLY F 143 2.29 -37.27 -32.89
CA GLY F 143 2.88 -36.89 -31.62
C GLY F 143 4.13 -37.51 -31.07
N PHE F 144 4.93 -38.17 -31.91
CA PHE F 144 6.19 -38.76 -31.46
C PHE F 144 7.06 -37.63 -30.93
N ASP F 145 7.95 -37.92 -29.98
CA ASP F 145 8.82 -36.87 -29.44
C ASP F 145 9.51 -36.19 -30.63
N THR F 146 9.73 -34.89 -30.50
CA THR F 146 10.37 -34.05 -31.52
C THR F 146 9.57 -33.92 -32.82
N PHE F 147 8.28 -34.22 -32.80
CA PHE F 147 7.52 -34.10 -34.04
C PHE F 147 6.96 -32.72 -34.29
N MSE F 148 7.38 -31.75 -33.48
CA MSE F 148 7.01 -30.36 -33.74
C MSE F 148 8.21 -29.47 -33.49
O MSE F 148 8.33 -28.86 -32.42
CB MSE F 148 5.82 -29.83 -32.92
CG MSE F 148 5.59 -28.35 -33.31
SE MSE F 148 4.06 -27.33 -32.70
CE MSE F 148 4.77 -26.68 -31.02
N PRO F 149 9.14 -29.42 -34.45
CA PRO F 149 10.33 -28.57 -34.32
C PRO F 149 9.76 -27.15 -34.39
N ILE F 150 10.19 -26.26 -33.51
CA ILE F 150 9.66 -24.91 -33.54
C ILE F 150 10.67 -23.84 -33.18
N SER F 151 10.46 -22.65 -33.73
CA SER F 151 11.35 -21.52 -33.52
C SER F 151 11.01 -20.68 -32.30
N ALA F 152 11.73 -19.57 -32.18
CA ALA F 152 11.52 -18.63 -31.11
C ALA F 152 10.32 -17.80 -31.56
N ILE F 153 9.65 -17.14 -30.61
CA ILE F 153 8.49 -16.34 -30.94
C ILE F 153 8.89 -15.06 -31.67
N VAL F 154 8.08 -14.65 -32.63
CA VAL F 154 8.34 -13.41 -33.35
C VAL F 154 7.36 -12.41 -32.73
N SER F 155 7.87 -11.44 -31.98
CA SER F 155 7.00 -10.44 -31.37
C SER F 155 6.16 -9.78 -32.46
N ARG F 156 4.90 -9.49 -32.16
CA ARG F 156 4.08 -8.85 -33.19
C ARG F 156 4.67 -7.46 -33.46
N GLU F 157 5.63 -7.08 -32.63
CA GLU F 157 6.32 -5.80 -32.77
C GLU F 157 6.97 -5.74 -34.16
N LYS F 158 7.23 -6.90 -34.76
CA LYS F 158 7.85 -6.95 -36.09
C LYS F 158 6.90 -6.74 -37.26
N PHE F 159 5.61 -6.90 -37.02
CA PHE F 159 4.62 -6.72 -38.06
C PHE F 159 3.50 -5.82 -37.56
N SER F 160 3.89 -4.93 -36.66
CA SER F 160 2.98 -3.99 -36.03
C SER F 160 2.22 -3.11 -37.01
N SER F 161 2.90 -2.67 -38.05
CA SER F 161 2.28 -1.80 -39.04
C SER F 161 1.25 -2.51 -39.91
N TYR F 162 1.06 -3.81 -39.70
CA TYR F 162 0.09 -4.55 -40.50
C TYR F 162 -1.11 -5.05 -39.70
N LYS F 163 -1.35 -4.45 -38.54
CA LYS F 163 -2.46 -4.82 -37.66
C LYS F 163 -3.78 -5.02 -38.40
N SER F 164 -4.00 -4.24 -39.46
CA SER F 164 -5.23 -4.31 -40.23
C SER F 164 -5.52 -5.65 -40.87
N ASN F 165 -4.47 -6.37 -41.24
CA ASN F 165 -4.64 -7.67 -41.91
C ASN F 165 -3.30 -8.35 -42.13
N LEU F 166 -3.10 -9.46 -41.42
CA LEU F 166 -1.84 -10.19 -41.50
C LEU F 166 -1.90 -11.36 -42.47
N GLN F 167 -3.05 -11.55 -43.09
CA GLN F 167 -3.25 -12.67 -43.98
C GLN F 167 -2.30 -12.84 -45.15
N ASP F 168 -1.81 -11.74 -45.72
CA ASP F 168 -0.95 -11.86 -46.89
C ASP F 168 0.51 -11.43 -46.72
N ILE F 169 0.97 -11.26 -45.49
CA ILE F 169 2.35 -10.82 -45.30
C ILE F 169 3.37 -11.91 -45.01
N PHE F 170 2.92 -13.14 -44.79
CA PHE F 170 3.85 -14.21 -44.48
C PHE F 170 4.10 -15.25 -45.58
N ARG F 171 5.35 -15.69 -45.65
CA ARG F 171 5.77 -16.69 -46.61
C ARG F 171 6.51 -17.78 -45.85
N VAL F 172 6.26 -19.04 -46.18
CA VAL F 172 6.89 -20.14 -45.47
C VAL F 172 7.62 -21.10 -46.41
N LYS F 173 8.87 -21.40 -46.11
CA LYS F 173 9.62 -22.31 -46.97
C LYS F 173 10.49 -23.28 -46.19
N CYS F 174 10.60 -24.50 -46.71
CA CYS F 174 11.38 -25.57 -46.10
C CYS F 174 12.28 -26.24 -47.13
N SER F 175 13.51 -26.57 -46.72
CA SER F 175 14.46 -27.23 -47.62
C SER F 175 15.08 -28.44 -46.91
N VAL F 176 15.40 -29.45 -47.70
CA VAL F 176 16.00 -30.69 -47.23
C VAL F 176 17.30 -30.92 -48.01
N ASN F 177 18.42 -30.92 -47.29
CA ASN F 177 19.73 -31.12 -47.91
C ASN F 177 20.00 -30.14 -49.05
N GLY F 178 19.57 -28.89 -48.88
CA GLY F 178 19.80 -27.88 -49.90
C GLY F 178 18.79 -27.77 -51.03
N GLN F 179 17.76 -28.61 -51.03
CA GLN F 179 16.75 -28.55 -52.06
C GLN F 179 15.45 -27.94 -51.52
N LEU F 180 15.04 -26.82 -52.12
CA LEU F 180 13.81 -26.16 -51.70
C LEU F 180 12.67 -27.10 -52.05
N ARG F 181 11.78 -27.35 -51.10
CA ARG F 181 10.65 -28.26 -51.33
C ARG F 181 9.30 -27.60 -51.13
N GLN F 182 9.21 -26.68 -50.17
CA GLN F 182 7.97 -25.98 -49.92
C GLN F 182 8.26 -24.49 -49.94
N ASP F 183 7.37 -23.73 -50.57
CA ASP F 183 7.54 -22.28 -50.65
C ASP F 183 6.17 -21.69 -50.96
N GLY F 184 5.45 -21.28 -49.92
CA GLY F 184 4.13 -20.72 -50.13
C GLY F 184 3.75 -19.55 -49.26
N GLY F 185 3.00 -18.61 -49.84
CA GLY F 185 2.56 -17.44 -49.09
C GLY F 185 1.23 -17.75 -48.41
N THR F 186 0.97 -17.09 -47.27
CA THR F 186 -0.26 -17.32 -46.55
C THR F 186 -1.51 -16.85 -47.29
N ASN F 187 -1.31 -16.08 -48.36
CA ASN F 187 -2.46 -15.61 -49.15
C ASN F 187 -3.13 -16.82 -49.81
N LEU F 188 -2.43 -17.95 -49.84
CA LEU F 188 -2.95 -19.18 -50.44
C LEU F 188 -3.83 -19.96 -49.48
N MSE F 189 -3.96 -19.46 -48.25
CA MSE F 189 -4.75 -20.14 -47.24
C MSE F 189 -6.24 -20.24 -47.58
O MSE F 189 -6.89 -19.23 -47.86
CB MSE F 189 -4.58 -19.41 -45.90
CG MSE F 189 -4.51 -20.34 -44.72
SE MSE F 189 -4.05 -19.41 -43.10
CE MSE F 189 -2.15 -19.60 -43.19
N LEU F 190 -6.76 -21.46 -47.55
CA LEU F 190 -8.16 -21.71 -47.85
C LEU F 190 -9.03 -21.07 -46.76
N HIS F 191 -8.68 -21.33 -45.50
CA HIS F 191 -9.40 -20.74 -44.37
C HIS F 191 -8.44 -19.76 -43.69
N PRO F 192 -8.70 -18.45 -43.83
CA PRO F 192 -7.88 -17.39 -43.24
C PRO F 192 -7.80 -17.38 -41.72
N LEU F 193 -6.71 -16.80 -41.22
CA LEU F 193 -6.43 -16.70 -39.80
C LEU F 193 -7.63 -16.41 -38.91
N HIS F 194 -8.41 -15.36 -39.21
CA HIS F 194 -9.56 -15.06 -38.39
C HIS F 194 -10.60 -16.19 -38.38
N LYS F 195 -10.77 -16.88 -39.51
CA LYS F 195 -11.74 -17.98 -39.57
C LYS F 195 -11.29 -19.21 -38.78
N ILE F 196 -9.99 -19.48 -38.75
CA ILE F 196 -9.46 -20.62 -38.00
C ILE F 196 -9.74 -20.40 -36.52
N LEU F 197 -9.24 -19.28 -36.00
CA LEU F 197 -9.44 -18.92 -34.61
C LEU F 197 -10.93 -18.96 -34.27
N GLN F 198 -11.73 -18.25 -35.05
CA GLN F 198 -13.17 -18.20 -34.84
C GLN F 198 -13.84 -19.57 -34.80
N HIS F 199 -13.72 -20.33 -35.88
CA HIS F 199 -14.34 -21.65 -35.96
C HIS F 199 -13.93 -22.60 -34.82
N ILE F 200 -12.63 -22.73 -34.56
CA ILE F 200 -12.18 -23.61 -33.50
C ILE F 200 -12.85 -23.30 -32.16
N SER F 201 -12.96 -22.01 -31.84
CA SER F 201 -13.56 -21.56 -30.58
C SER F 201 -14.98 -22.02 -30.31
N THR F 202 -15.68 -22.49 -31.34
CA THR F 202 -17.06 -22.95 -31.18
C THR F 202 -17.09 -24.41 -30.70
N MSE F 203 -15.93 -25.04 -30.71
CA MSE F 203 -15.81 -26.44 -30.28
C MSE F 203 -14.86 -26.62 -29.11
O MSE F 203 -15.21 -27.18 -28.08
CB MSE F 203 -15.36 -27.28 -31.48
CG MSE F 203 -16.49 -27.58 -32.48
SE MSE F 203 -15.89 -27.72 -34.32
CE MSE F 203 -15.42 -29.52 -34.46
N ILE F 204 -13.63 -26.13 -29.29
CA ILE F 204 -12.61 -26.21 -28.27
C ILE F 204 -12.19 -24.77 -28.02
N SER F 205 -12.57 -24.23 -26.88
CA SER F 205 -12.24 -22.86 -26.54
C SER F 205 -10.73 -22.67 -26.49
N LEU F 206 -10.29 -21.47 -26.82
CA LEU F 206 -8.87 -21.13 -26.82
C LEU F 206 -8.54 -20.24 -25.62
N GLU F 207 -7.35 -20.40 -25.07
CA GLU F 207 -6.94 -19.58 -23.94
C GLU F 207 -5.51 -19.06 -24.18
N PRO F 208 -5.11 -18.00 -23.47
CA PRO F 208 -3.77 -17.43 -23.65
C PRO F 208 -2.64 -18.47 -23.64
N GLY F 209 -1.82 -18.42 -24.68
CA GLY F 209 -0.69 -19.34 -24.78
C GLY F 209 -0.84 -20.45 -25.81
N ASP F 210 -2.07 -20.81 -26.13
CA ASP F 210 -2.31 -21.88 -27.09
C ASP F 210 -1.57 -21.67 -28.41
N ILE F 211 -0.97 -22.74 -28.92
CA ILE F 211 -0.24 -22.70 -30.18
C ILE F 211 -1.17 -23.28 -31.25
N ILE F 212 -1.29 -22.57 -32.37
CA ILE F 212 -2.17 -22.99 -33.45
C ILE F 212 -1.43 -23.07 -34.78
N LEU F 213 -1.35 -24.28 -35.35
CA LEU F 213 -0.69 -24.48 -36.63
C LEU F 213 -1.72 -24.28 -37.73
N THR F 214 -1.44 -23.33 -38.61
CA THR F 214 -2.36 -22.94 -39.66
C THR F 214 -2.26 -23.59 -41.04
N GLY F 215 -1.82 -24.84 -41.10
CA GLY F 215 -1.74 -25.51 -42.38
C GLY F 215 -0.40 -25.41 -43.09
N THR F 216 -0.19 -26.28 -44.07
CA THR F 216 1.06 -26.33 -44.81
C THR F 216 0.87 -26.26 -46.33
N PRO F 217 1.68 -25.42 -47.01
CA PRO F 217 1.57 -25.30 -48.46
C PRO F 217 1.95 -26.61 -49.14
N ALA F 218 1.97 -26.61 -50.47
CA ALA F 218 2.30 -27.81 -51.23
C ALA F 218 3.79 -28.15 -51.20
N GLY F 219 4.12 -29.41 -51.48
CA GLY F 219 5.50 -29.84 -51.50
C GLY F 219 5.93 -30.68 -50.31
N VAL F 220 4.99 -31.40 -49.70
CA VAL F 220 5.33 -32.23 -48.55
C VAL F 220 6.20 -33.40 -48.95
N GLY F 221 7.44 -33.40 -48.47
CA GLY F 221 8.35 -34.48 -48.81
C GLY F 221 8.74 -35.30 -47.58
N GLU F 222 9.56 -36.33 -47.81
CA GLU F 222 10.02 -37.20 -46.75
C GLU F 222 11.30 -36.70 -46.11
N LEU F 223 11.53 -37.13 -44.87
CA LEU F 223 12.74 -36.83 -44.12
C LEU F 223 13.31 -38.18 -43.75
N LYS F 224 14.63 -38.33 -43.91
CA LYS F 224 15.32 -39.58 -43.61
C LYS F 224 16.46 -39.27 -42.66
N PRO F 225 16.92 -40.26 -41.89
CA PRO F 225 18.02 -40.00 -40.97
C PRO F 225 19.23 -39.42 -41.72
N GLY F 226 19.83 -38.39 -41.14
CA GLY F 226 20.97 -37.75 -41.77
C GLY F 226 20.58 -36.48 -42.51
N ASP F 227 19.32 -36.35 -42.90
CA ASP F 227 18.90 -35.14 -43.62
C ASP F 227 19.00 -33.89 -42.77
N ARG F 228 19.49 -32.81 -43.38
CA ARG F 228 19.58 -31.55 -42.68
C ARG F 228 18.40 -30.72 -43.15
N VAL F 229 17.58 -30.27 -42.20
CA VAL F 229 16.40 -29.49 -42.55
C VAL F 229 16.63 -28.00 -42.29
N HIS F 230 16.30 -27.19 -43.28
CA HIS F 230 16.46 -25.73 -43.16
C HIS F 230 15.14 -25.07 -43.51
N CYS F 231 14.56 -24.36 -42.55
CA CYS F 231 13.28 -23.71 -42.76
C CYS F 231 13.32 -22.22 -42.53
N GLU F 232 12.49 -21.49 -43.28
CA GLU F 232 12.44 -20.04 -43.17
C GLU F 232 11.01 -19.53 -43.04
N LEU F 233 10.90 -18.31 -42.54
CA LEU F 233 9.62 -17.63 -42.37
C LEU F 233 9.89 -16.19 -42.78
N LEU F 234 9.16 -15.73 -43.79
CA LEU F 234 9.34 -14.37 -44.25
C LEU F 234 8.12 -13.49 -44.05
N GLN F 235 8.40 -12.20 -43.88
CA GLN F 235 7.39 -11.17 -43.71
C GLN F 235 7.67 -10.18 -44.82
N ASN F 236 6.78 -10.12 -45.81
CA ASN F 236 6.96 -9.23 -46.94
C ASN F 236 8.27 -9.64 -47.60
N ASN F 237 8.45 -10.96 -47.67
CA ASN F 237 9.61 -11.61 -48.27
C ASN F 237 10.97 -11.24 -47.66
N ASP F 238 10.99 -10.85 -46.39
CA ASP F 238 12.23 -10.56 -45.67
C ASP F 238 12.27 -11.59 -44.53
N ASN F 239 13.29 -12.44 -44.55
CA ASN F 239 13.44 -13.49 -43.55
C ASN F 239 13.38 -12.97 -42.12
N ILE F 240 12.44 -13.50 -41.34
CA ILE F 240 12.29 -13.10 -39.95
C ILE F 240 12.54 -14.27 -39.00
N VAL F 241 12.76 -15.45 -39.58
CA VAL F 241 13.03 -16.68 -38.83
C VAL F 241 13.82 -17.63 -39.72
N ASP F 242 15.00 -18.04 -39.25
CA ASP F 242 15.85 -18.94 -40.02
C ASP F 242 16.34 -20.06 -39.12
N MSE F 243 15.81 -21.27 -39.29
CA MSE F 243 16.22 -22.38 -38.44
C MSE F 243 16.63 -23.65 -39.18
O MSE F 243 16.30 -23.86 -40.37
CB MSE F 243 15.12 -22.69 -37.43
CG MSE F 243 13.83 -23.19 -38.06
SE MSE F 243 12.37 -23.21 -36.78
CE MSE F 243 11.25 -24.54 -37.61
N ASN F 244 17.35 -24.52 -38.47
CA ASN F 244 17.84 -25.77 -39.02
C ASN F 244 17.70 -26.91 -38.00
N PHE F 245 17.51 -28.11 -38.50
CA PHE F 245 17.41 -29.28 -37.63
C PHE F 245 18.09 -30.41 -38.36
N GLU F 246 18.62 -31.35 -37.59
CA GLU F 246 19.28 -32.53 -38.16
C GLU F 246 18.37 -33.69 -37.81
N CYS F 247 18.38 -34.72 -38.64
CA CYS F 247 17.55 -35.88 -38.38
C CYS F 247 18.42 -37.04 -37.91
N GLU F 248 17.97 -37.70 -36.85
CA GLU F 248 18.67 -38.83 -36.27
C GLU F 248 17.70 -39.96 -36.03
N ASN F 249 18.21 -41.18 -35.86
CA ASN F 249 17.35 -42.33 -35.60
C ASN F 249 16.95 -42.25 -34.14
N ARG F 250 15.75 -42.74 -33.82
CA ARG F 250 15.30 -42.71 -32.44
C ARG F 250 15.64 -43.99 -31.72
N PRO F 251 16.29 -43.88 -30.55
CA PRO F 251 16.67 -45.04 -29.77
C PRO F 251 15.43 -45.60 -29.08
N GLY F 252 15.60 -46.60 -28.22
CA GLY F 252 14.46 -47.17 -27.54
C GLY F 252 13.98 -48.45 -28.20
N PRO F 253 12.95 -49.10 -27.63
CA PRO F 253 12.40 -50.34 -28.17
C PRO F 253 11.47 -50.19 -29.37
N TYR F 254 10.80 -49.05 -29.45
CA TYR F 254 9.84 -48.83 -30.53
C TYR F 254 10.42 -49.05 -31.92
N GLU F 255 9.60 -49.67 -32.75
CA GLU F 255 9.95 -49.91 -34.13
C GLU F 255 8.61 -49.99 -34.86
N PHE F 256 8.20 -49.04 -35.68
CA PHE F 256 6.93 -49.24 -36.40
C PHE F 256 7.06 -50.34 -37.41
N ARG F 257 6.47 -51.51 -37.20
CA ARG F 257 6.62 -52.60 -38.18
C ARG F 257 5.20 -53.43 -38.26
N GLU F 258 4.39 -52.98 -39.25
CA GLU F 258 3.08 -53.42 -39.74
C GLU F 258 2.39 -52.18 -40.33
CA CA G . -2.62 -5.58 10.50
S SO4 H . -5.99 18.05 15.96
O1 SO4 H . -7.41 17.63 15.96
O2 SO4 H . -5.15 16.94 16.44
O3 SO4 H . -5.59 18.41 14.58
O4 SO4 H . -5.80 19.20 16.86
S SO4 I . -18.69 -17.36 20.18
O1 SO4 I . -19.00 -17.11 18.76
O2 SO4 I . -19.96 -17.56 20.89
O3 SO4 I . -17.86 -18.57 20.30
O4 SO4 I . -17.97 -16.22 20.76
C ACY J . -9.56 -3.10 8.09
O ACY J . -10.50 -2.63 8.88
OXT ACY J . -9.72 -3.77 7.02
CH3 ACY J . -8.16 -2.77 8.56
C ACY K . -5.30 -6.32 10.04
O ACY K . -5.32 -5.25 9.29
OXT ACY K . -4.28 -6.93 10.49
CH3 ACY K . -6.68 -6.84 10.39
S SO4 L . -1.74 0.25 -0.48
O1 SO4 L . -3.20 0.35 -0.67
O2 SO4 L . -1.46 -0.70 0.60
O3 SO4 L . -1.11 -0.21 -1.72
O4 SO4 L . -1.22 1.59 -0.15
CA CA M . 2.12 5.69 -11.46
S SO4 N . -5.27 -16.43 -18.20
O1 SO4 N . -6.51 -15.77 -18.62
O2 SO4 N . -4.16 -15.45 -18.23
O3 SO4 N . -5.43 -16.93 -16.82
O4 SO4 N . -4.94 -17.55 -19.11
S SO4 O . -6.31 20.73 -24.53
O1 SO4 O . -7.57 21.24 -23.97
O2 SO4 O . -5.19 21.20 -23.68
O3 SO4 O . -6.33 19.26 -24.58
O4 SO4 O . -6.13 21.23 -25.91
C ACY P . -5.73 5.40 -10.96
O ACY P . -5.52 6.68 -10.84
OXT ACY P . -6.60 4.70 -10.34
CH3 ACY P . -4.81 4.72 -11.95
C ACY Q . -0.50 6.90 -11.36
O ACY Q . 0.63 7.35 -11.83
OXT ACY Q . -0.67 5.93 -10.52
CH3 ACY Q . -1.72 7.63 -11.91
CA CA R . -6.34 46.68 20.39
S SO4 S . -5.60 39.34 31.13
O1 SO4 S . -6.31 40.30 32.00
O2 SO4 S . -4.46 40.04 30.48
O3 SO4 S . -5.05 38.23 31.91
O4 SO4 S . -6.53 38.83 30.13
C ACY T . -9.72 49.87 26.30
O ACY T . -9.92 50.94 25.56
OXT ACY T . -9.64 49.82 27.58
CH3 ACY T . -9.59 48.59 25.47
C ACY U . -6.62 48.84 22.29
O ACY U . -7.08 47.97 23.15
OXT ACY U . -5.99 48.61 21.20
CH3 ACY U . -6.88 50.29 22.68
CA CA V . -3.79 30.36 39.91
C ACY W . -6.28 36.52 42.94
O ACY W . -7.22 35.67 43.23
OXT ACY W . -6.24 37.76 43.23
CH3 ACY W . -5.12 35.90 42.17
C ACY X . -5.65 31.87 41.63
O ACY X . -5.47 30.58 41.54
OXT ACY X . -5.33 32.78 40.78
CH3 ACY X . -6.31 32.28 42.95
CA CA Y . -12.04 -43.85 -23.08
S SO4 Z . -6.60 -37.80 -33.00
O1 SO4 Z . -7.33 -38.71 -33.90
O2 SO4 Z . -5.68 -38.60 -32.15
O3 SO4 Z . -5.82 -36.83 -33.77
O4 SO4 Z . -7.55 -37.08 -32.15
C ACY AA . -14.17 -46.56 -29.71
O ACY AA . -14.89 -47.44 -29.07
OXT ACY AA . -13.68 -46.66 -30.89
CH3 ACY AA . -13.93 -45.27 -28.92
C ACY BA . -11.88 -46.15 -24.89
O ACY BA . -11.77 -45.26 -25.84
OXT ACY BA . -11.58 -46.00 -23.65
CH3 ACY BA . -12.43 -47.47 -25.36
CA CA CA . -0.15 -29.80 -40.84
C ACY DA . -4.03 -35.62 -45.08
O ACY DA . -4.58 -34.45 -45.33
OXT ACY DA . -4.62 -36.69 -44.72
CH3 ACY DA . -2.52 -35.63 -45.27
C ACY EA . -2.07 -30.91 -42.65
O ACY EA . -1.83 -29.64 -42.54
OXT ACY EA . -1.97 -31.81 -41.73
CH3 ACY EA . -2.50 -31.33 -44.05
#